data_2YAJ
#
_entry.id   2YAJ
#
_cell.length_a   133.049
_cell.length_b   228.588
_cell.length_c   148.226
_cell.angle_alpha   90.00
_cell.angle_beta   90.00
_cell.angle_gamma   90.00
#
_symmetry.space_group_name_H-M   'C 2 2 21'
#
loop_
_entity.id
_entity.type
_entity.pdbx_description
1 polymer '4-HYDROXYPHENYLACETATE DECARBOXYLASE LARGE SUBUNIT'
2 polymer '4-HYDROXYPHENYLACETATE DECARBOXYLASE SMALL SUBUNIT'
3 non-polymer 4-HYDROXYPHENYLACETATE
4 non-polymer 'IRON/SULFUR CLUSTER'
5 water water
#
loop_
_entity_poly.entity_id
_entity_poly.type
_entity_poly.pdbx_seq_one_letter_code
_entity_poly.pdbx_strand_id
1 'polypeptide(L)'
;MNVKETKLEDVLKSRGIDMKDAYNISEADIPEAKESTQKLMDIYYTLKVTADMEAAYWYNRTWWENDGEVIEVRRAKAVA
ASLSHMTPTILPYEKLVMNKTKNVRGAFPFPWVCASFFNAQAEALMNEVDAPAENEADSVSVVGAGGGNVTESYGNVISI
AKKFGMRKEEIPVLVKTSKPWEGISVEELSNKYSKMTPGYDQFKNIMESVICMFDSFAIPQGREVINYYMPLQYGFDGII
KLCDEKIAEVMGEAGDDGDFGMSRGYYYAAMKEITKGLSAWCENYSKRAKYLASIETDSEIKANYEKIEEVMGNIAHKKP
ANFWEAIQMTLCCHFGVVNEDPQSGLSIGRLGQVLQPFYEKDVEDGIMTDEEVIELLELYRIKITCIECFASAGVSGGVL
SGNTFNNLSLGGQNYDGLSAVTPLEYLIVEAGMRNQTPQPTLSVLYDEKTPEDFLMKAASCTKLGLGYPAWMNNQTGMNF
MMRNYGPEGMDLHDARAWCLGGCLESAPGCFLPLEYNGKVTMIPGGASPTCGTGVHFIGMPKVLELVLTNGLDKRTGKQV
YPPHNKKLDSYETMVNQWKEYMELTTDVVNRCNNIQMDIWRKYNMPAVNSLLKPDCFKKGKHIGTMGARYNSCINFESCG
TITFVNSLSSIKKNVFDDSKFTIEEMTDAMLNNFGFKTAYETEVFSPDFRESTDKSTKYEKIFAACVNAPKYGNADKYAD
EIFKAYHYYIYDMTHKFRSYYGKPLYLCQISVSTHGPQGFVTLATADGRLAGTTYSDGSVSAAAGTDKNGIYAIFESATV
YDHSMHQNAQMNLKLHPTAVKGINGTRKLLDLVRAYMRKGGFHVQFNVVDSKTLRDAQLTPEKYRELMVRVAGFTQYWCE
IGKPIQDEVIYRTEYDK
;
A,C
2 'polypeptide(L)'
;MRHYDCKNYINLDCEKGLCALTKGMVPIDGEGSEACPNFKPAEKCGNCKNFCNPDKYGLGTCTGLEKENWAYATCGASAC
PSYKAE
;
B,D
#
# COMPACT_ATOMS: atom_id res chain seq x y z
N ASP A 29 37.76 38.26 25.47
CA ASP A 29 36.34 38.57 25.57
C ASP A 29 35.59 38.09 24.32
N ILE A 30 34.27 37.99 24.44
CA ILE A 30 33.45 37.55 23.33
C ILE A 30 32.92 38.74 22.55
N PRO A 31 33.26 38.82 21.27
CA PRO A 31 32.71 39.90 20.43
C PRO A 31 31.17 40.00 20.48
N GLU A 32 30.64 41.22 20.41
CA GLU A 32 29.19 41.47 20.33
C GLU A 32 28.59 40.76 19.13
N ALA A 33 27.30 40.43 19.23
CA ALA A 33 26.61 39.75 18.16
C ALA A 33 26.48 40.77 17.06
N LYS A 34 26.24 40.34 15.81
CA LYS A 34 26.10 41.31 14.71
C LYS A 34 24.84 42.13 14.92
N GLU A 35 24.73 43.28 14.26
CA GLU A 35 23.59 44.17 14.42
C GLU A 35 22.29 43.46 14.04
N SER A 36 22.33 42.78 12.88
CA SER A 36 21.18 42.02 12.41
C SER A 36 20.74 41.00 13.48
N THR A 37 21.71 40.22 13.97
CA THR A 37 21.46 39.25 15.03
C THR A 37 20.80 39.90 16.25
N GLN A 38 21.29 41.07 16.65
CA GLN A 38 20.74 41.76 17.81
C GLN A 38 19.31 42.22 17.60
N LYS A 39 19.02 42.83 16.45
CA LYS A 39 17.66 43.30 16.16
C LYS A 39 16.66 42.14 16.08
N LEU A 40 17.10 41.01 15.57
CA LEU A 40 16.21 39.88 15.35
C LEU A 40 15.94 39.16 16.66
N MET A 41 16.92 39.13 17.56
CA MET A 41 16.68 38.59 18.88
C MET A 41 15.77 39.54 19.70
N ASP A 42 15.94 40.85 19.55
CA ASP A 42 15.06 41.75 20.28
C ASP A 42 13.64 41.37 19.87
N ILE A 43 13.42 41.14 18.59
CA ILE A 43 12.10 40.71 18.14
C ILE A 43 11.78 39.31 18.68
N TYR A 44 12.78 38.44 18.64
CA TYR A 44 12.55 37.05 19.03
C TYR A 44 11.95 36.93 20.45
N TYR A 45 12.53 37.62 21.43
CA TYR A 45 12.07 37.45 22.81
C TYR A 45 10.60 37.87 23.02
N THR A 46 10.03 38.66 22.09
CA THR A 46 8.62 39.05 22.25
C THR A 46 7.61 38.08 21.61
N LEU A 47 8.10 37.13 20.82
CA LEU A 47 7.23 36.27 20.00
C LEU A 47 6.44 35.25 20.82
N LYS A 48 5.27 34.87 20.33
CA LYS A 48 4.46 33.84 20.96
C LYS A 48 4.45 32.65 20.04
N VAL A 49 4.70 31.48 20.62
CA VAL A 49 4.56 30.18 19.96
C VAL A 49 3.15 30.09 19.38
N THR A 50 3.03 29.91 18.07
CA THR A 50 1.74 30.05 17.39
C THR A 50 1.42 28.86 16.46
N ALA A 51 0.30 28.15 16.71
CA ALA A 51 -0.17 27.19 15.72
C ALA A 51 -1.13 27.87 14.77
N ASP A 52 -0.92 27.66 13.48
CA ASP A 52 -1.88 28.07 12.46
C ASP A 52 -2.17 26.89 11.52
N MET A 53 -2.96 27.16 10.48
CA MET A 53 -3.62 26.07 9.72
C MET A 53 -3.20 25.93 8.27
N GLU A 54 -2.42 26.87 7.73
CA GLU A 54 -2.14 26.86 6.29
C GLU A 54 -1.60 25.52 5.82
N ALA A 55 -0.45 25.11 6.35
CA ALA A 55 0.15 23.84 5.91
C ALA A 55 -0.91 22.78 6.04
N ALA A 56 -1.60 22.73 7.19
CA ALA A 56 -2.53 21.62 7.44
C ALA A 56 -3.66 21.65 6.42
N TYR A 57 -4.21 22.85 6.15
CA TYR A 57 -5.33 22.97 5.27
C TYR A 57 -4.96 22.46 3.89
N TRP A 58 -3.81 22.92 3.41
CA TRP A 58 -3.32 22.53 2.09
C TRP A 58 -2.93 21.06 2.02
N TYR A 59 -2.37 20.53 3.10
CA TYR A 59 -2.04 19.09 3.02
C TYR A 59 -3.34 18.29 2.87
N ASN A 60 -4.31 18.62 3.69
CA ASN A 60 -5.55 17.85 3.70
C ASN A 60 -6.30 17.97 2.38
N ARG A 61 -6.30 19.17 1.83
CA ARG A 61 -7.04 19.38 0.60
C ARG A 61 -6.42 18.55 -0.54
N THR A 62 -5.12 18.72 -0.69
CA THR A 62 -4.39 17.98 -1.74
C THR A 62 -4.48 16.47 -1.53
N TRP A 63 -4.40 16.05 -0.28
CA TRP A 63 -4.59 14.63 0.02
C TRP A 63 -5.88 14.04 -0.55
N TRP A 64 -7.02 14.62 -0.20
CA TRP A 64 -8.31 14.07 -0.62
C TRP A 64 -8.62 14.31 -2.10
N GLU A 65 -8.30 15.50 -2.59
CA GLU A 65 -8.34 15.76 -4.02
C GLU A 65 -7.58 14.72 -4.83
N ASN A 66 -6.53 14.10 -4.25
CA ASN A 66 -5.86 12.97 -4.92
C ASN A 66 -6.28 11.58 -4.40
N ASP A 67 -7.50 11.44 -3.91
CA ASP A 67 -7.92 10.15 -3.35
C ASP A 67 -7.99 9.13 -4.47
N GLY A 68 -7.18 8.05 -4.37
CA GLY A 68 -7.08 7.01 -5.40
C GLY A 68 -5.67 6.98 -6.02
N GLU A 69 -4.86 8.03 -5.79
CA GLU A 69 -3.55 8.13 -6.42
C GLU A 69 -2.69 7.07 -5.72
N VAL A 70 -1.68 6.56 -6.40
CA VAL A 70 -0.70 5.67 -5.71
C VAL A 70 -0.16 6.39 -4.47
N ILE A 71 -0.03 5.67 -3.37
CA ILE A 71 0.17 6.35 -2.10
C ILE A 71 1.41 7.22 -2.08
N GLU A 72 2.57 6.71 -2.56
CA GLU A 72 3.79 7.51 -2.55
C GLU A 72 3.56 8.89 -3.23
N VAL A 73 2.94 8.89 -4.39
CA VAL A 73 2.78 10.12 -5.16
C VAL A 73 1.72 11.02 -4.47
N ARG A 74 0.67 10.41 -3.92
CA ARG A 74 -0.41 11.12 -3.22
C ARG A 74 0.17 11.87 -1.99
N ARG A 75 1.05 11.14 -1.27
CA ARG A 75 1.77 11.67 -0.11
C ARG A 75 2.68 12.83 -0.50
N ALA A 76 3.55 12.58 -1.47
CA ALA A 76 4.49 13.56 -1.97
C ALA A 76 3.75 14.81 -2.40
N LYS A 77 2.66 14.60 -3.11
CA LYS A 77 1.94 15.75 -3.67
C LYS A 77 1.40 16.55 -2.55
N ALA A 78 0.86 15.87 -1.54
CA ALA A 78 0.20 16.62 -0.48
C ALA A 78 1.23 17.38 0.38
N VAL A 79 2.34 16.72 0.74
CA VAL A 79 3.44 17.44 1.43
C VAL A 79 3.88 18.67 0.60
N ALA A 80 4.04 18.46 -0.71
CA ALA A 80 4.53 19.48 -1.65
C ALA A 80 3.59 20.65 -1.53
N ALA A 81 2.31 20.34 -1.61
CA ALA A 81 1.30 21.39 -1.61
C ALA A 81 1.35 22.15 -0.26
N SER A 82 1.47 21.40 0.82
CA SER A 82 1.53 21.98 2.16
C SER A 82 2.72 22.92 2.33
N LEU A 83 3.78 22.73 1.57
CA LEU A 83 4.89 23.63 1.69
C LEU A 83 4.69 24.78 0.75
N SER A 84 4.43 24.46 -0.51
CA SER A 84 4.52 25.45 -1.59
C SER A 84 3.31 26.32 -1.71
N HIS A 85 2.26 26.06 -0.93
CA HIS A 85 1.09 26.97 -0.90
C HIS A 85 1.03 27.79 0.37
N MET A 86 1.95 27.60 1.30
CA MET A 86 2.00 28.52 2.43
C MET A 86 2.40 29.95 2.12
N THR A 87 1.93 30.87 2.94
CA THR A 87 2.46 32.24 2.98
C THR A 87 3.92 32.22 3.44
N PRO A 88 4.85 32.68 2.58
CA PRO A 88 6.22 32.77 3.04
C PRO A 88 6.46 34.05 3.83
N THR A 89 7.19 33.95 4.92
CA THR A 89 7.45 35.11 5.72
C THR A 89 8.93 35.44 5.77
N ILE A 90 9.21 36.68 5.42
CA ILE A 90 10.53 37.25 5.54
C ILE A 90 10.53 38.48 6.47
N LEU A 91 11.49 38.54 7.40
CA LEU A 91 11.61 39.65 8.36
C LEU A 91 12.70 40.62 7.89
N PRO A 92 12.53 41.92 8.17
CA PRO A 92 13.62 42.87 7.91
C PRO A 92 14.87 42.47 8.71
N TYR A 93 16.06 42.76 8.19
CA TYR A 93 17.32 42.42 8.87
C TYR A 93 17.78 40.97 8.64
N GLU A 94 16.89 40.08 8.17
CA GLU A 94 17.32 38.70 7.91
C GLU A 94 18.20 38.63 6.70
N LYS A 95 19.18 37.73 6.75
CA LYS A 95 19.91 37.36 5.57
C LYS A 95 19.40 35.95 5.22
N LEU A 96 19.53 35.03 6.16
CA LEU A 96 18.91 33.72 6.00
C LEU A 96 17.43 33.78 6.28
N VAL A 97 16.63 33.12 5.44
CA VAL A 97 15.16 33.17 5.58
C VAL A 97 14.50 31.76 5.63
N MET A 98 13.16 31.77 5.63
CA MET A 98 12.30 30.60 5.78
C MET A 98 12.00 30.29 7.27
N ASN A 99 10.85 29.66 7.48
CA ASN A 99 10.35 29.31 8.81
C ASN A 99 9.38 28.14 8.61
N LYS A 100 9.01 27.41 9.64
CA LYS A 100 8.12 26.29 9.34
C LYS A 100 6.82 26.83 8.70
N THR A 101 6.36 27.99 9.18
CA THR A 101 5.08 28.54 8.72
C THR A 101 5.17 30.03 8.44
N LYS A 102 4.02 30.69 8.31
CA LYS A 102 4.02 32.14 8.13
C LYS A 102 4.45 32.85 9.43
N ASN A 103 4.19 32.24 10.58
CA ASN A 103 4.65 32.74 11.88
C ASN A 103 6.09 32.37 12.22
N VAL A 104 6.73 33.09 13.15
CA VAL A 104 8.16 32.87 13.42
C VAL A 104 8.39 31.68 14.33
N ARG A 105 7.73 31.62 15.48
CA ARG A 105 7.81 30.42 16.33
C ARG A 105 6.63 29.55 15.96
N GLY A 106 6.59 29.12 14.71
CA GLY A 106 5.39 28.55 14.12
C GLY A 106 5.38 27.04 13.99
N ALA A 107 4.18 26.49 14.02
CA ALA A 107 3.90 25.11 13.69
C ALA A 107 2.43 24.93 13.32
N PHE A 108 2.02 23.69 13.02
CA PHE A 108 0.65 23.44 12.60
C PHE A 108 0.22 22.01 12.93
N PRO A 109 -1.09 21.73 12.92
CA PRO A 109 -1.47 20.39 13.36
C PRO A 109 -1.45 19.37 12.22
N PHE A 110 -1.25 18.09 12.57
CA PHE A 110 -1.18 16.97 11.62
C PHE A 110 -2.33 15.98 11.95
N PRO A 111 -3.59 16.36 11.75
CA PRO A 111 -4.68 15.47 12.17
C PRO A 111 -4.65 14.08 11.50
N TRP A 112 -3.91 13.94 10.40
CA TRP A 112 -3.82 12.65 9.75
C TRP A 112 -2.87 11.70 10.54
N VAL A 113 -1.97 12.26 11.38
CA VAL A 113 -1.11 11.49 12.26
C VAL A 113 -1.79 11.34 13.67
N CYS A 114 -1.98 12.44 14.38
CA CYS A 114 -2.85 12.37 15.54
C CYS A 114 -3.52 13.70 15.84
N ALA A 115 -4.70 13.57 16.41
CA ALA A 115 -5.58 14.72 16.61
C ALA A 115 -6.25 14.70 17.96
N SER A 116 -6.10 13.62 18.73
CA SER A 116 -6.99 13.45 19.90
C SER A 116 -6.67 14.47 21.01
N PHE A 117 -5.40 14.84 21.11
CA PHE A 117 -4.98 15.85 22.08
C PHE A 117 -5.55 17.25 21.81
N PHE A 118 -6.17 17.51 20.65
CA PHE A 118 -6.84 18.83 20.39
C PHE A 118 -8.27 18.78 19.80
N ASN A 119 -8.73 17.68 19.18
CA ASN A 119 -10.00 17.80 18.46
C ASN A 119 -11.24 17.89 19.37
N ALA A 120 -11.20 17.23 20.52
CA ALA A 120 -12.27 17.37 21.51
C ALA A 120 -12.25 18.78 22.11
N GLN A 121 -11.06 19.32 22.36
CA GLN A 121 -10.95 20.69 22.79
C GLN A 121 -11.62 21.55 21.75
N ALA A 122 -11.15 21.41 20.52
CA ALA A 122 -11.62 22.28 19.46
C ALA A 122 -13.12 22.21 19.32
N GLU A 123 -13.70 21.02 19.43
CA GLU A 123 -15.13 20.88 19.20
C GLU A 123 -15.96 21.39 20.40
N ALA A 124 -15.43 21.18 21.59
CA ALA A 124 -15.97 21.80 22.77
C ALA A 124 -16.11 23.34 22.55
N LEU A 125 -15.09 24.00 21.97
CA LEU A 125 -15.16 25.43 21.66
C LEU A 125 -16.25 25.89 20.64
N MET A 126 -16.41 25.15 19.54
CA MET A 126 -17.45 25.46 18.56
C MET A 126 -18.83 25.36 19.20
N ASN A 127 -18.98 24.35 20.06
CA ASN A 127 -20.19 24.03 20.77
C ASN A 127 -20.36 24.86 22.02
N GLU A 128 -19.32 25.64 22.35
CA GLU A 128 -19.37 26.51 23.50
C GLU A 128 -19.73 25.77 24.78
N VAL A 129 -19.20 24.57 24.94
CA VAL A 129 -19.32 23.88 26.21
C VAL A 129 -17.93 23.74 26.80
N ASP A 130 -17.83 23.10 27.96
CA ASP A 130 -16.56 23.02 28.65
C ASP A 130 -15.60 22.10 27.91
N ALA A 131 -14.33 22.50 27.84
CA ALA A 131 -13.33 21.63 27.25
C ALA A 131 -13.17 20.42 28.15
N PRO A 132 -13.06 19.25 27.56
CA PRO A 132 -12.86 18.04 28.38
C PRO A 132 -11.50 17.99 29.07
N ALA A 133 -11.35 17.14 30.07
CA ALA A 133 -10.08 17.03 30.79
C ALA A 133 -9.04 16.37 29.90
N GLU A 134 -7.80 16.81 30.02
CA GLU A 134 -6.69 16.15 29.35
C GLU A 134 -6.59 14.68 29.72
N ASN A 135 -5.90 13.90 28.89
CA ASN A 135 -5.50 12.53 29.26
C ASN A 135 -4.41 12.54 30.33
N GLU A 136 -4.06 11.38 30.89
CA GLU A 136 -3.25 11.40 32.09
C GLU A 136 -1.83 11.93 31.82
N ALA A 137 -1.18 11.46 30.76
CA ALA A 137 0.22 11.83 30.44
C ALA A 137 0.30 13.33 30.24
N ASP A 138 -0.69 13.86 29.53
CA ASP A 138 -0.72 15.28 29.30
C ASP A 138 -0.88 16.01 30.63
N SER A 139 -1.79 15.52 31.46
CA SER A 139 -2.17 16.29 32.65
C SER A 139 -1.04 16.33 33.70
N VAL A 140 -0.12 15.37 33.67
CA VAL A 140 0.99 15.31 34.62
C VAL A 140 2.24 15.97 34.02
N SER A 141 2.06 16.67 32.92
CA SER A 141 3.13 17.38 32.23
C SER A 141 2.95 18.90 32.26
N VAL A 142 4.03 19.63 32.51
CA VAL A 142 3.94 21.06 32.63
C VAL A 142 4.68 21.75 31.49
N VAL A 143 3.98 22.64 30.79
CA VAL A 143 4.59 23.59 29.86
C VAL A 143 4.90 24.90 30.65
N GLY A 144 6.17 25.34 30.61
CA GLY A 144 6.58 26.56 31.26
C GLY A 144 5.72 27.71 30.77
N ALA A 145 5.17 28.50 31.68
CA ALA A 145 4.15 29.47 31.30
C ALA A 145 4.74 30.75 30.70
N GLY A 146 6.06 30.92 30.82
CA GLY A 146 6.71 32.17 30.41
C GLY A 146 7.25 32.13 28.99
N GLY A 147 8.19 33.03 28.70
CA GLY A 147 8.75 33.10 27.36
C GLY A 147 7.67 33.16 26.30
N GLY A 148 7.74 32.25 25.33
CA GLY A 148 6.84 32.29 24.19
C GLY A 148 5.57 31.45 24.35
N ASN A 149 5.50 30.66 25.42
CA ASN A 149 4.47 29.67 25.50
C ASN A 149 3.13 30.33 25.74
N VAL A 150 2.11 29.76 25.10
CA VAL A 150 0.72 30.17 25.30
C VAL A 150 -0.05 29.04 26.00
N THR A 151 0.06 29.01 27.33
CA THR A 151 -0.49 27.94 28.16
C THR A 151 -1.94 28.24 28.54
N GLU A 152 -2.40 29.45 28.24
CA GLU A 152 -3.78 29.81 28.51
C GLU A 152 -4.36 30.76 27.46
N SER A 153 -5.54 30.44 26.99
CA SER A 153 -6.27 31.32 26.06
C SER A 153 -6.37 32.75 26.60
N TYR A 154 -6.25 33.73 25.70
CA TYR A 154 -6.36 35.11 26.10
C TYR A 154 -6.83 35.94 24.90
N GLY A 155 -7.73 36.90 25.10
CA GLY A 155 -8.10 37.75 24.00
C GLY A 155 -8.65 36.87 22.87
N ASN A 156 -8.12 37.00 21.66
CA ASN A 156 -8.56 36.14 20.54
C ASN A 156 -7.61 34.97 20.28
N VAL A 157 -6.95 34.47 21.31
CA VAL A 157 -5.94 33.42 21.09
C VAL A 157 -6.33 32.25 21.95
N ILE A 158 -6.54 31.12 21.31
CA ILE A 158 -6.80 29.91 22.05
C ILE A 158 -5.49 29.14 22.29
N SER A 159 -5.30 28.68 23.52
CA SER A 159 -4.15 27.89 23.87
C SER A 159 -4.48 26.47 23.43
N ILE A 160 -3.70 25.94 22.50
CA ILE A 160 -3.91 24.60 22.03
C ILE A 160 -2.83 23.75 22.72
N ALA A 161 -3.23 22.65 23.35
CA ALA A 161 -2.29 21.74 23.99
C ALA A 161 -1.34 22.48 24.96
N LYS A 162 -1.90 23.41 25.70
CA LYS A 162 -1.20 24.06 26.78
C LYS A 162 0.06 24.74 26.34
N LYS A 163 0.16 25.12 25.06
CA LYS A 163 1.37 25.78 24.64
C LYS A 163 1.24 26.70 23.42
N PHE A 164 0.44 26.31 22.45
CA PHE A 164 0.42 26.97 21.15
C PHE A 164 -0.78 27.88 21.10
N GLY A 165 -0.52 29.14 20.77
CA GLY A 165 -1.58 30.06 20.49
C GLY A 165 -2.04 29.91 19.07
N MET A 166 -3.34 29.63 18.93
CA MET A 166 -4.02 29.67 17.64
C MET A 166 -5.13 30.76 17.64
N ARG A 167 -5.19 31.53 16.59
CA ARG A 167 -6.22 32.57 16.52
C ARG A 167 -7.65 31.98 16.54
N LYS A 168 -8.53 32.57 17.31
CA LYS A 168 -9.89 32.04 17.45
C LYS A 168 -10.55 31.77 16.08
N GLU A 169 -10.31 32.60 15.08
CA GLU A 169 -11.00 32.43 13.79
C GLU A 169 -10.54 31.18 13.06
N GLU A 170 -9.45 30.61 13.53
CA GLU A 170 -8.93 29.41 12.90
C GLU A 170 -9.49 28.15 13.54
N ILE A 171 -10.07 28.27 14.74
CA ILE A 171 -10.55 27.08 15.41
C ILE A 171 -11.49 26.31 14.48
N PRO A 172 -12.35 27.02 13.74
CA PRO A 172 -13.28 26.31 12.84
C PRO A 172 -12.54 25.60 11.71
N VAL A 173 -11.41 26.16 11.28
CA VAL A 173 -10.63 25.55 10.23
C VAL A 173 -9.96 24.28 10.75
N LEU A 174 -9.56 24.32 12.01
CA LEU A 174 -8.95 23.16 12.67
C LEU A 174 -9.95 22.05 12.74
N VAL A 175 -11.17 22.41 13.12
CA VAL A 175 -12.17 21.37 13.25
C VAL A 175 -12.47 20.76 11.86
N LYS A 176 -12.63 21.61 10.85
CA LYS A 176 -13.07 21.10 9.56
C LYS A 176 -11.93 20.37 8.86
N THR A 177 -10.69 20.78 9.14
CA THR A 177 -9.51 20.10 8.55
C THR A 177 -9.32 18.72 9.19
N SER A 178 -9.81 18.55 10.42
CA SER A 178 -9.46 17.33 11.18
C SER A 178 -10.53 16.24 11.01
N LYS A 179 -11.74 16.67 10.68
CA LYS A 179 -12.92 15.81 10.61
C LYS A 179 -12.74 14.60 9.66
N PRO A 180 -12.11 14.80 8.50
CA PRO A 180 -12.14 13.63 7.63
C PRO A 180 -11.21 12.51 8.18
N TRP A 181 -10.40 12.85 9.19
CA TRP A 181 -9.46 11.90 9.77
C TRP A 181 -10.04 10.99 10.86
N GLU A 182 -11.31 11.21 11.20
CA GLU A 182 -11.97 10.31 12.17
C GLU A 182 -11.83 8.86 11.79
N GLY A 183 -11.24 8.06 12.70
CA GLY A 183 -11.09 6.61 12.54
C GLY A 183 -9.86 6.24 11.73
N ILE A 184 -9.23 7.21 11.07
CA ILE A 184 -8.19 6.85 10.07
C ILE A 184 -6.87 7.61 10.17
N SER A 185 -6.68 8.47 11.17
CA SER A 185 -5.34 9.07 11.40
C SER A 185 -4.47 7.85 11.77
N VAL A 186 -3.15 7.96 11.74
CA VAL A 186 -2.26 6.90 12.29
C VAL A 186 -2.71 6.52 13.67
N GLU A 187 -2.95 7.53 14.49
CA GLU A 187 -3.47 7.30 15.82
C GLU A 187 -4.66 6.35 15.86
N GLU A 188 -5.75 6.73 15.23
CA GLU A 188 -7.00 5.95 15.35
C GLU A 188 -7.00 4.63 14.58
N LEU A 189 -6.41 4.62 13.39
CA LEU A 189 -6.36 3.39 12.65
C LEU A 189 -5.43 2.41 13.40
N SER A 190 -4.23 2.85 13.83
CA SER A 190 -3.34 1.90 14.55
C SER A 190 -3.98 1.49 15.86
N ASN A 191 -4.81 2.35 16.46
CA ASN A 191 -5.47 1.96 17.68
C ASN A 191 -6.39 0.77 17.38
N LYS A 192 -7.09 0.79 16.23
CA LYS A 192 -8.03 -0.28 15.90
C LYS A 192 -7.25 -1.62 15.85
N TYR A 193 -6.12 -1.64 15.16
CA TYR A 193 -5.32 -2.87 15.12
C TYR A 193 -4.68 -3.23 16.44
N SER A 194 -4.16 -2.27 17.22
CA SER A 194 -3.63 -2.57 18.53
C SER A 194 -4.68 -3.27 19.39
N LYS A 195 -5.93 -2.87 19.28
CA LYS A 195 -7.00 -3.50 20.02
C LYS A 195 -7.13 -4.98 19.66
N MET A 196 -6.55 -5.42 18.56
CA MET A 196 -6.59 -6.85 18.29
C MET A 196 -5.36 -7.61 18.81
N THR A 197 -4.41 -6.93 19.43
CA THR A 197 -3.29 -7.65 20.07
C THR A 197 -3.80 -8.13 21.42
N PRO A 198 -3.33 -9.31 21.84
CA PRO A 198 -3.77 -9.89 23.11
C PRO A 198 -3.44 -8.97 24.27
N GLY A 199 -2.41 -8.15 24.13
CA GLY A 199 -2.02 -7.32 25.27
C GLY A 199 -2.60 -5.93 25.26
N TYR A 200 -3.67 -5.70 24.50
CA TYR A 200 -4.13 -4.35 24.32
C TYR A 200 -4.48 -3.74 25.66
N ASP A 201 -5.23 -4.49 26.47
CA ASP A 201 -5.70 -3.93 27.76
C ASP A 201 -4.56 -3.61 28.65
N GLN A 202 -3.53 -4.48 28.64
CA GLN A 202 -2.39 -4.28 29.45
C GLN A 202 -1.76 -2.96 28.98
N PHE A 203 -1.58 -2.87 27.66
CA PHE A 203 -0.93 -1.71 27.05
C PHE A 203 -1.66 -0.44 27.46
N LYS A 204 -2.99 -0.50 27.42
CA LYS A 204 -3.74 0.74 27.67
C LYS A 204 -3.52 1.16 29.13
N ASN A 205 -3.43 0.17 30.05
CA ASN A 205 -3.19 0.48 31.46
C ASN A 205 -1.83 1.13 31.69
N ILE A 206 -0.88 0.75 30.86
CA ILE A 206 0.48 1.20 31.02
C ILE A 206 0.58 2.64 30.56
N MET A 207 -0.19 2.96 29.53
CA MET A 207 -0.19 4.33 29.01
C MET A 207 -0.95 5.18 30.01
N GLU A 208 -2.04 4.66 30.56
CA GLU A 208 -2.87 5.53 31.42
C GLU A 208 -2.17 5.80 32.73
N SER A 209 -1.22 4.94 33.14
CA SER A 209 -0.59 5.14 34.41
C SER A 209 0.62 6.05 34.14
N VAL A 210 0.86 6.34 32.86
CA VAL A 210 2.08 7.00 32.41
C VAL A 210 3.35 6.18 32.73
N ILE A 211 3.23 4.86 32.84
CA ILE A 211 4.45 4.00 32.87
C ILE A 211 5.20 4.09 31.54
N CYS A 212 4.46 4.32 30.45
CA CYS A 212 5.09 4.54 29.14
C CYS A 212 4.69 5.96 28.77
N MET A 213 5.67 6.79 28.46
CA MET A 213 5.39 8.21 28.47
C MET A 213 4.45 8.58 27.33
N PHE A 214 4.72 8.10 26.13
CA PHE A 214 3.91 8.48 24.97
C PHE A 214 4.02 7.46 23.84
N ASP A 215 3.22 7.70 22.80
CA ASP A 215 3.10 6.80 21.64
C ASP A 215 4.04 7.20 20.53
N SER A 216 4.67 6.22 19.90
CA SER A 216 5.53 6.50 18.76
C SER A 216 4.89 7.34 17.68
N PHE A 217 3.57 7.23 17.46
CA PHE A 217 2.97 8.02 16.39
C PHE A 217 3.11 9.50 16.63
N ALA A 218 3.30 9.91 17.89
CA ALA A 218 3.38 11.32 18.23
C ALA A 218 4.39 12.05 17.34
N ILE A 219 5.54 11.41 17.12
CA ILE A 219 6.68 12.02 16.42
C ILE A 219 7.46 10.95 15.63
N PRO A 220 6.91 10.53 14.49
CA PRO A 220 7.37 9.32 13.81
C PRO A 220 8.66 9.56 13.00
N GLN A 221 9.05 10.82 12.79
CA GLN A 221 10.40 11.11 12.32
C GLN A 221 11.13 11.86 13.43
N GLY A 222 12.45 11.98 13.30
CA GLY A 222 13.29 12.67 14.28
C GLY A 222 14.18 11.72 15.13
N ARG A 223 14.90 12.26 16.11
CA ARG A 223 15.96 11.52 16.79
C ARG A 223 16.80 10.80 15.74
N GLU A 224 17.10 11.53 14.67
CA GLU A 224 17.90 10.95 13.56
C GLU A 224 18.73 12.09 12.96
N VAL A 225 19.47 11.84 11.87
CA VAL A 225 20.28 12.92 11.33
C VAL A 225 19.94 13.16 9.87
N ILE A 226 19.58 14.40 9.54
CA ILE A 226 19.19 14.69 8.16
C ILE A 226 20.43 14.51 7.32
N ASN A 227 20.24 14.30 6.02
CA ASN A 227 21.34 14.18 5.07
C ASN A 227 21.16 15.24 3.98
N TYR A 228 22.02 16.24 3.93
CA TYR A 228 21.82 17.34 3.00
C TYR A 228 22.38 17.05 1.61
N TYR A 229 22.98 15.87 1.40
CA TYR A 229 23.76 15.60 0.20
C TYR A 229 23.06 15.98 -1.13
N MET A 230 21.82 15.54 -1.34
CA MET A 230 21.29 15.49 -2.69
C MET A 230 21.11 16.91 -3.27
N PRO A 231 20.40 17.79 -2.55
CA PRO A 231 20.29 19.10 -3.18
C PRO A 231 21.61 19.85 -3.17
N LEU A 232 22.54 19.57 -2.25
CA LEU A 232 23.76 20.36 -2.23
C LEU A 232 24.54 19.94 -3.45
N GLN A 233 24.30 18.71 -3.89
CA GLN A 233 25.12 18.15 -4.96
C GLN A 233 24.52 18.43 -6.31
N TYR A 234 23.18 18.42 -6.37
CA TYR A 234 22.48 18.50 -7.67
C TYR A 234 21.66 19.73 -7.92
N GLY A 235 21.19 20.36 -6.85
CA GLY A 235 20.12 21.36 -7.01
C GLY A 235 18.87 20.62 -7.47
N PHE A 236 17.70 21.28 -7.35
CA PHE A 236 16.39 20.65 -7.58
C PHE A 236 16.15 20.39 -9.05
N ASP A 237 16.65 21.24 -9.93
CA ASP A 237 16.50 20.92 -11.33
C ASP A 237 17.32 19.67 -11.66
N GLY A 238 18.50 19.56 -11.08
CA GLY A 238 19.35 18.37 -11.23
C GLY A 238 18.60 17.14 -10.76
N ILE A 239 17.96 17.28 -9.60
CA ILE A 239 17.22 16.15 -9.00
C ILE A 239 16.01 15.79 -9.86
N ILE A 240 15.21 16.78 -10.27
CA ILE A 240 14.13 16.50 -11.19
C ILE A 240 14.60 15.74 -12.45
N LYS A 241 15.72 16.12 -13.04
CA LYS A 241 16.20 15.40 -14.21
C LYS A 241 16.58 13.96 -13.84
N LEU A 242 17.14 13.77 -12.65
CA LEU A 242 17.53 12.43 -12.23
C LEU A 242 16.28 11.57 -12.10
N CYS A 243 15.19 12.13 -11.56
CA CYS A 243 13.91 11.38 -11.48
C CYS A 243 13.38 11.10 -12.88
N ASP A 244 13.32 12.09 -13.78
CA ASP A 244 12.97 11.79 -15.18
C ASP A 244 13.78 10.61 -15.76
N GLU A 245 15.08 10.61 -15.52
CA GLU A 245 15.91 9.57 -16.10
C GLU A 245 15.55 8.17 -15.51
N LYS A 246 15.38 8.14 -14.19
CA LYS A 246 15.00 6.90 -13.51
C LYS A 246 13.61 6.45 -13.94
N ILE A 247 12.69 7.39 -14.10
CA ILE A 247 11.37 6.98 -14.53
C ILE A 247 11.45 6.34 -15.91
N ALA A 248 12.16 6.98 -16.84
CA ALA A 248 12.32 6.41 -18.17
C ALA A 248 12.92 4.99 -18.08
N GLU A 249 13.80 4.79 -17.10
CA GLU A 249 14.52 3.56 -17.02
C GLU A 249 13.64 2.46 -16.41
N VAL A 250 12.89 2.78 -15.35
CA VAL A 250 12.27 1.70 -14.57
C VAL A 250 10.78 1.65 -14.49
N MET A 251 10.09 2.69 -14.97
CA MET A 251 8.66 2.67 -14.78
C MET A 251 8.07 1.50 -15.56
N GLY A 252 7.24 0.70 -14.95
CA GLY A 252 6.76 -0.50 -15.64
C GLY A 252 7.74 -1.70 -15.63
N GLU A 253 8.89 -1.58 -14.98
CA GLU A 253 9.87 -2.71 -14.89
C GLU A 253 10.08 -3.15 -13.46
N ALA A 254 10.12 -4.45 -13.26
CA ALA A 254 10.25 -4.98 -11.91
C ALA A 254 11.66 -5.48 -11.71
N GLY A 255 12.39 -5.65 -12.80
CA GLY A 255 13.65 -6.46 -12.76
C GLY A 255 13.29 -7.83 -12.23
N ASP A 256 14.09 -8.39 -11.31
CA ASP A 256 13.76 -9.67 -10.72
C ASP A 256 13.12 -9.53 -9.35
N ASP A 257 12.51 -8.37 -9.09
CA ASP A 257 12.12 -8.06 -7.71
C ASP A 257 10.60 -7.91 -7.70
N GLY A 258 9.91 -8.99 -7.41
CA GLY A 258 8.45 -8.94 -7.44
C GLY A 258 7.85 -8.30 -6.20
N ASP A 259 8.69 -7.94 -5.21
CA ASP A 259 8.16 -7.22 -4.01
C ASP A 259 8.14 -5.69 -4.21
N PHE A 260 9.28 -5.13 -4.64
CA PHE A 260 9.51 -3.70 -4.70
C PHE A 260 9.94 -3.19 -6.07
N GLY A 261 10.14 -4.12 -7.01
CA GLY A 261 10.64 -3.70 -8.31
C GLY A 261 9.77 -2.65 -8.96
N MET A 262 8.49 -2.96 -9.02
CA MET A 262 7.48 -2.14 -9.65
C MET A 262 7.37 -0.83 -8.84
N SER A 263 7.59 -0.89 -7.51
CA SER A 263 7.44 0.31 -6.68
C SER A 263 8.49 1.39 -6.93
N ARG A 264 9.62 1.02 -7.51
CA ARG A 264 10.62 2.02 -7.89
C ARG A 264 10.07 3.17 -8.72
N GLY A 265 9.30 2.87 -9.74
CA GLY A 265 8.75 3.89 -10.62
C GLY A 265 7.93 4.91 -9.87
N TYR A 266 7.08 4.43 -8.96
CA TYR A 266 6.19 5.36 -8.22
C TYR A 266 7.05 6.19 -7.24
N TYR A 267 8.15 5.57 -6.73
CA TYR A 267 9.05 6.30 -5.82
C TYR A 267 9.66 7.49 -6.60
N TYR A 268 10.19 7.24 -7.81
CA TYR A 268 10.82 8.35 -8.55
C TYR A 268 9.73 9.37 -8.95
N ALA A 269 8.53 8.91 -9.27
CA ALA A 269 7.46 9.84 -9.63
C ALA A 269 7.17 10.76 -8.40
N ALA A 270 7.09 10.13 -7.24
CA ALA A 270 6.84 10.84 -5.99
C ALA A 270 7.97 11.85 -5.69
N MET A 271 9.22 11.45 -5.90
CA MET A 271 10.32 12.34 -5.61
C MET A 271 10.32 13.58 -6.50
N LYS A 272 9.88 13.41 -7.76
CA LYS A 272 9.90 14.49 -8.69
C LYS A 272 8.86 15.47 -8.14
N GLU A 273 7.76 14.88 -7.65
CA GLU A 273 6.65 15.70 -7.11
C GLU A 273 7.11 16.48 -5.87
N ILE A 274 7.70 15.82 -4.89
CA ILE A 274 8.19 16.59 -3.70
C ILE A 274 9.30 17.62 -4.07
N THR A 275 10.11 17.29 -5.06
CA THR A 275 11.17 18.19 -5.47
C THR A 275 10.59 19.42 -6.13
N LYS A 276 9.57 19.22 -6.95
CA LYS A 276 8.85 20.37 -7.55
C LYS A 276 8.27 21.22 -6.45
N GLY A 277 7.70 20.58 -5.43
CA GLY A 277 7.29 21.29 -4.24
C GLY A 277 8.32 22.20 -3.58
N LEU A 278 9.50 21.67 -3.30
CA LEU A 278 10.58 22.40 -2.61
C LEU A 278 11.03 23.55 -3.47
N SER A 279 10.91 23.40 -4.77
CA SER A 279 11.36 24.41 -5.72
C SER A 279 10.36 25.56 -5.70
N ALA A 280 9.08 25.23 -5.79
CA ALA A 280 8.02 26.23 -5.75
C ALA A 280 8.15 27.04 -4.44
N TRP A 281 8.29 26.33 -3.34
CA TRP A 281 8.43 26.93 -2.01
C TRP A 281 9.57 27.96 -2.04
N CYS A 282 10.76 27.54 -2.47
CA CYS A 282 11.84 28.51 -2.53
C CYS A 282 11.46 29.73 -3.36
N GLU A 283 10.73 29.50 -4.45
CA GLU A 283 10.38 30.57 -5.37
C GLU A 283 9.46 31.58 -4.67
N ASN A 284 8.54 31.05 -3.86
CA ASN A 284 7.66 31.89 -3.09
C ASN A 284 8.43 32.82 -2.17
N TYR A 285 9.48 32.34 -1.54
CA TYR A 285 10.34 33.24 -0.76
C TYR A 285 10.99 34.28 -1.66
N SER A 286 11.30 33.86 -2.89
CA SER A 286 12.05 34.73 -3.77
C SER A 286 11.15 35.88 -4.14
N LYS A 287 9.95 35.55 -4.60
CA LYS A 287 8.92 36.50 -4.89
C LYS A 287 8.62 37.43 -3.69
N ARG A 288 8.56 36.92 -2.48
CA ARG A 288 8.23 37.80 -1.37
C ARG A 288 9.41 38.75 -1.13
N ALA A 289 10.63 38.24 -1.22
CA ALA A 289 11.81 39.09 -1.08
C ALA A 289 11.77 40.19 -2.12
N LYS A 290 11.30 39.85 -3.32
CA LYS A 290 11.23 40.82 -4.39
C LYS A 290 10.22 41.88 -4.05
N TYR A 291 9.08 41.50 -3.49
CA TYR A 291 8.08 42.50 -3.12
C TYR A 291 8.70 43.43 -2.08
N LEU A 292 9.28 42.87 -1.03
CA LEU A 292 9.76 43.65 0.10
C LEU A 292 10.84 44.63 -0.34
N ALA A 293 11.68 44.22 -1.30
CA ALA A 293 12.68 45.11 -1.82
C ALA A 293 12.00 46.31 -2.49
N SER A 294 10.98 46.03 -3.27
CA SER A 294 10.28 47.06 -4.01
C SER A 294 9.68 48.16 -3.13
N ILE A 295 9.40 47.89 -1.86
CA ILE A 295 8.85 48.93 -1.01
C ILE A 295 9.85 49.37 0.05
N GLU A 296 11.05 48.82 0.03
CA GLU A 296 12.02 49.14 1.07
C GLU A 296 12.63 50.52 0.77
N THR A 297 12.41 51.46 1.68
CA THR A 297 12.90 52.84 1.56
C THR A 297 14.29 52.96 2.14
N ASP A 298 14.56 52.10 3.12
CA ASP A 298 15.85 52.02 3.77
C ASP A 298 16.77 51.12 2.93
N SER A 299 17.72 51.73 2.25
CA SER A 299 18.52 51.04 1.24
C SER A 299 19.31 49.79 1.74
N GLU A 300 19.78 49.87 2.98
CA GLU A 300 20.50 48.79 3.63
C GLU A 300 19.62 47.53 3.85
N ILE A 301 18.42 47.74 4.39
CA ILE A 301 17.46 46.67 4.50
C ILE A 301 17.01 46.21 3.11
N LYS A 302 17.00 47.12 2.15
CA LYS A 302 16.64 46.76 0.78
C LYS A 302 17.69 45.83 0.16
N ALA A 303 18.97 46.07 0.46
CA ALA A 303 20.04 45.23 -0.06
C ALA A 303 19.75 43.79 0.31
N ASN A 304 19.53 43.51 1.59
CA ASN A 304 19.31 42.13 2.01
C ASN A 304 18.15 41.51 1.26
N TYR A 305 17.02 42.20 1.16
CA TYR A 305 15.89 41.63 0.45
C TYR A 305 16.33 41.23 -0.94
N GLU A 306 17.22 41.99 -1.54
CA GLU A 306 17.61 41.73 -2.91
C GLU A 306 18.48 40.53 -2.96
N LYS A 307 19.40 40.41 -2.02
CA LYS A 307 20.26 39.23 -1.95
C LYS A 307 19.40 38.02 -1.69
N ILE A 308 18.31 38.17 -0.94
CA ILE A 308 17.46 37.04 -0.58
C ILE A 308 16.68 36.59 -1.80
N GLU A 309 16.07 37.52 -2.51
CA GLU A 309 15.34 37.17 -3.73
C GLU A 309 16.23 36.36 -4.66
N GLU A 310 17.50 36.76 -4.77
CA GLU A 310 18.40 36.05 -5.65
C GLU A 310 18.76 34.69 -5.10
N VAL A 311 19.05 34.64 -3.79
CA VAL A 311 19.49 33.43 -3.18
C VAL A 311 18.34 32.42 -3.23
N MET A 312 17.10 32.87 -3.06
CA MET A 312 16.01 31.90 -2.99
C MET A 312 15.64 31.56 -4.42
N GLY A 313 15.64 32.56 -5.30
CA GLY A 313 15.49 32.30 -6.73
C GLY A 313 16.50 31.24 -7.23
N ASN A 314 17.73 31.30 -6.74
CA ASN A 314 18.80 30.38 -7.19
C ASN A 314 18.59 28.99 -6.60
N ILE A 315 18.40 28.87 -5.29
CA ILE A 315 18.35 27.52 -4.73
C ILE A 315 17.03 26.84 -5.06
N ALA A 316 16.09 27.58 -5.63
CA ALA A 316 14.90 26.95 -6.20
C ALA A 316 15.25 25.99 -7.36
N HIS A 317 16.39 26.22 -8.04
CA HIS A 317 16.68 25.45 -9.24
C HIS A 317 18.14 24.97 -9.39
N LYS A 318 19.11 25.80 -9.05
CA LYS A 318 20.51 25.49 -9.37
C LYS A 318 21.20 24.82 -8.22
N LYS A 319 22.34 24.17 -8.49
CA LYS A 319 23.21 23.67 -7.44
C LYS A 319 23.70 24.94 -6.71
N PRO A 320 23.68 24.99 -5.36
CA PRO A 320 24.20 26.19 -4.69
C PRO A 320 25.62 26.53 -5.09
N ALA A 321 26.00 27.81 -5.09
CA ALA A 321 27.27 28.14 -5.69
C ALA A 321 28.10 29.02 -4.77
N ASN A 322 27.60 29.22 -3.56
CA ASN A 322 28.38 29.94 -2.55
C ASN A 322 27.83 29.53 -1.19
N PHE A 323 28.40 30.07 -0.14
CA PHE A 323 28.15 29.54 1.19
C PHE A 323 26.75 29.95 1.66
N TRP A 324 26.37 31.18 1.36
CA TRP A 324 25.07 31.66 1.76
C TRP A 324 24.03 30.74 1.14
N GLU A 325 24.18 30.49 -0.16
CA GLU A 325 23.22 29.62 -0.86
C GLU A 325 23.23 28.20 -0.30
N ALA A 326 24.42 27.70 -0.03
CA ALA A 326 24.53 26.32 0.41
C ALA A 326 23.90 26.22 1.81
N ILE A 327 24.24 27.12 2.72
CA ILE A 327 23.65 27.03 4.06
C ILE A 327 22.13 27.24 3.96
N GLN A 328 21.70 28.13 3.07
CA GLN A 328 20.25 28.43 2.91
C GLN A 328 19.52 27.20 2.40
N MET A 329 20.17 26.51 1.47
CA MET A 329 19.64 25.25 0.99
C MET A 329 19.52 24.21 2.13
N THR A 330 20.46 24.14 3.08
CA THR A 330 20.29 23.13 4.13
C THR A 330 19.04 23.49 4.97
N LEU A 331 18.76 24.78 5.11
CA LEU A 331 17.54 25.22 5.82
C LEU A 331 16.27 24.80 5.07
N CYS A 332 16.23 25.01 3.77
CA CYS A 332 15.11 24.55 2.99
C CYS A 332 14.86 23.05 3.25
N CYS A 333 15.91 22.20 3.21
CA CYS A 333 15.75 20.77 3.50
C CYS A 333 15.30 20.51 4.92
N HIS A 334 15.88 21.25 5.86
CA HIS A 334 15.60 21.01 7.27
C HIS A 334 14.14 21.37 7.59
N PHE A 335 13.70 22.51 7.07
CA PHE A 335 12.31 22.99 7.30
C PHE A 335 11.38 22.08 6.49
N GLY A 336 11.89 21.65 5.35
CA GLY A 336 11.16 20.68 4.54
C GLY A 336 10.77 19.45 5.32
N VAL A 337 11.73 18.89 6.03
CA VAL A 337 11.44 17.65 6.65
C VAL A 337 10.67 17.83 7.93
N VAL A 338 10.98 18.86 8.71
CA VAL A 338 10.25 18.97 9.96
C VAL A 338 8.83 19.45 9.67
N ASN A 339 8.54 19.94 8.43
CA ASN A 339 7.13 20.18 8.06
C ASN A 339 6.41 18.96 7.52
N GLU A 340 7.05 17.80 7.34
CA GLU A 340 6.23 16.72 6.74
C GLU A 340 5.63 15.78 7.79
N ASP A 341 6.13 15.92 9.02
CA ASP A 341 5.57 15.20 10.16
C ASP A 341 5.71 16.00 11.46
N PRO A 342 4.89 15.68 12.48
CA PRO A 342 5.30 16.25 13.78
C PRO A 342 6.55 15.52 14.29
N GLN A 343 7.56 16.23 14.76
CA GLN A 343 8.79 15.56 15.12
C GLN A 343 9.64 16.47 15.99
N SER A 344 10.55 15.85 16.72
CA SER A 344 11.60 16.56 17.41
C SER A 344 12.88 15.84 17.15
N GLY A 345 14.00 16.53 17.30
CA GLY A 345 15.28 15.87 17.15
C GLY A 345 15.69 15.53 15.71
N LEU A 346 15.28 16.35 14.73
CA LEU A 346 15.87 16.18 13.44
C LEU A 346 17.26 16.86 13.48
N SER A 347 18.32 16.10 13.76
CA SER A 347 19.65 16.67 13.91
C SER A 347 20.12 17.25 12.60
N ILE A 348 20.71 18.43 12.69
CA ILE A 348 21.38 19.05 11.60
C ILE A 348 22.62 18.23 11.22
N GLY A 349 23.21 17.53 12.19
CA GLY A 349 24.41 16.78 11.90
C GLY A 349 25.67 17.66 11.78
N ARG A 350 26.60 17.27 10.94
CA ARG A 350 27.91 17.93 10.99
C ARG A 350 28.01 18.98 9.96
N LEU A 351 27.30 20.07 10.20
CA LEU A 351 27.18 21.13 9.25
C LEU A 351 28.55 21.77 8.88
N GLY A 352 29.48 21.76 9.82
CA GLY A 352 30.77 22.40 9.62
C GLY A 352 31.61 21.63 8.60
N GLN A 353 31.34 20.32 8.48
CA GLN A 353 32.03 19.47 7.50
C GLN A 353 31.24 19.45 6.21
N VAL A 354 29.93 19.39 6.29
CA VAL A 354 29.10 19.40 5.10
C VAL A 354 29.34 20.68 4.30
N LEU A 355 29.49 21.82 4.96
CA LEU A 355 29.59 23.09 4.25
C LEU A 355 31.02 23.62 4.13
N GLN A 356 32.00 22.92 4.62
CA GLN A 356 33.39 23.37 4.50
C GLN A 356 33.76 23.69 3.04
N PRO A 357 33.33 22.87 2.07
CA PRO A 357 33.69 23.24 0.70
C PRO A 357 33.11 24.57 0.29
N PHE A 358 31.90 24.87 0.71
CA PHE A 358 31.28 26.11 0.23
C PHE A 358 31.87 27.30 0.99
N TYR A 359 32.12 27.13 2.28
CA TYR A 359 32.83 28.14 3.05
C TYR A 359 34.21 28.47 2.45
N GLU A 360 35.05 27.45 2.30
CA GLU A 360 36.45 27.71 1.96
C GLU A 360 36.53 28.39 0.61
N LYS A 361 35.66 28.00 -0.32
CA LYS A 361 35.73 28.64 -1.61
C LYS A 361 35.35 30.13 -1.50
N ASP A 362 34.38 30.47 -0.68
CA ASP A 362 33.99 31.86 -0.61
C ASP A 362 35.11 32.74 -0.01
N VAL A 363 35.76 32.23 1.03
CA VAL A 363 36.84 32.91 1.69
C VAL A 363 38.04 33.06 0.78
N GLU A 364 38.43 31.97 0.15
CA GLU A 364 39.47 31.99 -0.86
C GLU A 364 39.20 33.05 -1.96
N ASP A 365 38.10 32.92 -2.67
CA ASP A 365 37.83 33.85 -3.77
C ASP A 365 37.44 35.24 -3.24
N GLY A 366 37.46 35.44 -1.92
CA GLY A 366 37.14 36.74 -1.35
C GLY A 366 35.69 37.17 -1.54
N ILE A 367 34.81 36.20 -1.76
CA ILE A 367 33.39 36.48 -1.79
C ILE A 367 32.84 36.68 -0.37
N MET A 368 33.42 36.01 0.62
CA MET A 368 33.01 36.21 2.01
C MET A 368 34.22 36.32 2.89
N THR A 369 34.12 37.18 3.92
CA THR A 369 35.12 37.22 4.98
C THR A 369 34.61 36.30 6.08
N ASP A 370 35.47 35.93 7.03
CA ASP A 370 35.03 35.10 8.14
C ASP A 370 33.95 35.76 8.96
N GLU A 371 34.04 37.08 9.13
CA GLU A 371 33.13 37.79 9.99
C GLU A 371 31.72 37.78 9.39
N GLU A 372 31.66 37.83 8.06
CA GLU A 372 30.41 37.67 7.34
C GLU A 372 29.89 36.24 7.45
N VAL A 373 30.78 35.25 7.48
CA VAL A 373 30.37 33.86 7.68
C VAL A 373 29.81 33.76 9.10
N ILE A 374 30.50 34.34 10.09
CA ILE A 374 30.02 34.34 11.45
C ILE A 374 28.65 35.03 11.55
N GLU A 375 28.38 36.13 10.82
CA GLU A 375 27.03 36.71 10.87
C GLU A 375 25.97 35.70 10.42
N LEU A 376 26.20 35.07 9.27
CA LEU A 376 25.31 33.98 8.80
C LEU A 376 25.17 32.85 9.84
N LEU A 377 26.26 32.41 10.46
CA LEU A 377 26.14 31.36 11.47
C LEU A 377 25.38 31.86 12.69
N GLU A 378 25.51 33.15 12.99
CA GLU A 378 24.77 33.79 14.09
C GLU A 378 23.31 33.82 13.79
N LEU A 379 22.95 34.25 12.58
CA LEU A 379 21.55 34.32 12.18
C LEU A 379 20.91 32.94 12.11
N TYR A 380 21.71 31.97 11.68
CA TYR A 380 21.30 30.58 11.63
C TYR A 380 20.87 30.01 13.00
N ARG A 381 21.50 30.42 14.09
CA ARG A 381 21.12 29.90 15.42
C ARG A 381 19.71 30.35 15.71
N ILE A 382 19.39 31.56 15.26
CA ILE A 382 18.05 32.09 15.46
C ILE A 382 17.03 31.20 14.75
N LYS A 383 17.24 30.99 13.45
CA LYS A 383 16.33 30.22 12.65
C LYS A 383 16.08 28.86 13.32
N ILE A 384 17.16 28.17 13.72
CA ILE A 384 17.01 26.86 14.32
C ILE A 384 16.32 26.94 15.70
N THR A 385 16.63 27.97 16.48
CA THR A 385 16.01 28.20 17.80
C THR A 385 14.48 28.40 17.74
N CYS A 386 13.98 28.89 16.62
CA CYS A 386 12.55 29.10 16.50
C CYS A 386 11.77 27.90 15.99
N ILE A 387 12.44 26.77 15.71
CA ILE A 387 11.73 25.54 15.27
C ILE A 387 10.93 24.95 16.47
N GLU A 388 9.62 24.81 16.28
CA GLU A 388 8.69 24.29 17.26
C GLU A 388 8.20 22.94 16.88
N CYS A 389 7.80 22.16 17.87
CA CYS A 389 7.20 20.86 17.62
C CYS A 389 5.76 20.87 18.10
N PHE A 390 4.82 20.92 17.18
CA PHE A 390 3.45 20.87 17.58
C PHE A 390 3.11 19.43 17.90
N ALA A 391 2.68 19.23 19.14
CA ALA A 391 2.32 17.94 19.61
C ALA A 391 1.64 18.10 20.99
N SER A 392 1.12 16.99 21.51
CA SER A 392 0.48 17.00 22.82
C SER A 392 1.42 17.52 23.92
N ALA A 393 0.85 17.91 25.05
CA ALA A 393 1.60 18.51 26.16
C ALA A 393 2.53 17.48 26.77
N GLY A 394 2.08 16.25 26.79
CA GLY A 394 2.91 15.18 27.27
C GLY A 394 4.24 15.16 26.54
N VAL A 395 4.22 15.31 25.23
CA VAL A 395 5.49 15.36 24.47
C VAL A 395 6.24 16.73 24.64
N SER A 396 5.51 17.82 24.44
CA SER A 396 6.07 19.18 24.33
C SER A 396 6.52 19.78 25.66
N GLY A 397 5.79 19.48 26.73
CA GLY A 397 6.17 19.89 28.05
C GLY A 397 6.76 18.72 28.82
N GLY A 398 6.11 17.56 28.73
CA GLY A 398 6.54 16.41 29.51
C GLY A 398 7.92 15.88 29.10
N VAL A 399 8.18 15.86 27.80
CA VAL A 399 9.47 15.35 27.28
C VAL A 399 10.38 16.50 26.81
N LEU A 400 9.94 17.31 25.86
CA LEU A 400 10.83 18.26 25.21
C LEU A 400 11.11 19.57 25.99
N SER A 401 10.30 19.90 27.01
CA SER A 401 10.30 21.29 27.46
C SER A 401 10.37 22.30 26.31
N GLY A 402 9.78 21.96 25.16
CA GLY A 402 9.61 22.90 24.07
C GLY A 402 10.78 22.88 23.10
N ASN A 403 11.91 22.29 23.51
CA ASN A 403 13.09 22.27 22.67
C ASN A 403 12.92 21.28 21.53
N THR A 404 13.45 21.57 20.34
CA THR A 404 13.28 20.58 19.27
C THR A 404 14.56 19.92 18.76
N PHE A 405 15.62 20.05 19.55
CA PHE A 405 16.73 19.08 19.50
C PHE A 405 17.42 18.98 18.10
N ASN A 406 17.48 20.10 17.38
CA ASN A 406 18.24 20.11 16.10
C ASN A 406 19.77 20.17 16.35
N ASN A 407 20.39 19.03 16.58
CA ASN A 407 21.70 18.99 17.21
C ASN A 407 22.76 19.07 16.10
N LEU A 408 23.73 19.99 16.25
CA LEU A 408 24.79 20.13 15.28
C LEU A 408 26.04 19.50 15.86
N SER A 409 26.56 18.47 15.20
CA SER A 409 27.73 17.79 15.72
C SER A 409 29.03 18.30 15.06
N LEU A 410 30.14 18.23 15.79
CA LEU A 410 31.42 18.84 15.37
C LEU A 410 32.57 17.79 15.48
N GLY A 411 33.53 17.78 14.58
CA GLY A 411 34.68 16.92 14.78
C GLY A 411 34.45 15.42 14.54
N GLY A 412 35.11 14.57 15.31
CA GLY A 412 35.19 13.14 15.04
C GLY A 412 36.26 12.84 13.99
N GLN A 413 35.96 11.91 13.10
CA GLN A 413 36.92 11.42 12.16
C GLN A 413 36.26 11.48 10.82
N ASN A 414 37.01 11.81 9.78
CA ASN A 414 36.45 11.88 8.44
C ASN A 414 36.50 10.53 7.70
N TYR A 415 36.12 10.55 6.43
CA TYR A 415 36.02 9.32 5.66
C TYR A 415 37.34 8.53 5.73
N ASP A 416 38.47 9.22 5.73
CA ASP A 416 39.79 8.56 5.74
C ASP A 416 40.36 8.25 7.13
N GLY A 417 39.51 8.39 8.14
CA GLY A 417 39.88 8.14 9.52
C GLY A 417 40.83 9.17 10.13
N LEU A 418 40.97 10.34 9.55
CA LEU A 418 41.75 11.40 10.19
C LEU A 418 40.77 12.33 10.91
N SER A 419 41.27 13.25 11.73
CA SER A 419 40.43 14.29 12.33
C SER A 419 39.58 15.00 11.28
N ALA A 420 38.29 15.06 11.54
CA ALA A 420 37.38 15.77 10.64
C ALA A 420 37.17 17.28 10.94
N VAL A 421 37.84 17.82 11.96
CA VAL A 421 37.61 19.20 12.37
C VAL A 421 37.92 20.09 11.17
N THR A 422 37.01 20.96 10.80
CA THR A 422 37.28 21.92 9.73
C THR A 422 37.41 23.36 10.28
N PRO A 423 37.99 24.27 9.50
CA PRO A 423 38.03 25.66 9.93
C PRO A 423 36.62 26.20 10.13
N LEU A 424 35.66 25.75 9.33
CA LEU A 424 34.29 26.24 9.50
C LEU A 424 33.70 25.88 10.87
N GLU A 425 34.16 24.78 11.48
CA GLU A 425 33.60 24.39 12.78
C GLU A 425 34.01 25.39 13.91
N TYR A 426 35.20 25.98 13.80
CA TYR A 426 35.62 27.00 14.76
C TYR A 426 34.60 28.17 14.74
N LEU A 427 34.20 28.60 13.54
CA LEU A 427 33.24 29.69 13.40
C LEU A 427 31.90 29.29 13.95
N ILE A 428 31.54 27.99 13.84
CA ILE A 428 30.25 27.57 14.41
C ILE A 428 30.29 27.72 15.93
N VAL A 429 31.41 27.38 16.56
CA VAL A 429 31.50 27.55 17.98
C VAL A 429 31.47 29.06 18.23
N GLU A 430 32.12 29.86 17.38
CA GLU A 430 32.23 31.31 17.67
C GLU A 430 30.83 31.92 17.64
N ALA A 431 30.03 31.44 16.71
CA ALA A 431 28.72 32.00 16.52
C ALA A 431 27.90 31.67 17.77
N GLY A 432 28.07 30.44 18.22
CA GLY A 432 27.44 29.98 19.43
C GLY A 432 27.83 30.83 20.62
N MET A 433 29.03 31.39 20.64
CA MET A 433 29.46 32.21 21.79
C MET A 433 28.92 33.62 21.69
N ARG A 434 28.87 34.16 20.49
CA ARG A 434 28.45 35.55 20.27
C ARG A 434 26.95 35.70 20.30
N ASN A 435 26.27 34.70 19.78
CA ASN A 435 24.81 34.72 19.78
C ASN A 435 24.22 33.59 20.57
N GLN A 436 24.09 33.82 21.86
CA GLN A 436 23.81 32.74 22.78
C GLN A 436 22.33 32.40 22.73
N THR A 437 22.01 31.22 22.18
CA THR A 437 20.62 30.80 22.05
C THR A 437 20.49 29.31 22.38
N PRO A 438 19.27 28.81 22.57
CA PRO A 438 19.15 27.40 22.94
C PRO A 438 19.61 26.48 21.82
N GLN A 439 19.42 26.84 20.56
CA GLN A 439 19.77 25.94 19.45
C GLN A 439 20.55 26.62 18.32
N PRO A 440 21.21 25.82 17.48
CA PRO A 440 21.37 24.39 17.69
C PRO A 440 22.32 24.11 18.83
N THR A 441 21.94 23.23 19.74
CA THR A 441 22.93 22.65 20.64
C THR A 441 24.11 22.13 19.82
N LEU A 442 25.31 22.27 20.37
CA LEU A 442 26.52 21.86 19.66
C LEU A 442 27.01 20.60 20.36
N SER A 443 27.55 19.65 19.60
CA SER A 443 27.99 18.40 20.20
C SER A 443 29.36 18.02 19.68
N VAL A 444 30.37 18.00 20.57
CA VAL A 444 31.71 17.63 20.14
C VAL A 444 31.82 16.10 20.13
N LEU A 445 32.16 15.53 18.97
CA LEU A 445 32.46 14.11 18.87
C LEU A 445 33.89 13.97 19.29
N TYR A 446 34.08 13.93 20.60
CA TYR A 446 35.42 13.98 21.15
C TYR A 446 36.26 12.81 20.60
N ASP A 447 37.40 13.09 19.99
CA ASP A 447 38.28 12.04 19.49
C ASP A 447 39.70 12.46 19.80
N GLU A 448 40.54 11.52 20.19
CA GLU A 448 41.94 11.80 20.58
C GLU A 448 42.70 12.50 19.44
N LYS A 449 42.18 12.37 18.23
CA LYS A 449 42.80 12.98 17.05
C LYS A 449 42.48 14.45 16.87
N THR A 450 41.62 14.97 17.73
CA THR A 450 41.11 16.33 17.57
C THR A 450 42.17 17.34 17.98
N PRO A 451 42.35 18.41 17.17
CA PRO A 451 43.38 19.37 17.58
C PRO A 451 43.13 19.97 18.95
N GLU A 452 44.18 20.28 19.71
CA GLU A 452 43.97 20.84 21.04
C GLU A 452 43.25 22.18 20.94
N ASP A 453 43.56 22.96 19.90
CA ASP A 453 42.99 24.29 19.87
C ASP A 453 41.49 24.26 19.63
N PHE A 454 41.01 23.27 18.88
CA PHE A 454 39.57 23.14 18.72
C PHE A 454 38.93 22.64 19.99
N LEU A 455 39.54 21.66 20.66
CA LEU A 455 39.02 21.22 21.97
C LEU A 455 38.96 22.39 22.97
N MET A 456 40.05 23.13 23.05
CA MET A 456 40.07 24.27 23.99
C MET A 456 39.01 25.29 23.60
N LYS A 457 38.89 25.57 22.31
CA LYS A 457 37.85 26.50 21.85
C LYS A 457 36.48 25.97 22.26
N ALA A 458 36.23 24.69 21.98
CA ALA A 458 34.97 24.08 22.35
C ALA A 458 34.72 24.25 23.86
N ALA A 459 35.74 23.92 24.66
CA ALA A 459 35.69 24.00 26.11
C ALA A 459 35.39 25.45 26.56
N SER A 460 35.95 26.45 25.87
CA SER A 460 35.79 27.81 26.35
C SER A 460 34.32 28.22 26.16
N CYS A 461 33.63 27.60 25.21
CA CYS A 461 32.21 27.82 25.04
C CYS A 461 31.38 27.10 26.10
N THR A 462 31.66 25.81 26.33
CA THR A 462 31.01 25.08 27.41
C THR A 462 31.15 25.79 28.73
N LYS A 463 32.33 26.34 29.01
CA LYS A 463 32.55 26.83 30.37
C LYS A 463 31.66 28.01 30.67
N LEU A 464 31.07 28.59 29.60
CA LEU A 464 30.13 29.70 29.70
C LEU A 464 28.78 29.38 30.36
N GLY A 465 28.42 28.09 30.45
CA GLY A 465 27.18 27.70 31.09
C GLY A 465 25.94 27.82 30.23
N LEU A 466 26.12 27.90 28.92
CA LEU A 466 25.02 27.87 27.94
C LEU A 466 24.56 26.42 27.84
N GLY A 467 25.45 25.53 28.25
CA GLY A 467 25.18 24.12 28.23
C GLY A 467 25.68 23.44 26.99
N TYR A 468 26.15 24.21 26.01
CA TYR A 468 26.80 23.65 24.83
C TYR A 468 28.19 24.27 24.63
N PRO A 469 29.13 23.51 24.00
CA PRO A 469 28.97 22.12 23.52
C PRO A 469 28.89 21.11 24.64
N ALA A 470 28.06 20.11 24.40
CA ALA A 470 28.09 18.86 25.15
C ALA A 470 29.16 18.01 24.47
N TRP A 471 29.57 16.96 25.16
CA TRP A 471 30.76 16.18 24.78
C TRP A 471 30.39 14.71 24.71
N MET A 472 30.67 14.06 23.58
CA MET A 472 30.22 12.69 23.34
C MET A 472 31.40 11.93 22.82
N ASN A 473 31.49 10.64 23.14
CA ASN A 473 32.71 9.85 22.90
C ASN A 473 32.71 9.28 21.48
N ASN A 474 33.46 9.87 20.56
CA ASN A 474 33.39 9.41 19.17
C ASN A 474 33.66 7.93 19.07
N GLN A 475 34.64 7.45 19.84
CA GLN A 475 35.05 6.05 19.71
C GLN A 475 33.93 5.12 20.20
N THR A 476 33.32 5.46 21.32
CA THR A 476 32.27 4.62 21.89
C THR A 476 31.06 4.58 20.97
N GLY A 477 30.74 5.74 20.40
CA GLY A 477 29.70 5.82 19.38
C GLY A 477 29.93 4.95 18.15
N MET A 478 31.13 5.06 17.56
CA MET A 478 31.44 4.21 16.42
C MET A 478 31.35 2.73 16.88
N ASN A 479 31.79 2.44 18.10
CA ASN A 479 31.73 1.07 18.60
C ASN A 479 30.29 0.55 18.62
N PHE A 480 29.37 1.34 19.18
CA PHE A 480 27.95 0.96 19.13
C PHE A 480 27.50 0.80 17.68
N MET A 481 27.98 1.67 16.81
CA MET A 481 27.54 1.63 15.40
C MET A 481 27.93 0.32 14.72
N MET A 482 29.17 -0.10 14.92
CA MET A 482 29.66 -1.39 14.38
C MET A 482 28.90 -2.57 15.00
N ARG A 483 28.75 -2.58 16.31
CA ARG A 483 27.97 -3.62 16.96
C ARG A 483 26.52 -3.67 16.47
N ASN A 484 25.77 -2.58 16.62
CA ASN A 484 24.34 -2.61 16.36
C ASN A 484 24.02 -2.81 14.88
N TYR A 485 24.76 -2.13 14.03
CA TYR A 485 24.46 -2.16 12.60
C TYR A 485 25.34 -3.11 11.82
N GLY A 486 26.15 -3.83 12.56
CA GLY A 486 26.96 -4.89 11.95
C GLY A 486 26.16 -5.76 11.00
N PRO A 487 24.97 -6.24 11.45
CA PRO A 487 24.28 -7.16 10.55
C PRO A 487 23.86 -6.50 9.27
N GLU A 488 23.75 -5.16 9.19
CA GLU A 488 23.38 -4.54 7.93
C GLU A 488 24.58 -4.08 7.15
N GLY A 489 25.78 -4.56 7.49
CA GLY A 489 26.98 -4.19 6.72
C GLY A 489 27.80 -2.98 7.19
N MET A 490 27.43 -2.39 8.32
CA MET A 490 28.10 -1.14 8.82
C MET A 490 29.62 -1.38 8.75
N ASP A 491 30.36 -0.50 8.08
CA ASP A 491 31.83 -0.61 8.05
C ASP A 491 32.46 0.58 8.76
N LEU A 492 33.78 0.64 8.82
CA LEU A 492 34.45 1.69 9.57
C LEU A 492 34.14 3.03 8.95
N HIS A 493 33.97 3.05 7.63
CA HIS A 493 33.73 4.29 6.95
C HIS A 493 32.39 4.88 7.35
N ASP A 494 31.27 4.14 7.25
CA ASP A 494 29.97 4.75 7.61
C ASP A 494 29.95 5.02 9.10
N ALA A 495 30.62 4.16 9.87
CA ALA A 495 30.67 4.30 11.33
C ALA A 495 31.23 5.68 11.68
N ARG A 496 32.32 6.06 11.01
CA ARG A 496 32.89 7.37 11.24
C ARG A 496 31.95 8.54 10.97
N ALA A 497 30.92 8.34 10.13
CA ALA A 497 29.97 9.40 9.70
C ALA A 497 28.82 9.55 10.68
N TRP A 498 28.79 8.68 11.69
CA TRP A 498 27.76 8.79 12.73
C TRP A 498 27.76 10.16 13.40
N CYS A 499 26.61 10.55 13.95
CA CYS A 499 26.61 11.49 15.07
C CYS A 499 25.25 11.38 15.77
N LEU A 500 24.86 12.42 16.53
CA LEU A 500 23.75 12.32 17.47
C LEU A 500 22.52 12.70 16.74
N GLY A 501 21.57 11.76 16.67
CA GLY A 501 20.19 12.08 16.33
C GLY A 501 19.59 12.69 17.56
N GLY A 502 18.86 13.79 17.36
CA GLY A 502 18.30 14.54 18.47
C GLY A 502 19.37 14.86 19.47
N CYS A 503 19.02 14.75 20.75
N CYS A 503 19.08 14.74 20.76
CA CYS A 503 19.98 14.99 21.83
CA CYS A 503 20.11 15.06 21.76
C CYS A 503 21.16 14.01 21.81
C CYS A 503 21.22 14.00 21.82
N LEU A 504 20.89 12.72 21.98
CA LEU A 504 21.96 11.69 22.20
C LEU A 504 21.73 10.37 21.49
N GLU A 505 20.80 10.34 20.56
CA GLU A 505 20.42 9.09 19.94
C GLU A 505 21.33 8.80 18.82
N SER A 506 22.44 8.18 19.18
CA SER A 506 23.50 7.89 18.25
C SER A 506 22.85 7.35 16.97
N ALA A 507 23.19 7.95 15.83
CA ALA A 507 22.45 7.63 14.63
C ALA A 507 23.40 7.36 13.46
N PRO A 508 23.07 6.36 12.63
CA PRO A 508 23.87 6.00 11.45
C PRO A 508 24.06 7.16 10.50
N GLY A 509 25.21 7.13 9.83
CA GLY A 509 25.51 8.14 8.85
C GLY A 509 26.35 7.49 7.78
N CYS A 510 26.66 8.23 6.71
CA CYS A 510 27.66 7.75 5.75
C CYS A 510 28.18 9.04 5.12
N PHE A 511 29.25 8.89 4.38
CA PHE A 511 29.88 9.96 3.59
C PHE A 511 29.44 9.83 2.10
N LEU A 512 29.24 10.94 1.42
CA LEU A 512 28.88 10.88 -0.01
C LEU A 512 29.76 11.88 -0.72
N PRO A 513 30.10 11.63 -2.00
CA PRO A 513 31.08 12.50 -2.65
C PRO A 513 30.43 13.75 -3.22
N LEU A 514 30.60 14.88 -2.54
CA LEU A 514 30.16 16.18 -3.06
C LEU A 514 31.21 16.77 -4.02
N GLU A 515 30.88 16.97 -5.29
CA GLU A 515 31.84 17.69 -6.12
C GLU A 515 31.55 19.18 -6.06
N TYR A 516 32.60 19.93 -5.81
CA TYR A 516 32.44 21.36 -5.74
C TYR A 516 33.81 21.96 -5.84
N ASN A 517 33.88 23.12 -6.47
CA ASN A 517 35.11 23.89 -6.49
C ASN A 517 36.25 23.02 -7.06
N GLY A 518 35.92 22.24 -8.10
CA GLY A 518 36.88 21.38 -8.77
C GLY A 518 37.50 20.25 -7.94
N LYS A 519 36.84 19.85 -6.86
CA LYS A 519 37.32 18.70 -6.14
C LYS A 519 36.16 17.94 -5.51
N VAL A 520 36.48 16.79 -4.99
CA VAL A 520 35.45 15.96 -4.36
C VAL A 520 35.69 15.93 -2.88
N THR A 521 34.66 16.22 -2.11
CA THR A 521 34.73 16.07 -0.66
C THR A 521 33.70 15.05 -0.15
N MET A 522 34.11 14.04 0.62
CA MET A 522 33.17 13.06 1.23
C MET A 522 32.57 13.78 2.40
N ILE A 523 31.34 14.25 2.25
CA ILE A 523 30.67 14.97 3.36
C ILE A 523 29.73 14.04 4.10
N PRO A 524 29.57 14.29 5.36
CA PRO A 524 28.80 13.25 6.05
C PRO A 524 27.32 13.57 6.04
N GLY A 525 26.51 12.60 6.46
CA GLY A 525 25.07 12.83 6.48
C GLY A 525 24.36 11.59 7.02
N GLY A 526 23.18 11.71 7.59
CA GLY A 526 22.59 10.57 8.24
C GLY A 526 22.16 9.53 7.24
N ALA A 527 21.97 8.31 7.73
CA ALA A 527 21.73 7.20 6.85
C ALA A 527 20.72 6.20 7.46
N SER A 528 19.98 6.61 8.49
CA SER A 528 18.90 5.77 9.02
C SER A 528 17.58 6.53 9.13
N PRO A 529 16.47 5.83 9.38
CA PRO A 529 15.28 6.53 9.89
C PRO A 529 15.41 6.91 11.40
N THR A 530 14.28 7.12 12.05
CA THR A 530 14.26 7.58 13.43
C THR A 530 15.02 6.60 14.31
N CYS A 531 15.93 7.08 15.19
CA CYS A 531 16.58 6.21 16.19
C CYS A 531 16.15 6.62 17.60
N GLY A 532 14.92 7.13 17.70
CA GLY A 532 14.34 7.42 19.01
C GLY A 532 12.85 7.18 18.98
N THR A 533 12.52 5.96 18.57
CA THR A 533 11.18 5.47 18.32
C THR A 533 11.19 3.97 18.69
N GLY A 534 10.06 3.49 19.22
CA GLY A 534 9.89 2.08 19.54
C GLY A 534 9.10 1.99 20.85
N VAL A 535 9.71 1.43 21.88
CA VAL A 535 9.09 1.40 23.18
C VAL A 535 9.55 2.67 23.91
N HIS A 536 8.68 3.66 24.05
CA HIS A 536 9.07 4.89 24.68
C HIS A 536 9.20 4.84 26.23
N PHE A 537 9.87 5.86 26.76
CA PHE A 537 10.26 5.97 28.16
C PHE A 537 9.37 5.18 29.06
N ILE A 538 9.96 4.15 29.63
CA ILE A 538 9.32 3.32 30.63
C ILE A 538 9.83 3.80 32.02
N GLY A 539 8.95 4.26 32.90
CA GLY A 539 9.38 4.71 34.22
C GLY A 539 9.73 3.50 35.07
N MET A 540 10.99 3.10 35.04
CA MET A 540 11.40 1.91 35.73
C MET A 540 11.14 1.94 37.26
N PRO A 541 11.21 3.13 37.89
CA PRO A 541 10.96 3.18 39.33
C PRO A 541 9.51 2.88 39.57
N LYS A 542 8.66 3.31 38.66
CA LYS A 542 7.22 3.11 38.83
C LYS A 542 6.86 1.64 38.62
N VAL A 543 7.62 0.96 37.76
CA VAL A 543 7.38 -0.45 37.56
C VAL A 543 7.78 -1.18 38.83
N LEU A 544 8.91 -0.76 39.45
CA LEU A 544 9.35 -1.34 40.74
C LEU A 544 8.28 -1.15 41.77
N GLU A 545 7.80 0.09 41.88
CA GLU A 545 6.67 0.38 42.73
C GLU A 545 5.57 -0.70 42.59
N LEU A 546 5.21 -1.05 41.36
CA LEU A 546 4.04 -1.92 41.15
C LEU A 546 4.39 -3.36 41.49
N VAL A 547 5.66 -3.74 41.45
CA VAL A 547 6.08 -5.01 42.00
C VAL A 547 5.68 -4.98 43.50
N LEU A 548 6.07 -3.92 44.19
CA LEU A 548 5.85 -3.90 45.63
C LEU A 548 4.37 -3.78 45.99
N THR A 549 3.57 -3.21 45.08
CA THR A 549 2.16 -3.03 45.35
C THR A 549 1.32 -4.03 44.53
N ASN A 550 1.96 -5.10 44.11
CA ASN A 550 1.22 -6.23 43.51
C ASN A 550 0.37 -5.85 42.29
N GLY A 551 0.88 -4.93 41.51
CA GLY A 551 0.30 -4.62 40.23
C GLY A 551 -0.64 -3.43 40.34
N LEU A 552 -0.93 -3.00 41.55
CA LEU A 552 -1.94 -1.98 41.77
C LEU A 552 -1.26 -0.61 41.88
N ASP A 553 -1.70 0.34 41.07
CA ASP A 553 -1.15 1.68 41.12
C ASP A 553 -1.85 2.41 42.21
N LYS A 554 -1.13 2.61 43.32
CA LYS A 554 -1.75 3.21 44.52
C LYS A 554 -1.99 4.71 44.35
N ARG A 555 -1.33 5.32 43.39
CA ARG A 555 -1.59 6.74 43.15
C ARG A 555 -2.97 6.88 42.59
N THR A 556 -3.42 5.91 41.82
CA THR A 556 -4.69 6.05 41.10
C THR A 556 -5.82 5.08 41.54
N GLY A 557 -5.46 4.03 42.26
CA GLY A 557 -6.42 2.97 42.60
C GLY A 557 -6.69 2.00 41.45
N LYS A 558 -5.93 2.10 40.38
CA LYS A 558 -6.14 1.19 39.25
C LYS A 558 -5.17 0.00 39.27
N GLN A 559 -5.70 -1.21 39.05
CA GLN A 559 -4.88 -2.41 38.89
C GLN A 559 -4.23 -2.36 37.51
N VAL A 560 -2.95 -2.06 37.44
CA VAL A 560 -2.33 -1.89 36.14
C VAL A 560 -1.87 -3.22 35.55
N TYR A 561 -1.10 -3.97 36.32
CA TYR A 561 -0.58 -5.27 35.89
C TYR A 561 -1.38 -6.38 36.58
N PRO A 562 -1.41 -7.57 35.98
CA PRO A 562 -2.02 -8.67 36.73
C PRO A 562 -1.27 -8.91 38.04
N PRO A 563 -2.00 -9.03 39.18
CA PRO A 563 -1.27 -9.20 40.43
C PRO A 563 -0.39 -10.46 40.35
N HIS A 564 0.86 -10.35 40.77
CA HIS A 564 1.73 -11.53 40.80
C HIS A 564 1.45 -12.37 42.06
N ASN A 565 0.93 -11.77 43.12
CA ASN A 565 0.63 -12.50 44.38
C ASN A 565 1.80 -13.28 44.95
N LYS A 566 3.01 -12.87 44.65
CA LYS A 566 4.19 -13.54 45.20
C LYS A 566 4.62 -12.89 46.50
N LYS A 567 4.93 -13.69 47.51
CA LYS A 567 5.66 -13.22 48.68
C LYS A 567 7.03 -12.74 48.21
N LEU A 568 7.32 -11.47 48.45
CA LEU A 568 8.63 -10.91 48.16
C LEU A 568 9.65 -11.35 49.20
N ASP A 569 10.03 -12.62 49.12
CA ASP A 569 10.76 -13.32 50.17
C ASP A 569 12.27 -13.17 50.03
N SER A 570 12.73 -12.73 48.87
CA SER A 570 14.15 -12.50 48.66
C SER A 570 14.37 -11.32 47.74
N TYR A 571 15.57 -10.77 47.73
CA TYR A 571 15.95 -9.83 46.68
C TYR A 571 15.73 -10.44 45.26
N GLU A 572 16.19 -11.67 45.04
CA GLU A 572 16.09 -12.29 43.72
C GLU A 572 14.61 -12.37 43.27
N THR A 573 13.70 -12.74 44.17
CA THR A 573 12.29 -12.82 43.80
C THR A 573 11.72 -11.48 43.39
N MET A 574 12.04 -10.43 44.15
CA MET A 574 11.56 -9.10 43.82
C MET A 574 12.15 -8.62 42.48
N VAL A 575 13.44 -8.83 42.26
CA VAL A 575 14.04 -8.44 40.99
C VAL A 575 13.48 -9.25 39.81
N ASN A 576 13.28 -10.56 40.00
CA ASN A 576 12.64 -11.38 38.95
C ASN A 576 11.22 -10.91 38.66
N GLN A 577 10.45 -10.52 39.69
CA GLN A 577 9.13 -10.01 39.41
C GLN A 577 9.23 -8.67 38.63
N TRP A 578 10.24 -7.86 38.96
CA TRP A 578 10.46 -6.63 38.23
C TRP A 578 10.71 -6.93 36.77
N LYS A 579 11.53 -7.94 36.52
CA LYS A 579 11.94 -8.27 35.16
C LYS A 579 10.72 -8.76 34.41
N GLU A 580 9.92 -9.54 35.10
CA GLU A 580 8.72 -10.10 34.48
C GLU A 580 7.78 -8.96 34.04
N TYR A 581 7.57 -7.95 34.90
CA TYR A 581 6.71 -6.82 34.55
C TYR A 581 7.38 -5.95 33.44
N MET A 582 8.70 -5.83 33.46
CA MET A 582 9.40 -5.02 32.43
C MET A 582 9.25 -5.72 31.05
N GLU A 583 9.35 -7.05 31.03
CA GLU A 583 9.18 -7.82 29.81
C GLU A 583 7.75 -7.81 29.23
N LEU A 584 6.74 -7.89 30.10
CA LEU A 584 5.33 -7.73 29.69
C LEU A 584 5.04 -6.34 29.08
N THR A 585 5.48 -5.33 29.83
CA THR A 585 5.44 -3.97 29.41
C THR A 585 6.12 -3.84 28.06
N THR A 586 7.32 -4.36 27.92
CA THR A 586 8.03 -4.15 26.69
C THR A 586 7.31 -4.87 25.58
N ASP A 587 6.93 -6.11 25.82
CA ASP A 587 6.16 -6.88 24.80
C ASP A 587 4.90 -6.10 24.28
N VAL A 588 4.00 -5.67 25.15
CA VAL A 588 2.73 -5.13 24.65
C VAL A 588 2.89 -3.76 24.00
N VAL A 589 3.80 -2.96 24.54
CA VAL A 589 4.02 -1.64 24.04
C VAL A 589 4.69 -1.78 22.68
N ASN A 590 5.59 -2.73 22.59
CA ASN A 590 6.32 -2.90 21.32
C ASN A 590 5.40 -3.30 20.18
N ARG A 591 4.48 -4.21 20.49
CA ARG A 591 3.58 -4.66 19.46
C ARG A 591 2.66 -3.54 19.03
N CYS A 592 2.22 -2.69 19.97
CA CYS A 592 1.31 -1.61 19.60
C CYS A 592 2.08 -0.52 18.85
N ASN A 593 3.31 -0.21 19.30
CA ASN A 593 4.07 0.83 18.65
C ASN A 593 4.57 0.43 17.27
N ASN A 594 4.87 -0.85 17.06
CA ASN A 594 5.09 -1.34 15.70
C ASN A 594 3.91 -1.07 14.78
N ILE A 595 2.69 -1.27 15.26
CA ILE A 595 1.55 -1.09 14.41
C ILE A 595 1.44 0.40 14.12
N GLN A 596 1.69 1.23 15.14
CA GLN A 596 1.65 2.66 14.98
C GLN A 596 2.53 3.10 13.81
N MET A 597 3.81 2.71 13.89
CA MET A 597 4.82 3.18 12.94
C MET A 597 4.57 2.48 11.61
N ASP A 598 4.06 1.25 11.64
CA ASP A 598 3.83 0.52 10.38
C ASP A 598 2.68 1.17 9.60
N ILE A 599 1.64 1.58 10.30
CA ILE A 599 0.49 2.29 9.62
C ILE A 599 1.06 3.55 9.05
N TRP A 600 1.85 4.27 9.84
CA TRP A 600 2.51 5.51 9.38
C TRP A 600 3.44 5.29 8.14
N ARG A 601 4.33 4.29 8.15
CA ARG A 601 5.24 4.21 7.05
C ARG A 601 4.51 3.72 5.81
N LYS A 602 3.39 3.03 6.01
CA LYS A 602 2.57 2.56 4.85
C LYS A 602 1.56 3.54 4.22
N TYR A 603 0.92 4.38 5.06
CA TYR A 603 -0.10 5.36 4.63
C TYR A 603 0.40 6.81 4.69
N ASN A 604 1.61 7.01 5.21
CA ASN A 604 2.13 8.32 5.56
C ASN A 604 3.67 8.42 5.50
N MET A 605 4.27 7.84 4.46
CA MET A 605 5.71 7.62 4.43
C MET A 605 6.36 8.97 4.12
N PRO A 606 7.61 9.14 4.53
CA PRO A 606 8.27 10.42 4.27
C PRO A 606 8.43 10.76 2.79
N ALA A 607 8.21 12.02 2.44
CA ALA A 607 8.40 12.46 1.08
C ALA A 607 9.73 13.16 0.98
N VAL A 608 9.92 14.26 1.72
CA VAL A 608 11.17 15.01 1.63
C VAL A 608 12.38 14.11 2.13
N ASN A 609 12.20 13.48 3.27
CA ASN A 609 13.24 12.72 3.87
C ASN A 609 13.54 11.47 3.05
N SER A 610 12.53 10.94 2.34
CA SER A 610 12.76 9.85 1.40
C SER A 610 13.55 10.30 0.16
N LEU A 611 13.51 11.58 -0.14
CA LEU A 611 14.32 12.07 -1.24
C LEU A 611 15.71 12.17 -0.70
N LEU A 612 15.87 12.78 0.49
CA LEU A 612 17.21 13.11 0.98
C LEU A 612 17.99 11.90 1.52
N LYS A 613 17.34 10.97 2.21
CA LYS A 613 18.09 9.97 2.98
C LYS A 613 18.72 8.84 2.11
N PRO A 614 20.08 8.64 2.12
CA PRO A 614 20.51 7.46 1.36
C PRO A 614 20.11 6.17 2.09
N ASP A 615 19.86 5.05 1.40
CA ASP A 615 20.05 4.91 -0.04
C ASP A 615 18.71 4.86 -0.77
N CYS A 616 17.71 5.62 -0.27
CA CYS A 616 16.41 5.69 -0.97
C CYS A 616 16.51 5.91 -2.44
N PHE A 617 17.23 6.95 -2.87
CA PHE A 617 17.18 7.31 -4.26
C PHE A 617 17.85 6.26 -5.14
N LYS A 618 18.92 5.67 -4.62
CA LYS A 618 19.72 4.74 -5.38
C LYS A 618 18.99 3.40 -5.52
N LYS A 619 18.26 3.03 -4.47
CA LYS A 619 17.45 1.82 -4.49
C LYS A 619 16.06 1.97 -5.05
N GLY A 620 15.52 3.20 -5.12
CA GLY A 620 14.14 3.38 -5.58
C GLY A 620 13.12 2.94 -4.52
N LYS A 621 13.49 3.08 -3.24
CA LYS A 621 12.62 2.70 -2.12
C LYS A 621 12.55 3.90 -1.16
N HIS A 622 11.38 4.25 -0.65
CA HIS A 622 11.32 5.30 0.35
C HIS A 622 11.69 4.72 1.75
N ILE A 623 11.70 5.61 2.77
CA ILE A 623 12.06 5.24 4.13
C ILE A 623 11.21 4.11 4.69
N GLY A 624 9.94 4.18 4.32
CA GLY A 624 8.95 3.18 4.74
C GLY A 624 9.26 1.79 4.22
N THR A 625 9.89 1.70 3.07
CA THR A 625 10.19 0.42 2.49
C THR A 625 11.69 0.10 2.61
N MET A 626 12.32 0.67 3.62
CA MET A 626 13.72 0.32 4.03
C MET A 626 14.72 0.81 3.00
N GLY A 627 14.36 1.91 2.34
CA GLY A 627 15.31 2.57 1.47
C GLY A 627 16.47 3.11 2.29
N ALA A 628 16.31 3.42 3.62
CA ALA A 628 17.44 4.05 4.33
C ALA A 628 18.51 2.92 4.37
N ARG A 629 19.81 3.24 4.49
CA ARG A 629 20.91 2.24 4.49
C ARG A 629 20.83 1.41 5.75
N TYR A 630 20.46 2.03 6.85
CA TYR A 630 20.48 1.41 8.15
C TYR A 630 19.10 1.53 8.80
N ASN A 631 18.52 0.38 9.11
CA ASN A 631 17.14 0.34 9.55
C ASN A 631 16.95 -0.37 10.93
N SER A 632 18.05 -0.87 11.50
CA SER A 632 18.04 -1.37 12.89
C SER A 632 18.04 -0.20 13.90
N CYS A 633 17.15 0.79 13.71
CA CYS A 633 17.20 2.03 14.49
C CYS A 633 16.18 2.07 15.65
N ILE A 634 15.22 1.16 15.63
CA ILE A 634 14.10 1.21 16.55
C ILE A 634 14.58 0.71 17.88
N ASN A 635 14.07 1.26 19.00
CA ASN A 635 14.71 0.99 20.29
C ASN A 635 13.71 0.94 21.45
N PHE A 636 14.25 0.77 22.64
CA PHE A 636 13.46 0.76 23.88
C PHE A 636 14.07 1.84 24.76
N GLU A 637 13.25 2.72 25.34
CA GLU A 637 13.75 3.85 26.13
C GLU A 637 13.47 3.60 27.63
N SER A 638 14.52 3.54 28.43
CA SER A 638 14.31 3.52 29.88
C SER A 638 14.20 4.94 30.42
N CYS A 639 13.88 5.06 31.71
CA CYS A 639 13.83 6.37 32.38
C CYS A 639 13.89 6.12 33.87
N GLY A 640 14.66 6.91 34.62
CA GLY A 640 14.73 6.67 36.04
C GLY A 640 15.74 5.60 36.39
N THR A 641 16.75 5.41 35.55
CA THR A 641 17.71 4.36 35.85
C THR A 641 18.36 4.48 37.22
N ILE A 642 18.81 5.68 37.62
CA ILE A 642 19.52 5.78 38.90
C ILE A 642 18.52 5.73 40.08
N THR A 643 17.39 6.41 39.95
CA THR A 643 16.37 6.30 40.98
C THR A 643 16.12 4.80 41.25
N PHE A 644 16.16 4.00 40.18
CA PHE A 644 15.77 2.60 40.22
C PHE A 644 16.88 1.81 40.85
N VAL A 645 18.11 1.99 40.34
CA VAL A 645 19.22 1.26 40.90
C VAL A 645 19.37 1.57 42.42
N ASN A 646 19.18 2.85 42.79
CA ASN A 646 19.32 3.28 44.19
C ASN A 646 18.20 2.72 45.07
N SER A 647 17.00 2.53 44.52
CA SER A 647 15.94 1.88 45.25
C SER A 647 16.28 0.43 45.49
N LEU A 648 16.74 -0.27 44.45
CA LEU A 648 17.14 -1.66 44.65
C LEU A 648 18.24 -1.76 45.71
N SER A 649 19.21 -0.86 45.65
CA SER A 649 20.28 -0.82 46.63
C SER A 649 19.72 -0.79 48.03
N SER A 650 18.79 0.14 48.24
CA SER A 650 18.20 0.40 49.54
C SER A 650 17.40 -0.81 50.04
N ILE A 651 16.60 -1.41 49.17
CA ILE A 651 15.79 -2.55 49.55
C ILE A 651 16.68 -3.76 49.89
N LYS A 652 17.67 -4.02 49.04
CA LYS A 652 18.57 -5.13 49.28
C LYS A 652 19.34 -4.90 50.59
N LYS A 653 19.69 -3.65 50.85
CA LYS A 653 20.53 -3.36 52.01
C LYS A 653 19.68 -3.51 53.26
N ASN A 654 18.56 -2.80 53.25
CA ASN A 654 17.77 -2.56 54.44
C ASN A 654 16.84 -3.73 54.75
N VAL A 655 16.26 -4.29 53.70
CA VAL A 655 15.32 -5.39 53.84
C VAL A 655 16.00 -6.77 53.83
N PHE A 656 16.71 -7.10 52.74
CA PHE A 656 17.15 -8.48 52.51
C PHE A 656 18.53 -8.91 53.07
N ASP A 657 19.51 -8.01 53.07
CA ASP A 657 20.83 -8.32 53.60
C ASP A 657 20.89 -8.06 55.08
N ASP A 658 20.60 -6.83 55.50
CA ASP A 658 20.71 -6.46 56.92
C ASP A 658 19.43 -6.82 57.67
N SER A 659 18.32 -7.02 56.95
CA SER A 659 17.07 -7.41 57.58
C SER A 659 16.67 -6.48 58.72
N LYS A 660 17.01 -5.20 58.58
CA LYS A 660 16.66 -4.23 59.60
C LYS A 660 15.20 -3.82 59.47
N PHE A 661 14.64 -3.92 58.25
CA PHE A 661 13.22 -3.62 58.00
C PHE A 661 12.57 -4.71 57.14
N THR A 662 11.25 -4.85 57.25
CA THR A 662 10.56 -5.84 56.44
C THR A 662 10.13 -5.18 55.16
N ILE A 663 9.84 -6.00 54.16
CA ILE A 663 9.46 -5.50 52.85
C ILE A 663 8.13 -4.77 52.98
N GLU A 664 7.30 -5.20 53.93
CA GLU A 664 6.04 -4.53 54.25
C GLU A 664 6.30 -3.17 54.87
N GLU A 665 7.32 -3.10 55.72
CA GLU A 665 7.72 -1.84 56.35
C GLU A 665 8.16 -0.84 55.28
N MET A 666 9.02 -1.31 54.39
CA MET A 666 9.51 -0.47 53.30
C MET A 666 8.37 0.03 52.45
N THR A 667 7.43 -0.87 52.10
CA THR A 667 6.37 -0.56 51.16
C THR A 667 5.42 0.45 51.76
N ASP A 668 5.08 0.25 53.03
CA ASP A 668 4.19 1.17 53.74
C ASP A 668 4.85 2.54 53.86
N ALA A 669 6.15 2.53 54.12
CA ALA A 669 6.90 3.76 54.27
C ALA A 669 6.88 4.54 52.95
N MET A 670 6.99 3.83 51.83
CA MET A 670 6.93 4.49 50.51
C MET A 670 5.52 5.00 50.20
N LEU A 671 4.51 4.17 50.45
CA LEU A 671 3.13 4.57 50.17
C LEU A 671 2.75 5.78 50.99
N ASN A 672 3.39 5.90 52.15
CA ASN A 672 3.09 6.95 53.07
C ASN A 672 4.05 8.10 52.94
N ASN A 673 4.88 8.04 51.90
CA ASN A 673 5.80 9.14 51.60
C ASN A 673 6.75 9.50 52.75
N PHE A 674 7.17 8.49 53.49
CA PHE A 674 7.97 8.66 54.70
C PHE A 674 7.46 9.74 55.67
N GLY A 675 6.17 10.04 55.61
CA GLY A 675 5.57 10.93 56.58
C GLY A 675 5.54 12.38 56.14
N PHE A 676 6.24 12.66 55.05
CA PHE A 676 6.33 14.00 54.50
C PHE A 676 5.16 14.32 53.61
N LYS A 677 4.89 15.60 53.46
CA LYS A 677 3.85 16.08 52.57
C LYS A 677 4.33 15.78 51.16
N THR A 678 3.39 15.55 50.26
CA THR A 678 3.75 15.15 48.91
C THR A 678 3.90 16.36 48.02
N ALA A 679 4.61 16.17 46.91
CA ALA A 679 4.77 17.21 45.91
C ALA A 679 3.42 17.53 45.26
N TYR A 680 2.44 16.65 45.41
CA TYR A 680 1.10 16.96 44.88
C TYR A 680 0.43 18.09 45.68
N GLU A 681 0.92 18.32 46.88
CA GLU A 681 0.40 19.36 47.76
C GLU A 681 1.34 20.57 47.82
N THR A 682 2.64 20.33 47.79
CA THR A 682 3.63 21.39 48.04
C THR A 682 4.17 21.99 46.77
N GLU A 683 4.04 21.24 45.70
CA GLU A 683 4.64 21.59 44.43
C GLU A 683 6.13 21.90 44.55
N VAL A 684 6.84 21.11 45.35
CA VAL A 684 8.30 21.07 45.23
C VAL A 684 8.73 19.67 44.73
N PHE A 685 9.42 19.65 43.60
CA PHE A 685 9.62 18.42 42.86
C PHE A 685 11.04 17.92 42.96
N SER A 686 11.70 18.30 44.06
CA SER A 686 13.03 17.79 44.37
C SER A 686 13.12 17.53 45.89
N PRO A 687 14.24 16.91 46.36
CA PRO A 687 14.60 16.79 47.78
C PRO A 687 14.77 18.13 48.48
N ASP A 688 14.69 19.21 47.71
CA ASP A 688 15.09 20.51 48.19
C ASP A 688 14.26 20.99 49.38
N PHE A 689 12.98 20.63 49.36
CA PHE A 689 12.09 21.09 50.40
C PHE A 689 11.12 19.97 50.70
N ARG A 690 11.14 19.52 51.95
CA ARG A 690 10.11 18.60 52.40
C ARG A 690 9.40 19.23 53.58
N GLU A 691 8.08 19.35 53.47
CA GLU A 691 7.28 19.81 54.58
C GLU A 691 7.11 18.61 55.52
N SER A 692 7.72 18.70 56.71
CA SER A 692 8.03 17.52 57.53
C SER A 692 6.92 17.07 58.47
N THR A 693 5.70 16.97 57.94
CA THR A 693 4.53 16.63 58.76
C THR A 693 4.83 15.53 59.78
N ASP A 694 4.10 15.61 60.90
CA ASP A 694 4.40 14.85 62.12
C ASP A 694 4.52 13.35 61.95
N LYS A 695 3.96 12.82 60.86
CA LYS A 695 4.07 11.39 60.60
C LYS A 695 5.49 11.05 60.15
N SER A 696 6.37 12.03 60.13
CA SER A 696 7.74 11.81 59.66
C SER A 696 8.58 11.08 60.72
N THR A 697 8.42 11.41 62.00
CA THR A 697 9.18 10.74 63.04
C THR A 697 8.79 9.28 62.98
N LYS A 698 7.51 9.05 62.71
CA LYS A 698 7.03 7.69 62.49
C LYS A 698 7.91 6.89 61.50
N TYR A 699 8.51 7.55 60.51
CA TYR A 699 9.33 6.87 59.51
C TYR A 699 10.75 7.39 59.46
N GLU A 700 11.15 8.17 60.46
CA GLU A 700 12.47 8.81 60.38
C GLU A 700 13.62 7.79 60.28
N LYS A 701 13.51 6.65 60.95
CA LYS A 701 14.56 5.63 60.97
C LYS A 701 14.72 4.95 59.58
N ILE A 702 13.60 4.53 59.01
CA ILE A 702 13.60 3.85 57.71
C ILE A 702 13.98 4.85 56.61
N PHE A 703 13.50 6.08 56.74
CA PHE A 703 13.83 7.14 55.81
C PHE A 703 15.32 7.39 55.82
N ALA A 704 15.91 7.46 57.01
CA ALA A 704 17.35 7.70 57.08
C ALA A 704 18.10 6.48 56.52
N ALA A 705 17.59 5.27 56.79
CA ALA A 705 18.22 4.04 56.29
C ALA A 705 18.18 4.05 54.77
N CYS A 706 17.11 4.57 54.21
CA CYS A 706 16.96 4.65 52.77
C CYS A 706 17.89 5.68 52.14
N VAL A 707 17.97 6.86 52.74
CA VAL A 707 18.84 7.91 52.23
C VAL A 707 20.27 7.37 52.37
N ASN A 708 20.53 6.62 53.43
CA ASN A 708 21.90 6.19 53.76
C ASN A 708 22.41 4.94 53.05
N ALA A 709 21.53 4.16 52.41
CA ALA A 709 21.97 2.94 51.73
C ALA A 709 22.96 3.30 50.61
N PRO A 710 23.78 2.33 50.17
CA PRO A 710 24.75 2.69 49.11
C PRO A 710 24.04 3.27 47.87
N LYS A 711 24.69 4.25 47.27
CA LYS A 711 24.10 5.09 46.24
C LYS A 711 24.99 5.06 45.04
N TYR A 712 24.39 4.95 43.86
CA TYR A 712 25.16 4.88 42.64
C TYR A 712 25.95 6.17 42.51
N GLY A 713 27.14 6.12 41.91
CA GLY A 713 27.84 7.36 41.64
C GLY A 713 28.84 7.78 42.69
N ASN A 714 29.14 6.87 43.61
CA ASN A 714 30.19 7.05 44.62
C ASN A 714 31.34 6.01 44.54
N ALA A 715 31.47 5.31 43.42
CA ALA A 715 32.40 4.17 43.33
C ALA A 715 32.11 3.21 44.48
N ASP A 716 30.85 3.10 44.89
CA ASP A 716 30.50 2.16 45.94
C ASP A 716 30.10 0.81 45.32
N LYS A 717 30.88 -0.26 45.54
CA LYS A 717 30.68 -1.52 44.79
C LYS A 717 29.34 -2.16 45.03
N TYR A 718 28.71 -1.87 46.16
CA TYR A 718 27.40 -2.47 46.44
C TYR A 718 26.41 -1.91 45.43
N ALA A 719 26.26 -0.60 45.39
CA ALA A 719 25.35 0.00 44.44
C ALA A 719 25.87 -0.28 43.01
N ASP A 720 27.17 -0.22 42.80
CA ASP A 720 27.66 -0.20 41.42
C ASP A 720 27.47 -1.59 40.80
N GLU A 721 27.40 -2.60 41.66
CA GLU A 721 27.21 -3.96 41.14
C GLU A 721 25.82 -4.18 40.65
N ILE A 722 24.84 -3.62 41.36
CA ILE A 722 23.45 -3.66 40.94
C ILE A 722 23.34 -2.95 39.57
N PHE A 723 23.96 -1.78 39.47
CA PHE A 723 23.92 -0.97 38.26
C PHE A 723 24.50 -1.77 37.11
N LYS A 724 25.64 -2.39 37.33
CA LYS A 724 26.24 -3.21 36.30
C LYS A 724 25.28 -4.33 35.85
N ALA A 725 24.66 -4.99 36.82
CA ALA A 725 23.84 -6.17 36.52
C ALA A 725 22.64 -5.70 35.72
N TYR A 726 22.09 -4.56 36.10
CA TYR A 726 21.03 -3.95 35.32
C TYR A 726 21.47 -3.81 33.87
N HIS A 727 22.69 -3.38 33.61
CA HIS A 727 23.09 -3.17 32.21
C HIS A 727 23.12 -4.47 31.39
N TYR A 728 23.61 -5.55 31.96
CA TYR A 728 23.74 -6.76 31.22
C TYR A 728 22.33 -7.35 31.01
N TYR A 729 21.50 -7.24 32.03
CA TYR A 729 20.15 -7.69 31.87
C TYR A 729 19.36 -6.90 30.81
N ILE A 730 19.44 -5.59 30.87
CA ILE A 730 18.63 -4.77 29.98
C ILE A 730 19.09 -4.95 28.54
N TYR A 731 20.36 -5.22 28.30
CA TYR A 731 20.81 -5.36 26.93
C TYR A 731 20.13 -6.65 26.41
N ASP A 732 20.31 -7.71 27.19
CA ASP A 732 19.74 -9.00 26.85
C ASP A 732 18.23 -8.88 26.62
N MET A 733 17.54 -8.19 27.51
CA MET A 733 16.09 -8.06 27.38
C MET A 733 15.69 -7.41 26.07
N THR A 734 16.28 -6.27 25.75
CA THR A 734 15.78 -5.46 24.66
C THR A 734 15.97 -6.15 23.33
N HIS A 735 17.06 -6.94 23.19
CA HIS A 735 17.42 -7.53 21.91
C HIS A 735 16.57 -8.79 21.57
N LYS A 736 15.74 -9.19 22.51
CA LYS A 736 14.78 -10.26 22.24
C LYS A 736 13.56 -9.73 21.48
N PHE A 737 13.38 -8.41 21.42
CA PHE A 737 12.19 -7.91 20.75
C PHE A 737 12.54 -7.51 19.33
N ARG A 738 11.52 -7.35 18.49
CA ARG A 738 11.76 -7.04 17.07
C ARG A 738 10.91 -5.84 16.68
N SER A 739 11.52 -4.89 15.99
CA SER A 739 10.78 -3.72 15.56
C SER A 739 10.01 -4.07 14.26
N TYR A 740 9.21 -3.12 13.78
CA TYR A 740 8.49 -3.26 12.52
C TYR A 740 9.40 -3.42 11.32
N TYR A 741 10.62 -2.97 11.42
CA TYR A 741 11.65 -3.24 10.40
C TYR A 741 12.29 -4.62 10.51
N GLY A 742 11.79 -5.44 11.41
CA GLY A 742 12.38 -6.78 11.67
C GLY A 742 13.74 -6.87 12.33
N LYS A 743 14.14 -5.84 13.10
CA LYS A 743 15.46 -5.78 13.69
C LYS A 743 15.32 -5.81 15.22
N PRO A 744 16.33 -6.36 15.89
CA PRO A 744 16.31 -6.35 17.36
C PRO A 744 16.31 -4.93 17.90
N LEU A 745 15.56 -4.73 18.99
CA LEU A 745 15.69 -3.51 19.75
C LEU A 745 16.97 -3.45 20.56
N TYR A 746 17.38 -2.23 20.92
CA TYR A 746 18.55 -2.00 21.81
C TYR A 746 18.10 -0.88 22.77
N LEU A 747 18.94 -0.51 23.71
CA LEU A 747 18.52 0.42 24.73
C LEU A 747 18.89 1.85 24.37
N CYS A 748 17.93 2.76 24.45
CA CYS A 748 18.25 4.17 24.52
C CYS A 748 18.03 4.59 25.97
N GLN A 749 18.98 5.31 26.56
CA GLN A 749 18.81 5.73 27.97
C GLN A 749 19.20 7.15 28.14
N ILE A 750 18.18 8.00 27.96
CA ILE A 750 18.28 9.39 28.23
C ILE A 750 17.08 9.70 29.11
N SER A 751 17.01 10.93 29.61
CA SER A 751 15.80 11.34 30.32
C SER A 751 15.03 12.41 29.54
N VAL A 752 15.74 13.25 28.76
CA VAL A 752 15.16 14.54 28.33
C VAL A 752 14.47 15.16 29.56
N SER A 753 13.20 15.57 29.44
CA SER A 753 12.46 16.16 30.58
C SER A 753 11.55 15.14 31.25
N THR A 754 11.65 13.88 30.84
CA THR A 754 10.60 12.86 31.11
C THR A 754 10.61 12.48 32.57
N HIS A 755 11.70 12.79 33.27
CA HIS A 755 11.78 12.48 34.68
C HIS A 755 10.85 13.39 35.45
N GLY A 756 10.42 14.50 34.82
CA GLY A 756 9.37 15.34 35.35
C GLY A 756 8.11 14.53 35.59
N PRO A 757 7.45 14.14 34.51
CA PRO A 757 6.17 13.43 34.46
C PRO A 757 6.18 12.07 35.07
N GLN A 758 7.22 11.28 34.80
CA GLN A 758 7.22 9.93 35.31
C GLN A 758 7.60 9.99 36.77
N GLY A 759 8.44 10.93 37.14
CA GLY A 759 8.55 11.28 38.55
C GLY A 759 7.19 11.61 39.20
N PHE A 760 6.42 12.45 38.54
CA PHE A 760 5.15 12.89 39.11
C PHE A 760 4.24 11.72 39.46
N VAL A 761 4.15 10.72 38.59
CA VAL A 761 3.16 9.66 38.80
C VAL A 761 3.77 8.58 39.68
N THR A 762 5.00 8.79 40.14
CA THR A 762 5.60 7.81 41.05
C THR A 762 5.59 8.25 42.49
N LEU A 763 5.09 7.37 43.36
CA LEU A 763 5.12 7.60 44.79
C LEU A 763 6.56 7.62 45.32
N ALA A 764 6.74 7.92 46.61
CA ALA A 764 8.09 7.84 47.18
C ALA A 764 8.75 6.51 46.82
N THR A 765 10.05 6.57 46.54
CA THR A 765 10.85 5.41 46.21
C THR A 765 11.82 5.06 47.34
N ALA A 766 12.31 3.83 47.32
CA ALA A 766 13.11 3.29 48.42
C ALA A 766 14.48 3.97 48.58
N ASP A 767 14.93 4.74 47.59
CA ASP A 767 16.17 5.50 47.74
C ASP A 767 15.95 6.77 48.60
N GLY A 768 14.74 6.97 49.08
CA GLY A 768 14.44 8.14 49.89
C GLY A 768 13.97 9.31 49.06
N ARG A 769 13.85 9.13 47.75
CA ARG A 769 13.23 10.16 46.89
C ARG A 769 11.71 10.28 47.17
N LEU A 770 11.19 11.48 47.35
CA LEU A 770 9.79 11.63 47.72
C LEU A 770 8.78 11.60 46.55
N ALA A 771 7.50 11.47 46.90
CA ALA A 771 6.44 11.21 45.94
C ALA A 771 6.26 12.39 45.03
N GLY A 772 5.93 12.12 43.78
CA GLY A 772 5.61 13.17 42.85
C GLY A 772 6.82 13.94 42.35
N THR A 773 7.98 13.74 42.99
CA THR A 773 9.19 14.50 42.66
C THR A 773 9.92 13.84 41.47
N THR A 774 10.77 14.60 40.82
CA THR A 774 11.43 14.11 39.60
C THR A 774 12.26 12.90 39.90
N TYR A 775 12.35 12.03 38.91
CA TYR A 775 13.35 11.00 38.93
C TYR A 775 14.73 11.68 38.79
N SER A 776 15.81 10.91 38.99
CA SER A 776 17.16 11.32 38.65
C SER A 776 17.27 11.70 37.17
N ASP A 777 17.99 12.78 36.89
CA ASP A 777 18.17 13.21 35.51
C ASP A 777 19.08 12.24 34.76
N GLY A 778 19.01 12.31 33.43
CA GLY A 778 19.87 11.52 32.56
C GLY A 778 19.81 10.03 32.79
N SER A 779 20.93 9.33 32.63
CA SER A 779 20.94 7.91 33.02
C SER A 779 22.21 7.43 33.68
N VAL A 780 23.32 8.17 33.57
CA VAL A 780 24.47 7.88 34.43
C VAL A 780 24.86 9.03 35.38
N SER A 781 24.10 10.13 35.39
CA SER A 781 24.25 11.16 36.43
C SER A 781 23.99 10.48 37.79
N ALA A 782 24.63 10.96 38.84
CA ALA A 782 24.26 10.54 40.18
C ALA A 782 22.88 11.12 40.53
N ALA A 783 22.06 10.42 41.32
CA ALA A 783 20.89 11.07 41.90
C ALA A 783 21.32 12.31 42.69
N ALA A 784 20.54 13.38 42.57
CA ALA A 784 20.88 14.67 43.15
C ALA A 784 21.13 14.52 44.63
N GLY A 785 22.24 15.09 45.09
CA GLY A 785 22.53 15.11 46.52
C GLY A 785 23.10 13.82 47.05
N THR A 786 23.23 12.80 46.21
CA THR A 786 23.79 11.53 46.66
C THR A 786 25.23 11.26 46.23
N ASP A 787 25.79 12.09 45.37
CA ASP A 787 27.20 11.94 45.03
C ASP A 787 27.99 12.68 46.11
N LYS A 788 28.83 11.97 46.85
CA LYS A 788 29.49 12.54 48.01
C LYS A 788 30.97 12.26 47.98
N ASN A 789 31.40 11.61 46.89
CA ASN A 789 32.78 11.23 46.74
C ASN A 789 33.45 11.92 45.57
N GLY A 790 32.85 13.01 45.10
CA GLY A 790 33.47 13.80 44.06
C GLY A 790 33.17 13.29 42.66
N ILE A 791 33.31 14.18 41.68
CA ILE A 791 32.99 13.88 40.31
C ILE A 791 33.68 12.61 39.79
N TYR A 792 34.94 12.42 40.13
CA TYR A 792 35.65 11.25 39.62
C TYR A 792 34.99 9.95 40.09
N ALA A 793 34.43 9.90 41.30
CA ALA A 793 33.80 8.67 41.75
C ALA A 793 32.59 8.41 40.90
N ILE A 794 31.97 9.48 40.38
CA ILE A 794 30.83 9.33 39.48
C ILE A 794 31.34 8.69 38.19
N PHE A 795 32.46 9.18 37.68
CA PHE A 795 33.03 8.62 36.45
C PHE A 795 33.26 7.11 36.64
N GLU A 796 33.82 6.71 37.80
CA GLU A 796 34.21 5.31 38.02
C GLU A 796 32.96 4.44 38.04
N SER A 797 31.95 4.90 38.76
CA SER A 797 30.66 4.21 38.78
C SER A 797 30.07 4.04 37.38
N ALA A 798 30.05 5.13 36.62
CA ALA A 798 29.34 5.12 35.34
C ALA A 798 29.97 4.08 34.40
N THR A 799 31.28 3.86 34.55
CA THR A 799 32.02 3.08 33.53
C THR A 799 32.30 1.67 33.98
N VAL A 800 31.46 1.13 34.90
CA VAL A 800 31.66 -0.25 35.33
C VAL A 800 31.19 -1.20 34.20
N TYR A 801 30.55 -0.68 33.16
CA TYR A 801 30.24 -1.49 31.99
C TYR A 801 30.64 -0.67 30.76
N ASP A 802 30.65 -1.34 29.63
CA ASP A 802 31.13 -0.78 28.37
C ASP A 802 30.02 0.01 27.70
N HIS A 803 30.17 1.34 27.64
CA HIS A 803 29.04 2.17 27.17
C HIS A 803 28.56 1.80 25.78
N SER A 804 29.40 1.25 24.94
CA SER A 804 28.93 0.92 23.59
C SER A 804 27.99 -0.26 23.58
N MET A 805 27.79 -0.96 24.67
CA MET A 805 26.72 -1.99 24.63
C MET A 805 25.37 -1.37 24.22
N HIS A 806 25.16 -0.10 24.55
CA HIS A 806 23.92 0.57 24.23
C HIS A 806 24.18 1.79 23.36
N GLN A 807 23.10 2.46 23.02
CA GLN A 807 23.15 3.60 22.10
C GLN A 807 23.93 4.77 22.71
N ASN A 808 23.81 4.92 24.03
CA ASN A 808 24.27 6.13 24.74
C ASN A 808 24.24 5.91 26.26
N ALA A 809 24.53 6.98 27.02
CA ALA A 809 24.53 7.02 28.46
C ALA A 809 24.70 8.52 28.72
N GLN A 810 23.80 9.06 29.51
CA GLN A 810 23.67 10.47 29.63
C GLN A 810 24.09 10.97 31.00
N MET A 811 25.13 11.82 31.04
CA MET A 811 25.58 12.39 32.30
C MET A 811 25.54 13.90 32.29
N ASN A 812 24.93 14.45 33.34
CA ASN A 812 24.93 15.88 33.62
C ASN A 812 25.82 16.18 34.79
N LEU A 813 26.60 17.26 34.67
CA LEU A 813 27.36 17.79 35.83
C LEU A 813 27.11 19.30 35.93
N LYS A 814 27.08 19.82 37.16
CA LYS A 814 26.96 21.25 37.39
C LYS A 814 28.17 21.76 38.14
N LEU A 815 28.76 22.82 37.60
CA LEU A 815 29.96 23.44 38.14
C LEU A 815 29.63 24.86 38.56
N HIS A 816 30.14 25.27 39.71
CA HIS A 816 29.96 26.65 40.07
C HIS A 816 30.86 27.48 39.15
N PRO A 817 30.42 28.67 38.75
CA PRO A 817 31.28 29.43 37.83
C PRO A 817 32.71 29.66 38.34
N THR A 818 32.90 29.79 39.64
CA THR A 818 34.24 30.04 40.14
C THR A 818 35.12 28.82 39.92
N ALA A 819 34.49 27.66 39.84
CA ALA A 819 35.18 26.42 39.60
C ALA A 819 35.96 26.39 38.25
N VAL A 820 35.57 27.22 37.28
CA VAL A 820 36.26 27.22 35.98
C VAL A 820 36.81 28.59 35.56
N LYS A 821 37.23 29.41 36.52
CA LYS A 821 37.82 30.70 36.20
C LYS A 821 39.13 30.59 35.41
N GLY A 822 39.28 31.44 34.39
CA GLY A 822 40.56 31.65 33.74
C GLY A 822 40.82 30.67 32.61
N ILE A 823 41.75 30.98 31.71
CA ILE A 823 42.15 29.97 30.72
C ILE A 823 42.55 28.67 31.40
N ASN A 824 43.07 28.75 32.63
CA ASN A 824 43.36 27.52 33.35
C ASN A 824 42.08 26.72 33.58
N GLY A 825 41.01 27.45 33.88
CA GLY A 825 39.71 26.87 34.14
C GLY A 825 39.10 26.22 32.93
N THR A 826 39.32 26.83 31.76
CA THR A 826 38.97 26.20 30.49
C THR A 826 39.77 24.91 30.34
N ARG A 827 41.07 24.93 30.63
CA ARG A 827 41.84 23.71 30.48
C ARG A 827 41.40 22.62 31.46
N LYS A 828 41.04 23.04 32.67
CA LYS A 828 40.66 22.11 33.72
C LYS A 828 39.35 21.44 33.29
N LEU A 829 38.46 22.20 32.66
CA LEU A 829 37.20 21.66 32.23
C LEU A 829 37.43 20.66 31.12
N LEU A 830 38.36 20.94 30.21
CA LEU A 830 38.64 20.01 29.11
C LEU A 830 39.29 18.76 29.67
N ASP A 831 40.23 18.91 30.59
CA ASP A 831 40.84 17.72 31.19
C ASP A 831 39.78 16.91 31.94
N LEU A 832 38.76 17.56 32.51
CA LEU A 832 37.70 16.77 33.14
C LEU A 832 37.01 15.92 32.09
N VAL A 833 36.68 16.53 30.97
CA VAL A 833 36.04 15.79 29.89
C VAL A 833 36.94 14.69 29.41
N ARG A 834 38.21 14.99 29.12
CA ARG A 834 39.12 13.94 28.64
C ARG A 834 39.18 12.77 29.62
N ALA A 835 39.23 13.08 30.91
CA ALA A 835 39.32 11.97 31.86
C ALA A 835 38.11 11.01 31.69
N TYR A 836 36.92 11.55 31.59
CA TYR A 836 35.75 10.68 31.54
C TYR A 836 35.71 10.01 30.17
N MET A 837 36.01 10.76 29.10
CA MET A 837 36.03 10.17 27.77
C MET A 837 37.00 8.99 27.70
N ARG A 838 38.19 9.15 28.27
CA ARG A 838 39.20 8.09 28.17
C ARG A 838 38.84 6.87 28.98
N LYS A 839 37.99 7.02 30.00
CA LYS A 839 37.50 5.82 30.73
C LYS A 839 36.45 5.10 29.92
N GLY A 840 36.04 5.67 28.79
CA GLY A 840 34.97 5.06 28.01
C GLY A 840 33.63 5.75 28.11
N GLY A 841 33.53 6.76 28.96
CA GLY A 841 32.27 7.43 29.16
C GLY A 841 31.74 7.97 27.87
N PHE A 842 30.44 7.82 27.68
CA PHE A 842 29.82 8.21 26.42
C PHE A 842 29.58 9.71 26.25
N HIS A 843 29.25 10.38 27.35
CA HIS A 843 28.75 11.73 27.23
C HIS A 843 28.84 12.50 28.53
N VAL A 844 29.16 13.78 28.48
CA VAL A 844 28.91 14.58 29.67
C VAL A 844 28.48 15.94 29.21
N GLN A 845 27.55 16.55 29.90
CA GLN A 845 27.26 17.93 29.60
C GLN A 845 27.26 18.70 30.89
N PHE A 846 27.51 20.00 30.79
CA PHE A 846 27.67 20.84 31.98
C PHE A 846 26.71 22.02 32.09
N ASN A 847 26.32 22.29 33.31
CA ASN A 847 25.83 23.58 33.67
C ASN A 847 26.98 24.29 34.39
N VAL A 848 27.23 25.53 34.06
CA VAL A 848 28.12 26.35 34.85
C VAL A 848 27.23 27.46 35.34
N VAL A 849 26.84 27.38 36.59
CA VAL A 849 25.85 28.29 37.09
C VAL A 849 25.85 28.26 38.61
N ASP A 850 25.32 29.33 39.19
CA ASP A 850 25.10 29.42 40.62
C ASP A 850 23.66 29.09 40.88
N SER A 851 23.42 28.00 41.60
CA SER A 851 22.06 27.51 41.76
C SER A 851 21.20 28.53 42.48
N LYS A 852 21.81 29.34 43.33
CA LYS A 852 21.10 30.46 43.96
C LYS A 852 20.51 31.43 42.93
N THR A 853 21.26 31.75 41.88
CA THR A 853 20.70 32.45 40.71
C THR A 853 19.42 31.79 40.15
N LEU A 854 19.42 30.47 39.99
CA LEU A 854 18.27 29.80 39.40
C LEU A 854 17.11 29.86 40.37
N ARG A 855 17.39 29.63 41.65
CA ARG A 855 16.38 29.80 42.71
C ARG A 855 15.72 31.18 42.59
N ASP A 856 16.56 32.20 42.41
CA ASP A 856 16.10 33.57 42.25
C ASP A 856 15.25 33.81 40.99
N ALA A 857 15.68 33.22 39.87
CA ALA A 857 14.98 33.32 38.60
C ALA A 857 13.62 32.65 38.70
N GLN A 858 13.51 31.64 39.55
CA GLN A 858 12.24 30.95 39.74
C GLN A 858 11.26 31.88 40.44
N LEU A 859 11.74 32.56 41.47
CA LEU A 859 10.89 33.47 42.23
C LEU A 859 10.31 34.56 41.34
N THR A 860 11.14 35.13 40.46
CA THR A 860 10.72 36.25 39.62
C THR A 860 11.20 36.06 38.19
N PRO A 861 10.48 35.24 37.39
CA PRO A 861 11.00 34.90 36.06
C PRO A 861 10.94 36.07 35.07
N GLU A 862 10.08 37.04 35.37
CA GLU A 862 10.01 38.22 34.52
C GLU A 862 11.38 38.88 34.42
N LYS A 863 12.23 38.68 35.44
CA LYS A 863 13.51 39.42 35.53
C LYS A 863 14.68 38.71 34.82
N TYR A 864 14.47 37.49 34.33
CA TYR A 864 15.53 36.76 33.65
C TYR A 864 15.07 36.22 32.28
N ARG A 865 14.55 37.06 31.40
CA ARG A 865 13.99 36.59 30.13
C ARG A 865 14.97 35.85 29.25
N GLU A 866 16.25 36.17 29.36
CA GLU A 866 17.27 35.58 28.51
C GLU A 866 18.05 34.45 29.19
N LEU A 867 17.78 34.20 30.46
CA LEU A 867 18.48 33.15 31.18
C LEU A 867 18.21 31.77 30.53
N MET A 868 19.28 30.99 30.31
CA MET A 868 19.23 29.60 29.81
C MET A 868 19.94 28.67 30.79
N VAL A 869 19.46 27.44 30.94
CA VAL A 869 20.25 26.37 31.61
C VAL A 869 20.19 25.17 30.75
N ARG A 870 21.09 24.23 31.02
CA ARG A 870 21.13 22.96 30.35
C ARG A 870 20.24 22.02 31.11
N VAL A 871 19.32 21.32 30.43
CA VAL A 871 18.52 20.33 31.15
C VAL A 871 19.06 18.94 30.89
N ALA A 872 18.72 18.35 29.75
CA ALA A 872 19.19 17.01 29.42
C ALA A 872 19.15 16.83 27.92
N GLY A 873 20.29 17.02 27.27
CA GLY A 873 20.27 17.01 25.82
C GLY A 873 19.83 18.31 25.19
N PHE A 874 19.42 19.29 26.00
CA PHE A 874 18.99 20.61 25.51
C PHE A 874 19.21 21.79 26.47
N THR A 875 19.34 22.96 25.87
CA THR A 875 19.36 24.23 26.57
C THR A 875 18.01 24.87 26.36
N GLN A 876 17.46 25.47 27.39
CA GLN A 876 16.20 26.16 27.23
C GLN A 876 16.19 27.44 28.09
N TYR A 877 15.42 28.42 27.66
CA TYR A 877 15.19 29.56 28.51
C TYR A 877 14.42 29.10 29.76
N TRP A 878 14.92 29.55 30.90
CA TRP A 878 14.38 29.24 32.19
C TRP A 878 12.89 29.49 32.23
N CYS A 879 12.48 30.63 31.67
CA CYS A 879 11.10 31.06 31.80
C CYS A 879 10.15 30.14 31.05
N GLU A 880 10.67 29.35 30.10
CA GLU A 880 9.86 28.33 29.43
C GLU A 880 9.97 26.88 29.98
N ILE A 881 10.75 26.66 31.04
CA ILE A 881 10.83 25.35 31.70
C ILE A 881 9.84 25.25 32.83
N GLY A 882 9.16 24.12 32.99
CA GLY A 882 8.15 23.98 34.04
C GLY A 882 8.74 23.86 35.42
N LYS A 883 7.94 24.07 36.46
CA LYS A 883 8.51 24.05 37.80
C LYS A 883 9.24 22.73 38.13
N PRO A 884 8.69 21.56 37.72
CA PRO A 884 9.35 20.32 38.17
C PRO A 884 10.77 20.16 37.69
N ILE A 885 11.02 20.53 36.45
CA ILE A 885 12.36 20.42 35.89
C ILE A 885 13.21 21.56 36.45
N GLN A 886 12.63 22.73 36.68
CA GLN A 886 13.38 23.87 37.26
C GLN A 886 13.91 23.46 38.62
N ASP A 887 13.03 22.84 39.41
CA ASP A 887 13.36 22.44 40.76
C ASP A 887 14.47 21.44 40.64
N GLU A 888 14.29 20.51 39.71
CA GLU A 888 15.22 19.41 39.55
C GLU A 888 16.61 19.96 39.24
N VAL A 889 16.67 20.93 38.33
CA VAL A 889 17.93 21.52 37.90
C VAL A 889 18.57 22.33 39.07
N ILE A 890 17.74 23.02 39.84
CA ILE A 890 18.22 23.78 40.99
C ILE A 890 18.94 22.85 41.97
N TYR A 891 18.38 21.66 42.16
CA TYR A 891 18.85 20.79 43.21
C TYR A 891 20.06 19.94 42.80
N ARG A 892 20.40 19.90 41.51
CA ARG A 892 21.59 19.14 41.09
C ARG A 892 22.85 19.57 41.83
N THR A 893 23.66 18.59 42.18
CA THR A 893 24.88 18.81 42.96
C THR A 893 25.81 19.81 42.29
N GLU A 894 26.20 20.84 43.05
CA GLU A 894 27.01 21.94 42.54
C GLU A 894 28.44 21.82 42.99
N TYR A 895 29.32 21.61 42.02
CA TYR A 895 30.74 21.38 42.26
C TYR A 895 31.62 22.62 42.25
N ASP A 896 32.31 22.85 43.36
CA ASP A 896 33.13 24.04 43.57
C ASP A 896 34.56 23.90 43.11
N LYS A 897 35.04 22.68 42.94
CA LYS A 897 36.34 22.49 42.32
C LYS A 897 36.51 21.06 41.82
N MET B 1 -10.02 48.00 7.07
CA MET B 1 -9.06 46.87 7.23
C MET B 1 -8.08 47.11 8.37
N ARG B 2 -7.26 46.08 8.62
CA ARG B 2 -6.25 46.10 9.66
C ARG B 2 -4.92 45.84 9.01
N HIS B 3 -3.84 46.10 9.73
CA HIS B 3 -2.51 45.71 9.29
C HIS B 3 -2.58 44.30 8.81
N TYR B 4 -3.24 43.48 9.61
CA TYR B 4 -3.30 42.04 9.32
C TYR B 4 -3.80 41.74 7.91
N ASP B 5 -4.63 42.61 7.34
CA ASP B 5 -5.17 42.40 5.98
C ASP B 5 -4.29 43.02 4.90
N CYS B 6 -3.21 43.70 5.30
CA CYS B 6 -2.28 44.35 4.38
C CYS B 6 -1.13 43.48 3.88
N LYS B 7 -0.72 43.75 2.65
CA LYS B 7 0.34 42.99 2.02
C LYS B 7 1.69 43.37 2.64
N ASN B 8 1.77 44.56 3.22
CA ASN B 8 3.00 45.03 3.85
C ASN B 8 3.21 44.44 5.27
N TYR B 9 2.19 43.77 5.80
CA TYR B 9 2.25 43.18 7.14
C TYR B 9 3.24 42.04 7.06
N ILE B 10 4.12 41.91 8.07
CA ILE B 10 5.03 40.74 8.25
C ILE B 10 4.55 39.96 9.47
N ASN B 11 4.18 38.72 9.26
CA ASN B 11 3.67 37.90 10.34
C ASN B 11 4.73 37.64 11.41
N LEU B 12 4.36 37.74 12.69
CA LEU B 12 5.28 37.27 13.72
C LEU B 12 4.66 36.12 14.46
N ASP B 13 3.49 36.36 15.07
CA ASP B 13 2.85 35.36 15.93
C ASP B 13 1.32 35.58 15.99
N CYS B 14 0.67 34.87 16.88
CA CYS B 14 -0.77 34.87 16.95
C CYS B 14 -1.36 36.21 17.42
N GLU B 15 -0.53 37.17 17.90
CA GLU B 15 -1.04 38.45 18.40
C GLU B 15 -0.55 39.69 17.66
N LYS B 16 0.60 39.62 16.99
CA LYS B 16 1.16 40.82 16.41
C LYS B 16 2.05 40.49 15.22
N GLY B 17 2.40 41.51 14.45
CA GLY B 17 3.29 41.35 13.31
C GLY B 17 4.05 42.64 13.09
N LEU B 18 4.77 42.78 11.98
CA LEU B 18 5.48 44.03 11.70
C LEU B 18 4.88 44.75 10.52
N CYS B 19 4.86 46.06 10.58
CA CYS B 19 4.58 46.78 9.38
C CYS B 19 5.89 46.81 8.59
N ALA B 20 5.88 46.30 7.37
CA ALA B 20 7.09 46.35 6.54
C ALA B 20 7.58 47.80 6.35
N LEU B 21 6.65 48.74 6.16
CA LEU B 21 7.07 50.11 5.90
C LEU B 21 7.73 50.78 7.12
N THR B 22 7.09 50.75 8.28
CA THR B 22 7.64 51.41 9.48
C THR B 22 8.63 50.49 10.20
N LYS B 23 8.53 49.19 9.94
CA LYS B 23 9.30 48.20 10.69
C LYS B 23 8.97 48.13 12.19
N GLY B 24 7.84 48.72 12.56
CA GLY B 24 7.36 48.73 13.93
C GLY B 24 6.35 47.61 14.15
N MET B 25 6.29 47.11 15.38
CA MET B 25 5.41 46.02 15.73
C MET B 25 3.99 46.54 15.79
N VAL B 26 3.05 45.85 15.13
CA VAL B 26 1.64 46.24 15.09
C VAL B 26 0.70 45.10 15.52
N PRO B 27 -0.43 45.44 16.14
CA PRO B 27 -1.32 44.41 16.69
C PRO B 27 -2.29 43.88 15.65
N ILE B 28 -2.82 42.68 15.88
CA ILE B 28 -3.82 42.11 14.99
C ILE B 28 -5.21 42.64 15.37
N ASP B 29 -5.50 42.65 16.66
CA ASP B 29 -6.79 43.06 17.19
C ASP B 29 -6.65 44.33 17.97
N GLY B 30 -7.75 45.06 18.09
CA GLY B 30 -7.82 46.06 19.12
C GLY B 30 -7.24 47.38 18.72
N GLU B 31 -7.14 48.27 19.70
CA GLU B 31 -6.58 49.57 19.51
C GLU B 31 -5.27 49.44 18.76
N GLY B 32 -5.10 50.22 17.70
CA GLY B 32 -3.85 50.22 16.96
C GLY B 32 -3.81 49.28 15.78
N SER B 33 -4.87 48.51 15.54
CA SER B 33 -4.89 47.48 14.48
C SER B 33 -5.37 47.95 13.09
N GLU B 34 -6.12 49.03 13.04
CA GLU B 34 -6.69 49.52 11.77
C GLU B 34 -5.64 49.87 10.69
N ALA B 35 -6.07 49.81 9.44
CA ALA B 35 -5.20 50.00 8.30
C ALA B 35 -4.77 51.46 8.22
N CYS B 36 -3.57 51.70 7.72
CA CYS B 36 -3.11 53.05 7.47
C CYS B 36 -3.28 53.39 5.98
N PRO B 37 -3.23 54.69 5.61
CA PRO B 37 -3.58 55.05 4.22
C PRO B 37 -2.71 54.37 3.18
N ASN B 38 -1.54 53.87 3.59
CA ASN B 38 -0.59 53.18 2.70
C ASN B 38 -0.97 51.75 2.45
N PHE B 39 -2.12 51.36 2.97
CA PHE B 39 -2.58 49.99 2.86
C PHE B 39 -2.63 49.48 1.42
N LYS B 40 -2.16 48.24 1.24
CA LYS B 40 -2.23 47.50 -0.02
C LYS B 40 -2.77 46.11 0.35
N PRO B 41 -3.92 45.71 -0.20
CA PRO B 41 -4.51 44.43 0.24
C PRO B 41 -3.59 43.20 0.03
N ALA B 42 -3.38 42.51 1.12
CA ALA B 42 -2.69 41.22 1.10
C ALA B 42 -3.56 40.17 0.39
N GLU B 43 -2.95 39.29 -0.40
CA GLU B 43 -3.72 38.30 -1.16
C GLU B 43 -4.24 37.17 -0.24
N LYS B 44 -5.56 37.00 -0.19
CA LYS B 44 -6.17 35.94 0.63
C LYS B 44 -7.37 35.27 -0.06
N CYS B 45 -7.77 34.07 0.37
CA CYS B 45 -8.90 33.41 -0.31
C CYS B 45 -10.17 34.31 -0.20
N GLY B 46 -10.30 35.00 0.91
CA GLY B 46 -11.41 35.88 1.17
C GLY B 46 -11.48 36.94 0.10
N ASN B 47 -10.35 37.27 -0.53
CA ASN B 47 -10.42 38.24 -1.61
C ASN B 47 -10.01 37.68 -2.97
N CYS B 48 -10.31 36.42 -3.18
CA CYS B 48 -10.08 35.77 -4.47
C CYS B 48 -11.38 35.66 -5.27
N LYS B 49 -11.30 35.82 -6.57
CA LYS B 49 -12.46 35.64 -7.43
C LYS B 49 -13.07 34.24 -7.36
N ASN B 50 -12.23 33.23 -7.10
CA ASN B 50 -12.68 31.86 -7.02
C ASN B 50 -13.36 31.53 -5.68
N PHE B 51 -13.21 32.41 -4.69
CA PHE B 51 -13.73 32.14 -3.35
C PHE B 51 -15.17 32.63 -3.16
N CYS B 52 -16.05 31.75 -2.68
CA CYS B 52 -17.46 32.12 -2.56
C CYS B 52 -18.19 31.44 -1.38
N ASN B 53 -19.41 31.90 -1.07
CA ASN B 53 -20.26 31.19 -0.12
C ASN B 53 -19.76 31.09 1.32
N PRO B 54 -19.02 32.05 1.86
CA PRO B 54 -18.49 31.68 3.19
C PRO B 54 -19.55 31.66 4.30
N ASP B 55 -19.35 30.83 5.32
CA ASP B 55 -20.26 30.74 6.47
C ASP B 55 -19.82 31.73 7.55
N LYS B 56 -20.47 31.74 8.71
CA LYS B 56 -20.20 32.77 9.72
C LYS B 56 -18.74 32.86 10.14
N TYR B 57 -18.05 31.71 10.05
CA TYR B 57 -16.60 31.57 10.39
C TYR B 57 -15.62 31.75 9.25
N GLY B 58 -16.11 32.14 8.08
CA GLY B 58 -15.20 32.44 6.96
C GLY B 58 -14.89 31.23 6.10
N LEU B 59 -15.59 30.13 6.35
CA LEU B 59 -15.33 28.87 5.66
C LEU B 59 -16.31 28.83 4.52
N GLY B 60 -15.76 28.83 3.30
CA GLY B 60 -16.54 28.72 2.09
C GLY B 60 -15.93 27.85 1.01
N THR B 61 -16.19 28.24 -0.22
CA THR B 61 -16.02 27.36 -1.36
C THR B 61 -15.00 27.91 -2.35
N CYS B 62 -13.96 27.13 -2.61
CA CYS B 62 -13.04 27.39 -3.70
C CYS B 62 -13.53 26.77 -5.00
N THR B 63 -13.55 27.57 -6.06
CA THR B 63 -13.92 27.11 -7.39
C THR B 63 -12.72 27.25 -8.32
N GLY B 64 -11.57 27.53 -7.73
CA GLY B 64 -10.30 27.51 -8.44
C GLY B 64 -10.11 26.31 -9.35
N LEU B 65 -10.63 25.16 -8.94
CA LEU B 65 -10.55 23.95 -9.76
C LEU B 65 -11.95 23.47 -10.14
N GLU B 66 -12.06 22.70 -11.22
CA GLU B 66 -13.35 22.27 -11.70
C GLU B 66 -14.10 21.54 -10.60
N LYS B 67 -13.37 20.74 -9.83
CA LYS B 67 -13.94 20.12 -8.64
C LYS B 67 -13.88 21.12 -7.49
N GLU B 68 -15.03 21.54 -6.99
CA GLU B 68 -15.05 22.51 -5.92
C GLU B 68 -14.55 21.91 -4.61
N ASN B 69 -13.93 22.74 -3.77
CA ASN B 69 -13.51 22.32 -2.44
C ASN B 69 -13.73 23.42 -1.48
N TRP B 70 -13.49 23.16 -0.20
CA TRP B 70 -13.69 24.21 0.79
C TRP B 70 -12.39 24.99 0.99
N ALA B 71 -12.52 26.18 1.54
CA ALA B 71 -11.40 27.11 1.72
C ALA B 71 -11.80 28.07 2.83
N TYR B 72 -10.84 28.79 3.39
CA TYR B 72 -11.12 29.73 4.48
C TYR B 72 -10.56 31.10 4.14
N ALA B 73 -11.37 32.13 4.44
CA ALA B 73 -11.18 33.51 4.02
C ALA B 73 -9.84 34.09 4.46
N THR B 74 -9.39 33.76 5.65
CA THR B 74 -8.14 34.33 6.11
C THR B 74 -6.92 33.52 5.63
N CYS B 75 -7.15 32.51 4.77
CA CYS B 75 -6.04 31.73 4.22
C CYS B 75 -5.19 32.60 3.28
N GLY B 76 -3.87 32.53 3.40
CA GLY B 76 -3.01 33.39 2.59
C GLY B 76 -3.01 32.83 1.19
N ALA B 77 -3.05 33.69 0.19
CA ALA B 77 -3.31 33.26 -1.17
C ALA B 77 -2.16 33.66 -2.06
N SER B 78 -1.17 34.30 -1.47
CA SER B 78 -0.08 34.87 -2.25
C SER B 78 0.69 33.76 -2.95
N ALA B 79 0.64 32.54 -2.42
CA ALA B 79 1.33 31.40 -3.07
C ALA B 79 0.35 30.34 -3.61
N CYS B 80 -0.91 30.72 -3.83
CA CYS B 80 -1.83 29.80 -4.48
C CYS B 80 -1.76 30.02 -5.98
N PRO B 81 -1.48 28.96 -6.74
CA PRO B 81 -1.29 29.22 -8.16
C PRO B 81 -2.54 29.71 -8.90
N SER B 82 -3.73 29.53 -8.32
CA SER B 82 -4.97 29.85 -9.01
C SER B 82 -5.59 31.17 -8.53
N TYR B 83 -4.99 31.75 -7.50
CA TYR B 83 -5.48 32.98 -6.93
C TYR B 83 -5.70 34.06 -7.99
N LYS B 84 -6.88 34.67 -7.97
CA LYS B 84 -7.19 35.79 -8.85
C LYS B 84 -7.88 36.94 -8.08
N ALA B 85 -7.25 38.11 -8.00
CA ALA B 85 -7.81 39.22 -7.20
C ALA B 85 -9.21 39.60 -7.68
N GLU B 86 -10.17 39.69 -6.77
CA GLU B 86 -11.59 39.78 -7.14
C GLU B 86 -11.95 41.04 -7.95
N GLU C 27 -23.21 -49.58 -28.95
CA GLU C 27 -22.83 -48.61 -27.94
C GLU C 27 -23.94 -48.38 -26.92
N ALA C 28 -23.76 -47.37 -26.07
CA ALA C 28 -24.69 -47.09 -24.99
C ALA C 28 -25.74 -46.06 -25.39
N ASP C 29 -26.96 -46.26 -24.90
CA ASP C 29 -27.97 -45.21 -24.99
C ASP C 29 -27.75 -44.30 -23.81
N ILE C 30 -27.81 -42.99 -24.06
CA ILE C 30 -27.57 -41.99 -23.02
C ILE C 30 -28.89 -41.68 -22.29
N PRO C 31 -28.97 -42.03 -21.01
CA PRO C 31 -30.21 -41.72 -20.28
C PRO C 31 -30.59 -40.24 -20.39
N GLU C 32 -31.88 -39.95 -20.30
CA GLU C 32 -32.34 -38.57 -20.26
C GLU C 32 -31.82 -37.93 -18.99
N ALA C 33 -31.67 -36.63 -19.08
CA ALA C 33 -31.32 -35.84 -17.92
C ALA C 33 -32.42 -35.97 -16.88
N LYS C 34 -32.14 -35.57 -15.65
CA LYS C 34 -33.15 -35.58 -14.60
C LYS C 34 -34.24 -34.56 -14.87
N GLU C 35 -35.38 -34.80 -14.24
CA GLU C 35 -36.53 -33.95 -14.32
C GLU C 35 -36.21 -32.51 -13.88
N SER C 36 -35.47 -32.38 -12.78
CA SER C 36 -35.07 -31.06 -12.29
C SER C 36 -34.28 -30.34 -13.39
N THR C 37 -33.24 -31.00 -13.87
CA THR C 37 -32.41 -30.50 -14.94
C THR C 37 -33.20 -30.09 -16.17
N GLN C 38 -34.07 -30.95 -16.66
CA GLN C 38 -34.87 -30.63 -17.79
C GLN C 38 -35.68 -29.35 -17.54
N LYS C 39 -36.33 -29.25 -16.38
CA LYS C 39 -37.14 -28.07 -16.07
C LYS C 39 -36.26 -26.80 -16.01
N LEU C 40 -35.04 -26.95 -15.53
CA LEU C 40 -34.21 -25.75 -15.34
C LEU C 40 -33.62 -25.35 -16.68
N MET C 41 -33.32 -26.34 -17.54
CA MET C 41 -32.78 -26.08 -18.86
C MET C 41 -33.85 -25.46 -19.73
N ASP C 42 -35.13 -25.85 -19.56
CA ASP C 42 -36.24 -25.19 -20.29
C ASP C 42 -36.22 -23.71 -20.00
N ILE C 43 -36.14 -23.40 -18.72
CA ILE C 43 -36.01 -22.02 -18.26
C ILE C 43 -34.71 -21.41 -18.82
N TYR C 44 -33.63 -22.17 -18.78
CA TYR C 44 -32.35 -21.64 -19.21
C TYR C 44 -32.38 -21.04 -20.67
N TYR C 45 -32.93 -21.78 -21.63
CA TYR C 45 -32.87 -21.32 -23.03
C TYR C 45 -33.65 -20.03 -23.26
N THR C 46 -34.52 -19.63 -22.34
CA THR C 46 -35.29 -18.42 -22.55
C THR C 46 -34.60 -17.13 -22.02
N LEU C 47 -33.47 -17.30 -21.35
CA LEU C 47 -32.93 -16.25 -20.49
C LEU C 47 -32.05 -15.26 -21.24
N LYS C 48 -32.07 -14.04 -20.77
CA LYS C 48 -31.25 -12.99 -21.34
C LYS C 48 -30.07 -12.71 -20.42
N VAL C 49 -28.88 -12.54 -21.01
CA VAL C 49 -27.68 -12.21 -20.27
C VAL C 49 -28.01 -10.84 -19.72
N THR C 50 -27.81 -10.68 -18.41
CA THR C 50 -28.27 -9.50 -17.71
C THR C 50 -27.23 -8.91 -16.81
N ALA C 51 -26.88 -7.64 -17.03
CA ALA C 51 -26.07 -6.89 -16.07
C ALA C 51 -26.97 -6.16 -15.09
N ASP C 52 -26.71 -6.27 -13.79
CA ASP C 52 -27.43 -5.42 -12.82
C ASP C 52 -26.46 -4.67 -11.89
N MET C 53 -26.96 -3.95 -10.90
CA MET C 53 -26.08 -3.10 -10.13
C MET C 53 -25.88 -3.45 -8.65
N GLU C 54 -26.66 -4.34 -8.06
CA GLU C 54 -26.54 -4.58 -6.61
C GLU C 54 -25.11 -4.75 -6.10
N ALA C 55 -24.35 -5.66 -6.72
CA ALA C 55 -23.03 -6.00 -6.16
C ALA C 55 -22.15 -4.77 -6.34
N ALA C 56 -22.34 -4.06 -7.46
CA ALA C 56 -21.46 -2.94 -7.77
C ALA C 56 -21.76 -1.78 -6.81
N TYR C 57 -23.05 -1.47 -6.60
CA TYR C 57 -23.44 -0.48 -5.66
C TYR C 57 -22.89 -0.71 -4.27
N TRP C 58 -23.06 -1.92 -3.78
CA TRP C 58 -22.64 -2.22 -2.43
C TRP C 58 -21.12 -2.24 -2.32
N TYR C 59 -20.44 -2.75 -3.35
CA TYR C 59 -18.97 -2.70 -3.34
C TYR C 59 -18.54 -1.27 -3.17
N ASN C 60 -19.09 -0.38 -3.99
CA ASN C 60 -18.69 1.02 -4.03
C ASN C 60 -18.99 1.75 -2.73
N ARG C 61 -20.21 1.58 -2.23
CA ARG C 61 -20.60 2.17 -0.96
C ARG C 61 -19.66 1.76 0.15
N THR C 62 -19.44 0.47 0.23
CA THR C 62 -18.65 -0.05 1.35
C THR C 62 -17.23 0.47 1.25
N TRP C 63 -16.72 0.54 0.02
CA TRP C 63 -15.33 0.96 -0.29
C TRP C 63 -15.07 2.37 0.18
N TRP C 64 -15.98 3.31 -0.20
CA TRP C 64 -15.76 4.67 0.17
C TRP C 64 -16.13 4.90 1.64
N GLU C 65 -17.04 4.10 2.19
CA GLU C 65 -17.37 4.26 3.60
C GLU C 65 -16.17 3.86 4.45
N ASN C 66 -15.27 3.06 3.93
CA ASN C 66 -14.11 2.68 4.69
C ASN C 66 -12.82 3.29 4.18
N ASP C 67 -12.92 4.49 3.62
CA ASP C 67 -11.79 5.17 3.07
C ASP C 67 -10.82 5.53 4.18
N GLY C 68 -9.56 5.15 3.99
CA GLY C 68 -8.53 5.27 5.02
C GLY C 68 -8.27 3.97 5.80
N GLU C 69 -9.06 2.91 5.58
CA GLU C 69 -8.89 1.61 6.25
C GLU C 69 -7.65 1.02 5.59
N VAL C 70 -6.94 0.11 6.28
CA VAL C 70 -5.79 -0.53 5.65
C VAL C 70 -6.35 -1.22 4.41
N ILE C 71 -5.56 -1.23 3.34
CA ILE C 71 -6.08 -1.58 2.02
C ILE C 71 -6.63 -3.02 1.90
N GLU C 72 -5.86 -4.00 2.35
CA GLU C 72 -6.34 -5.40 2.39
C GLU C 72 -7.69 -5.50 3.07
N VAL C 73 -7.81 -4.87 4.24
CA VAL C 73 -9.05 -5.04 5.03
C VAL C 73 -10.21 -4.28 4.34
N ARG C 74 -9.87 -3.11 3.80
CA ARG C 74 -10.87 -2.27 3.08
C ARG C 74 -11.46 -3.06 1.90
N ARG C 75 -10.57 -3.80 1.25
CA ARG C 75 -10.89 -4.48 0.03
C ARG C 75 -11.73 -5.71 0.38
N ALA C 76 -11.36 -6.37 1.46
CA ALA C 76 -12.09 -7.56 1.93
C ALA C 76 -13.50 -7.17 2.42
N LYS C 77 -13.57 -6.10 3.19
CA LYS C 77 -14.89 -5.50 3.59
C LYS C 77 -15.82 -5.13 2.41
N ALA C 78 -15.26 -4.47 1.40
CA ALA C 78 -16.07 -4.05 0.24
C ALA C 78 -16.48 -5.30 -0.58
N VAL C 79 -15.56 -6.25 -0.83
CA VAL C 79 -16.03 -7.45 -1.55
C VAL C 79 -17.07 -8.22 -0.68
N ALA C 80 -16.87 -8.26 0.62
CA ALA C 80 -17.74 -9.05 1.50
C ALA C 80 -19.13 -8.41 1.46
N ALA C 81 -19.16 -7.09 1.50
CA ALA C 81 -20.46 -6.37 1.39
C ALA C 81 -21.10 -6.66 0.04
N SER C 82 -20.29 -6.75 -1.03
CA SER C 82 -20.90 -6.83 -2.38
C SER C 82 -21.66 -8.14 -2.54
N LEU C 83 -21.15 -9.17 -1.86
CA LEU C 83 -21.80 -10.49 -1.76
C LEU C 83 -22.95 -10.55 -0.76
N SER C 84 -22.77 -10.03 0.44
CA SER C 84 -23.70 -10.32 1.53
C SER C 84 -24.86 -9.35 1.55
N HIS C 85 -24.83 -8.35 0.68
CA HIS C 85 -25.98 -7.45 0.62
C HIS C 85 -26.84 -7.71 -0.62
N MET C 86 -26.36 -8.59 -1.46
CA MET C 86 -27.08 -8.91 -2.69
C MET C 86 -28.40 -9.70 -2.43
N THR C 87 -29.39 -9.48 -3.25
CA THR C 87 -30.55 -10.34 -3.30
C THR C 87 -30.15 -11.77 -3.71
N PRO C 88 -30.43 -12.78 -2.87
CA PRO C 88 -30.22 -14.18 -3.23
C PRO C 88 -31.40 -14.71 -4.05
N THR C 89 -31.12 -15.40 -5.13
CA THR C 89 -32.13 -15.97 -5.98
C THR C 89 -32.09 -17.46 -5.98
N ILE C 90 -33.25 -18.06 -5.76
CA ILE C 90 -33.40 -19.52 -5.78
C ILE C 90 -34.58 -19.85 -6.69
N LEU C 91 -34.34 -20.59 -7.78
CA LEU C 91 -35.41 -21.14 -8.60
C LEU C 91 -36.07 -22.44 -8.03
N PRO C 92 -37.36 -22.65 -8.28
CA PRO C 92 -37.96 -23.98 -8.00
C PRO C 92 -37.17 -25.03 -8.77
N TYR C 93 -37.09 -26.26 -8.25
CA TYR C 93 -36.46 -27.39 -8.93
C TYR C 93 -34.97 -27.46 -8.66
N GLU C 94 -34.35 -26.33 -8.38
CA GLU C 94 -32.92 -26.30 -8.09
C GLU C 94 -32.66 -27.14 -6.87
N LYS C 95 -31.53 -27.86 -6.89
CA LYS C 95 -30.99 -28.50 -5.71
C LYS C 95 -29.73 -27.72 -5.29
N LEU C 96 -28.75 -27.64 -6.18
CA LEU C 96 -27.65 -26.68 -6.04
C LEU C 96 -28.13 -25.25 -6.33
N VAL C 97 -27.70 -24.32 -5.50
CA VAL C 97 -28.12 -22.93 -5.64
C VAL C 97 -26.97 -21.94 -5.68
N MET C 98 -27.31 -20.64 -5.72
CA MET C 98 -26.36 -19.52 -5.90
C MET C 98 -26.12 -19.14 -7.40
N ASN C 99 -25.74 -17.89 -7.59
CA ASN C 99 -25.58 -17.29 -8.90
C ASN C 99 -24.68 -16.09 -8.63
N LYS C 100 -23.98 -15.57 -9.64
CA LYS C 100 -23.26 -14.31 -9.45
C LYS C 100 -24.18 -13.19 -8.88
N THR C 101 -25.34 -13.02 -9.48
CA THR C 101 -26.21 -11.90 -9.09
C THR C 101 -27.62 -12.39 -8.80
N LYS C 102 -28.58 -11.50 -8.75
CA LYS C 102 -29.92 -11.95 -8.44
C LYS C 102 -30.55 -12.49 -9.72
N ASN C 103 -29.93 -12.20 -10.86
CA ASN C 103 -30.32 -12.77 -12.13
C ASN C 103 -29.56 -14.13 -12.41
N VAL C 104 -30.08 -14.96 -13.31
CA VAL C 104 -29.50 -16.25 -13.57
C VAL C 104 -28.22 -16.19 -14.45
N ARG C 105 -28.30 -15.54 -15.59
CA ARG C 105 -27.12 -15.34 -16.41
C ARG C 105 -26.68 -13.90 -16.13
N GLY C 106 -26.19 -13.69 -14.91
CA GLY C 106 -26.06 -12.37 -14.35
C GLY C 106 -24.65 -11.85 -14.24
N ALA C 107 -24.49 -10.53 -14.26
CA ALA C 107 -23.17 -10.00 -13.86
C ALA C 107 -23.35 -8.56 -13.55
N PHE C 108 -22.26 -7.88 -13.19
CA PHE C 108 -22.36 -6.45 -12.81
C PHE C 108 -21.04 -5.79 -13.18
N PRO C 109 -21.01 -4.46 -13.21
CA PRO C 109 -19.73 -3.91 -13.67
C PRO C 109 -18.77 -3.66 -12.53
N PHE C 110 -17.52 -3.39 -12.89
CA PHE C 110 -16.43 -3.16 -11.93
C PHE C 110 -15.69 -1.85 -12.26
N PRO C 111 -16.36 -0.73 -12.05
CA PRO C 111 -15.81 0.55 -12.49
C PRO C 111 -14.50 0.90 -11.81
N TRP C 112 -14.19 0.22 -10.72
CA TRP C 112 -12.98 0.49 -9.96
C TRP C 112 -11.82 -0.21 -10.66
N VAL C 113 -12.16 -1.20 -11.50
CA VAL C 113 -11.17 -1.83 -12.37
C VAL C 113 -11.12 -1.12 -13.73
N CYS C 114 -12.28 -1.02 -14.40
CA CYS C 114 -12.39 -0.21 -15.61
C CYS C 114 -13.81 0.02 -16.11
N ALA C 115 -13.96 1.02 -16.95
CA ALA C 115 -15.28 1.57 -17.12
C ALA C 115 -15.41 2.24 -18.50
N SER C 116 -14.28 2.50 -19.14
CA SER C 116 -14.31 3.30 -20.33
C SER C 116 -15.27 2.71 -21.39
N PHE C 117 -15.30 1.39 -21.48
CA PHE C 117 -16.19 0.68 -22.42
C PHE C 117 -17.68 0.87 -22.15
N PHE C 118 -18.06 1.33 -20.97
CA PHE C 118 -19.49 1.65 -20.76
C PHE C 118 -19.77 3.08 -20.30
N ASN C 119 -18.82 3.78 -19.70
CA ASN C 119 -19.23 4.91 -18.89
C ASN C 119 -19.67 6.09 -19.77
N ALA C 120 -19.11 6.21 -20.97
CA ALA C 120 -19.52 7.26 -21.90
C ALA C 120 -20.81 6.92 -22.68
N GLN C 121 -21.10 5.63 -22.86
CA GLN C 121 -22.40 5.18 -23.32
C GLN C 121 -23.45 5.56 -22.30
N ALA C 122 -23.16 5.30 -21.02
CA ALA C 122 -24.18 5.53 -19.99
C ALA C 122 -24.43 7.00 -19.78
N GLU C 123 -23.39 7.80 -19.97
CA GLU C 123 -23.57 9.22 -19.76
C GLU C 123 -24.26 9.86 -20.98
N ALA C 124 -24.04 9.30 -22.17
CA ALA C 124 -24.78 9.74 -23.35
C ALA C 124 -26.26 9.34 -23.20
N LEU C 125 -26.49 8.15 -22.65
CA LEU C 125 -27.86 7.73 -22.38
C LEU C 125 -28.52 8.72 -21.44
N MET C 126 -27.78 9.11 -20.41
CA MET C 126 -28.32 10.03 -19.43
C MET C 126 -28.62 11.42 -20.06
N ASN C 127 -27.81 11.81 -21.05
CA ASN C 127 -27.94 13.14 -21.67
C ASN C 127 -28.77 13.14 -22.94
N GLU C 128 -29.34 11.99 -23.29
CA GLU C 128 -30.10 11.86 -24.54
C GLU C 128 -29.32 12.38 -25.75
N VAL C 129 -28.05 11.97 -25.86
CA VAL C 129 -27.24 12.21 -27.05
C VAL C 129 -26.86 10.85 -27.61
N ASP C 130 -26.44 10.82 -28.88
CA ASP C 130 -26.02 9.56 -29.48
C ASP C 130 -24.78 8.99 -28.75
N ALA C 131 -24.77 7.67 -28.54
CA ALA C 131 -23.68 6.96 -27.86
C ALA C 131 -22.37 7.20 -28.58
N PRO C 132 -21.29 7.40 -27.83
CA PRO C 132 -19.97 7.50 -28.51
C PRO C 132 -19.73 6.32 -29.48
N ALA C 133 -18.88 6.50 -30.50
CA ALA C 133 -18.35 5.35 -31.26
C ALA C 133 -17.58 4.39 -30.32
N GLU C 134 -17.61 3.10 -30.58
CA GLU C 134 -16.75 2.11 -29.87
C GLU C 134 -15.26 2.26 -30.15
N ASN C 135 -14.42 1.88 -29.18
CA ASN C 135 -12.98 1.75 -29.46
C ASN C 135 -12.73 0.75 -30.58
N GLU C 136 -11.51 0.70 -31.09
CA GLU C 136 -11.25 -0.10 -32.29
C GLU C 136 -11.44 -1.62 -32.05
N ALA C 137 -10.70 -2.15 -31.09
CA ALA C 137 -10.81 -3.56 -30.68
C ALA C 137 -12.28 -3.98 -30.51
N ASP C 138 -13.05 -3.18 -29.78
CA ASP C 138 -14.46 -3.46 -29.61
C ASP C 138 -15.19 -3.43 -30.95
N SER C 139 -14.84 -2.49 -31.82
CA SER C 139 -15.60 -2.33 -33.05
C SER C 139 -15.33 -3.49 -34.00
N VAL C 140 -14.13 -4.09 -33.93
CA VAL C 140 -13.86 -5.20 -34.84
C VAL C 140 -14.26 -6.53 -34.19
N SER C 141 -14.95 -6.47 -33.07
CA SER C 141 -15.31 -7.68 -32.34
C SER C 141 -16.82 -7.93 -32.39
N VAL C 142 -17.22 -9.20 -32.56
CA VAL C 142 -18.64 -9.51 -32.77
C VAL C 142 -19.20 -10.31 -31.62
N VAL C 143 -20.24 -9.79 -31.00
CA VAL C 143 -21.03 -10.58 -30.05
C VAL C 143 -22.15 -11.27 -30.86
N GLY C 144 -22.23 -12.61 -30.81
CA GLY C 144 -23.26 -13.35 -31.53
C GLY C 144 -24.62 -12.87 -31.07
N ALA C 145 -25.49 -12.46 -31.99
CA ALA C 145 -26.76 -11.82 -31.60
C ALA C 145 -27.88 -12.77 -31.19
N GLY C 146 -27.59 -14.08 -31.11
CA GLY C 146 -28.62 -15.06 -30.79
C GLY C 146 -28.70 -15.42 -29.32
N GLY C 147 -29.56 -16.39 -29.03
CA GLY C 147 -29.53 -17.03 -27.73
C GLY C 147 -29.80 -16.02 -26.65
N GLY C 148 -28.90 -15.94 -25.68
CA GLY C 148 -29.12 -15.06 -24.55
C GLY C 148 -28.60 -13.66 -24.72
N ASN C 149 -27.83 -13.38 -25.77
CA ASN C 149 -27.14 -12.10 -25.83
C ASN C 149 -28.09 -10.97 -26.10
N VAL C 150 -27.89 -9.87 -25.41
CA VAL C 150 -28.63 -8.65 -25.70
C VAL C 150 -27.68 -7.71 -26.46
N THR C 151 -27.65 -7.80 -27.79
CA THR C 151 -26.70 -7.05 -28.61
C THR C 151 -27.24 -5.64 -28.96
N GLU C 152 -28.51 -5.41 -28.65
CA GLU C 152 -29.22 -4.16 -28.96
C GLU C 152 -30.23 -3.81 -27.88
N SER C 153 -30.37 -2.52 -27.56
CA SER C 153 -31.43 -2.03 -26.66
C SER C 153 -32.82 -2.31 -27.18
N TYR C 154 -33.67 -2.84 -26.31
CA TYR C 154 -35.04 -3.11 -26.70
C TYR C 154 -36.00 -2.81 -25.55
N GLY C 155 -37.10 -2.11 -25.83
CA GLY C 155 -38.10 -1.91 -24.79
C GLY C 155 -37.47 -1.18 -23.63
N ASN C 156 -37.48 -1.75 -22.41
CA ASN C 156 -36.83 -1.11 -21.25
C ASN C 156 -35.45 -1.59 -20.93
N VAL C 157 -34.79 -2.17 -21.90
CA VAL C 157 -33.51 -2.79 -21.67
C VAL C 157 -32.43 -2.18 -22.57
N ILE C 158 -31.33 -1.79 -21.96
CA ILE C 158 -30.18 -1.25 -22.68
C ILE C 158 -29.13 -2.36 -22.91
N SER C 159 -28.67 -2.50 -24.14
CA SER C 159 -27.56 -3.38 -24.40
C SER C 159 -26.29 -2.67 -23.95
N ILE C 160 -25.66 -3.14 -22.87
CA ILE C 160 -24.34 -2.65 -22.45
C ILE C 160 -23.24 -3.50 -23.10
N ALA C 161 -22.27 -2.86 -23.75
CA ALA C 161 -21.08 -3.55 -24.23
C ALA C 161 -21.47 -4.67 -25.22
N LYS C 162 -22.56 -4.40 -25.94
CA LYS C 162 -23.09 -5.23 -27.02
C LYS C 162 -23.52 -6.63 -26.62
N LYS C 163 -23.87 -6.82 -25.36
CA LYS C 163 -24.14 -8.17 -24.89
C LYS C 163 -25.04 -8.27 -23.66
N PHE C 164 -24.85 -7.39 -22.68
CA PHE C 164 -25.59 -7.44 -21.41
C PHE C 164 -26.83 -6.53 -21.42
N GLY C 165 -28.00 -7.07 -21.06
CA GLY C 165 -29.20 -6.28 -20.94
C GLY C 165 -29.18 -5.70 -19.54
N MET C 166 -29.35 -4.38 -19.45
CA MET C 166 -29.46 -3.72 -18.17
C MET C 166 -30.75 -2.90 -18.19
N ARG C 167 -31.53 -3.01 -17.13
CA ARG C 167 -32.82 -2.30 -17.16
C ARG C 167 -32.57 -0.79 -17.19
N LYS C 168 -33.33 -0.08 -18.03
CA LYS C 168 -33.19 1.35 -18.16
C LYS C 168 -33.04 2.00 -16.77
N GLU C 169 -33.89 1.65 -15.81
CA GLU C 169 -33.86 2.31 -14.48
C GLU C 169 -32.55 2.14 -13.66
N GLU C 170 -31.64 1.30 -14.15
CA GLU C 170 -30.40 1.11 -13.47
C GLU C 170 -29.27 1.89 -14.15
N ILE C 171 -29.55 2.48 -15.29
CA ILE C 171 -28.54 3.30 -15.95
C ILE C 171 -28.02 4.44 -15.02
N PRO C 172 -28.92 5.18 -14.34
CA PRO C 172 -28.46 6.26 -13.46
C PRO C 172 -27.67 5.70 -12.27
N VAL C 173 -28.02 4.50 -11.84
CA VAL C 173 -27.30 3.87 -10.75
C VAL C 173 -25.89 3.56 -11.25
N LEU C 174 -25.78 2.99 -12.43
CA LEU C 174 -24.51 2.73 -13.07
C LEU C 174 -23.68 4.02 -13.22
N VAL C 175 -24.31 5.15 -13.58
CA VAL C 175 -23.55 6.38 -13.73
C VAL C 175 -23.05 6.84 -12.37
N LYS C 176 -23.93 6.78 -11.38
CA LYS C 176 -23.60 7.37 -10.09
C LYS C 176 -22.55 6.50 -9.45
N THR C 177 -22.64 5.20 -9.69
CA THR C 177 -21.67 4.30 -9.07
C THR C 177 -20.31 4.43 -9.69
N SER C 178 -20.26 4.80 -10.97
CA SER C 178 -18.97 4.84 -11.70
C SER C 178 -18.23 6.16 -11.50
N LYS C 179 -18.94 7.19 -11.08
CA LYS C 179 -18.40 8.52 -11.10
C LYS C 179 -17.26 8.68 -10.10
N PRO C 180 -17.35 8.04 -8.94
CA PRO C 180 -16.24 8.32 -8.01
C PRO C 180 -14.90 7.74 -8.53
N TRP C 181 -14.96 6.91 -9.57
CA TRP C 181 -13.79 6.15 -10.06
C TRP C 181 -13.04 6.89 -11.16
N GLU C 182 -13.51 8.07 -11.51
CA GLU C 182 -12.83 8.81 -12.54
C GLU C 182 -11.36 9.02 -12.18
N GLY C 183 -10.50 8.78 -13.13
CA GLY C 183 -9.07 9.03 -12.96
C GLY C 183 -8.34 7.98 -12.12
N ILE C 184 -9.11 7.12 -11.44
CA ILE C 184 -8.53 6.31 -10.38
C ILE C 184 -8.91 4.85 -10.43
N SER C 185 -9.68 4.44 -11.43
CA SER C 185 -9.86 3.01 -11.65
C SER C 185 -8.50 2.33 -11.99
N VAL C 186 -8.43 1.00 -11.96
CA VAL C 186 -7.15 0.36 -12.32
C VAL C 186 -6.70 0.84 -13.68
N GLU C 187 -7.60 0.69 -14.65
CA GLU C 187 -7.41 1.25 -15.98
C GLU C 187 -6.91 2.69 -16.01
N GLU C 188 -7.60 3.60 -15.32
CA GLU C 188 -7.27 5.04 -15.49
C GLU C 188 -5.96 5.46 -14.76
N LEU C 189 -5.69 4.87 -13.57
CA LEU C 189 -4.49 5.14 -12.81
C LEU C 189 -3.30 4.51 -13.57
N SER C 190 -3.47 3.34 -14.16
CA SER C 190 -2.33 2.66 -14.76
C SER C 190 -2.03 3.36 -16.09
N ASN C 191 -3.07 3.88 -16.71
CA ASN C 191 -2.88 4.68 -17.90
C ASN C 191 -1.99 5.93 -17.61
N LYS C 192 -2.20 6.60 -16.50
CA LYS C 192 -1.31 7.74 -16.12
C LYS C 192 0.17 7.34 -16.07
N TYR C 193 0.45 6.25 -15.38
CA TYR C 193 1.84 5.83 -15.22
C TYR C 193 2.37 5.23 -16.50
N SER C 194 1.51 4.59 -17.27
CA SER C 194 1.95 4.08 -18.55
C SER C 194 2.40 5.22 -19.46
N LYS C 195 1.74 6.38 -19.36
CA LYS C 195 2.11 7.56 -20.14
C LYS C 195 3.51 8.02 -19.79
N MET C 196 4.05 7.55 -18.68
CA MET C 196 5.41 7.91 -18.25
C MET C 196 6.46 6.92 -18.79
N THR C 197 6.05 5.86 -19.47
CA THR C 197 7.04 4.90 -20.04
C THR C 197 7.51 5.46 -21.39
N PRO C 198 8.76 5.23 -21.77
CA PRO C 198 9.18 5.85 -23.04
C PRO C 198 8.36 5.38 -24.24
N GLY C 199 7.88 4.13 -24.13
CA GLY C 199 7.16 3.50 -25.22
C GLY C 199 5.66 3.77 -25.27
N TYR C 200 5.17 4.74 -24.50
CA TYR C 200 3.72 4.91 -24.39
C TYR C 200 3.03 5.09 -25.74
N ASP C 201 3.50 5.99 -26.59
CA ASP C 201 2.77 6.25 -27.85
C ASP C 201 2.81 5.04 -28.77
N GLN C 202 3.94 4.35 -28.75
CA GLN C 202 4.11 3.13 -29.51
C GLN C 202 3.09 2.09 -29.04
N PHE C 203 2.90 2.01 -27.73
CA PHE C 203 1.91 1.12 -27.13
C PHE C 203 0.50 1.49 -27.56
N LYS C 204 0.16 2.80 -27.52
CA LYS C 204 -1.17 3.21 -27.94
C LYS C 204 -1.44 2.84 -29.40
N ASN C 205 -0.42 2.98 -30.26
CA ASN C 205 -0.58 2.63 -31.66
C ASN C 205 -0.84 1.14 -31.77
N ILE C 206 -0.13 0.36 -30.99
CA ILE C 206 -0.33 -1.06 -30.98
C ILE C 206 -1.76 -1.44 -30.57
N MET C 207 -2.23 -0.87 -29.49
CA MET C 207 -3.59 -1.12 -29.05
C MET C 207 -4.56 -0.64 -30.12
N GLU C 208 -4.34 0.53 -30.70
CA GLU C 208 -5.39 1.09 -31.59
C GLU C 208 -5.51 0.27 -32.86
N SER C 209 -4.41 -0.34 -33.26
CA SER C 209 -4.38 -1.10 -34.51
C SER C 209 -4.86 -2.54 -34.22
N VAL C 210 -5.01 -2.86 -32.95
CA VAL C 210 -5.42 -4.19 -32.49
C VAL C 210 -4.37 -5.28 -32.76
N ILE C 211 -3.13 -4.85 -32.94
CA ILE C 211 -1.97 -5.75 -32.96
C ILE C 211 -1.96 -6.46 -31.58
N CYS C 212 -2.30 -5.73 -30.53
CA CYS C 212 -2.45 -6.37 -29.20
C CYS C 212 -3.93 -6.36 -28.89
N MET C 213 -4.52 -7.51 -28.64
CA MET C 213 -5.97 -7.61 -28.52
C MET C 213 -6.60 -6.81 -27.35
N PHE C 214 -6.04 -6.88 -26.15
CA PHE C 214 -6.66 -6.15 -25.05
C PHE C 214 -5.75 -5.97 -23.86
N ASP C 215 -6.23 -5.23 -22.86
CA ASP C 215 -5.43 -4.93 -21.64
C ASP C 215 -5.57 -5.92 -20.50
N SER C 216 -4.47 -6.23 -19.84
CA SER C 216 -4.50 -7.13 -18.70
C SER C 216 -5.54 -6.69 -17.61
N PHE C 217 -5.71 -5.40 -17.38
CA PHE C 217 -6.70 -5.03 -16.35
C PHE C 217 -8.13 -5.48 -16.69
N ALA C 218 -8.43 -5.86 -17.94
CA ALA C 218 -9.82 -6.24 -18.20
C ALA C 218 -10.21 -7.51 -17.43
N ILE C 219 -9.23 -8.38 -17.13
CA ILE C 219 -9.50 -9.64 -16.46
C ILE C 219 -8.30 -10.06 -15.62
N PRO C 220 -8.11 -9.41 -14.45
CA PRO C 220 -6.89 -9.55 -13.63
C PRO C 220 -6.77 -10.88 -12.87
N GLN C 221 -7.89 -11.57 -12.66
CA GLN C 221 -7.88 -12.95 -12.18
C GLN C 221 -8.38 -13.86 -13.28
N GLY C 222 -8.11 -15.15 -13.16
CA GLY C 222 -8.55 -16.14 -14.14
C GLY C 222 -7.40 -16.65 -15.01
N ARG C 223 -7.71 -17.53 -15.98
CA ARG C 223 -6.73 -18.42 -16.62
C ARG C 223 -5.83 -19.04 -15.53
N GLU C 224 -6.51 -19.55 -14.50
CA GLU C 224 -5.86 -20.07 -13.30
C GLU C 224 -6.75 -21.16 -12.68
N VAL C 225 -6.25 -21.87 -11.71
CA VAL C 225 -7.13 -22.86 -11.08
C VAL C 225 -7.45 -22.50 -9.61
N ILE C 226 -8.74 -22.54 -9.23
CA ILE C 226 -9.15 -22.14 -7.88
C ILE C 226 -8.72 -23.24 -6.94
N ASN C 227 -8.63 -22.95 -5.65
CA ASN C 227 -8.29 -24.01 -4.70
C ASN C 227 -9.32 -23.98 -3.59
N TYR C 228 -10.10 -25.06 -3.50
CA TYR C 228 -11.25 -25.16 -2.57
C TYR C 228 -10.91 -25.73 -1.22
N TYR C 229 -9.64 -26.09 -1.03
CA TYR C 229 -9.23 -26.72 0.25
C TYR C 229 -9.71 -26.03 1.56
N MET C 230 -9.45 -24.74 1.78
CA MET C 230 -9.67 -24.21 3.12
C MET C 230 -11.11 -24.37 3.64
N PRO C 231 -12.13 -23.91 2.84
CA PRO C 231 -13.48 -24.12 3.38
C PRO C 231 -13.89 -25.61 3.40
N LEU C 232 -13.38 -26.43 2.51
CA LEU C 232 -13.83 -27.83 2.54
C LEU C 232 -13.19 -28.47 3.81
N GLN C 233 -12.05 -27.97 4.21
CA GLN C 233 -11.42 -28.61 5.35
C GLN C 233 -11.87 -28.02 6.69
N TYR C 234 -12.10 -26.70 6.73
CA TYR C 234 -12.40 -25.98 7.99
C TYR C 234 -13.85 -25.54 8.14
N GLY C 235 -14.49 -25.18 7.04
CA GLY C 235 -15.74 -24.48 7.19
C GLY C 235 -15.39 -23.04 7.55
N PHE C 236 -16.35 -22.12 7.40
CA PHE C 236 -16.13 -20.71 7.66
C PHE C 236 -15.94 -20.34 9.14
N ASP C 237 -16.71 -20.94 10.07
CA ASP C 237 -16.43 -20.74 11.49
C ASP C 237 -14.99 -21.20 11.78
N GLY C 238 -14.64 -22.38 11.31
CA GLY C 238 -13.26 -22.84 11.45
C GLY C 238 -12.23 -21.80 10.95
N ILE C 239 -12.40 -21.32 9.73
CA ILE C 239 -11.46 -20.34 9.18
C ILE C 239 -11.34 -19.06 10.04
N ILE C 240 -12.49 -18.52 10.46
CA ILE C 240 -12.51 -17.34 11.31
C ILE C 240 -11.70 -17.57 12.57
N LYS C 241 -11.84 -18.77 13.10
CA LYS C 241 -11.10 -19.19 14.29
C LYS C 241 -9.60 -19.17 13.97
N LEU C 242 -9.18 -19.80 12.84
CA LEU C 242 -7.74 -19.78 12.44
C LEU C 242 -7.26 -18.34 12.37
N CYS C 243 -8.10 -17.47 11.81
CA CYS C 243 -7.77 -16.05 11.70
C CYS C 243 -7.53 -15.40 13.07
N ASP C 244 -8.45 -15.61 14.03
CA ASP C 244 -8.29 -15.10 15.37
C ASP C 244 -6.98 -15.57 15.98
N GLU C 245 -6.69 -16.85 15.80
CA GLU C 245 -5.44 -17.44 16.29
C GLU C 245 -4.23 -16.75 15.72
N LYS C 246 -4.20 -16.61 14.39
CA LYS C 246 -3.04 -15.98 13.77
C LYS C 246 -2.89 -14.51 14.14
N ILE C 247 -4.03 -13.80 14.23
CA ILE C 247 -4.01 -12.41 14.61
C ILE C 247 -3.40 -12.28 15.98
N ALA C 248 -3.83 -13.13 16.92
CA ALA C 248 -3.25 -13.12 18.24
C ALA C 248 -1.73 -13.47 18.20
N GLU C 249 -1.29 -14.28 17.25
CA GLU C 249 0.15 -14.64 17.18
C GLU C 249 0.97 -13.51 16.54
N VAL C 250 0.44 -12.81 15.54
CA VAL C 250 1.35 -11.98 14.72
C VAL C 250 0.99 -10.52 14.70
N MET C 251 -0.19 -10.12 15.22
CA MET C 251 -0.59 -8.70 14.99
C MET C 251 0.45 -7.85 15.77
N GLY C 252 1.07 -6.85 15.15
CA GLY C 252 2.06 -6.00 15.83
C GLY C 252 3.49 -6.67 15.83
N GLU C 253 3.60 -7.89 15.29
CA GLU C 253 4.92 -8.53 15.15
C GLU C 253 5.38 -8.63 13.73
N ALA C 254 6.64 -8.31 13.53
CA ALA C 254 7.21 -8.43 12.20
C ALA C 254 8.13 -9.66 12.16
N GLY C 255 8.46 -10.30 13.28
CA GLY C 255 9.50 -11.32 13.15
C GLY C 255 10.78 -10.66 12.64
N ASP C 256 11.55 -11.32 11.79
CA ASP C 256 12.71 -10.62 11.21
C ASP C 256 12.41 -9.98 9.86
N ASP C 257 11.15 -9.82 9.52
CA ASP C 257 10.78 -9.48 8.16
C ASP C 257 10.32 -8.03 8.05
N GLY C 258 11.25 -7.16 7.72
CA GLY C 258 11.01 -5.74 7.55
C GLY C 258 10.08 -5.38 6.43
N ASP C 259 10.01 -6.28 5.43
CA ASP C 259 9.16 -6.00 4.25
C ASP C 259 7.67 -6.36 4.47
N PHE C 260 7.41 -7.60 4.89
CA PHE C 260 6.06 -8.13 4.95
C PHE C 260 5.68 -8.66 6.31
N GLY C 261 6.61 -8.68 7.26
CA GLY C 261 6.26 -9.15 8.61
C GLY C 261 5.02 -8.48 9.20
N MET C 262 5.04 -7.15 9.36
CA MET C 262 3.83 -6.38 9.85
C MET C 262 2.54 -6.59 9.04
N SER C 263 2.67 -6.85 7.74
CA SER C 263 1.53 -7.06 6.85
C SER C 263 0.72 -8.35 7.13
N ARG C 264 1.34 -9.32 7.77
CA ARG C 264 0.65 -10.56 8.11
C ARG C 264 -0.60 -10.31 8.92
N GLY C 265 -0.49 -9.48 9.95
CA GLY C 265 -1.63 -9.20 10.80
C GLY C 265 -2.78 -8.61 10.01
N TYR C 266 -2.50 -7.73 9.07
CA TYR C 266 -3.64 -7.11 8.33
C TYR C 266 -4.24 -8.14 7.35
N TYR C 267 -3.39 -9.06 6.85
CA TYR C 267 -3.83 -10.14 5.97
C TYR C 267 -4.91 -10.93 6.75
N TYR C 268 -4.66 -11.22 8.01
CA TYR C 268 -5.55 -12.20 8.70
C TYR C 268 -6.85 -11.45 9.04
N ALA C 269 -6.75 -10.19 9.35
CA ALA C 269 -7.94 -9.45 9.73
C ALA C 269 -8.83 -9.31 8.46
N ALA C 270 -8.20 -9.15 7.30
CA ALA C 270 -8.90 -9.09 6.00
C ALA C 270 -9.56 -10.42 5.66
N MET C 271 -8.90 -11.54 5.96
CA MET C 271 -9.41 -12.85 5.56
C MET C 271 -10.58 -13.08 6.49
N LYS C 272 -10.50 -12.50 7.67
CA LYS C 272 -11.56 -12.78 8.61
C LYS C 272 -12.78 -11.98 8.10
N GLU C 273 -12.54 -10.81 7.50
CA GLU C 273 -13.64 -9.95 6.99
C GLU C 273 -14.37 -10.64 5.84
N ILE C 274 -13.64 -11.19 4.88
CA ILE C 274 -14.24 -11.79 3.70
C ILE C 274 -14.90 -13.11 4.09
N THR C 275 -14.38 -13.78 5.11
CA THR C 275 -15.01 -15.06 5.50
C THR C 275 -16.37 -14.76 6.16
N LYS C 276 -16.45 -13.72 6.99
CA LYS C 276 -17.78 -13.32 7.54
C LYS C 276 -18.73 -13.01 6.38
N GLY C 277 -18.19 -12.43 5.31
CA GLY C 277 -18.99 -12.11 4.12
C GLY C 277 -19.58 -13.35 3.42
N LEU C 278 -18.71 -14.33 3.15
CA LEU C 278 -19.10 -15.58 2.54
C LEU C 278 -20.13 -16.29 3.41
N SER C 279 -19.93 -16.28 4.72
CA SER C 279 -20.85 -16.90 5.64
C SER C 279 -22.24 -16.25 5.56
N ALA C 280 -22.27 -14.93 5.64
CA ALA C 280 -23.57 -14.21 5.65
C ALA C 280 -24.32 -14.41 4.32
N TRP C 281 -23.56 -14.31 3.24
CA TRP C 281 -24.01 -14.63 1.91
C TRP C 281 -24.69 -15.98 1.87
N CYS C 282 -24.03 -17.04 2.38
CA CYS C 282 -24.68 -18.37 2.42
C CYS C 282 -25.97 -18.28 3.22
N GLU C 283 -25.91 -17.55 4.31
CA GLU C 283 -27.04 -17.45 5.24
C GLU C 283 -28.20 -16.72 4.54
N ASN C 284 -27.93 -15.81 3.64
CA ASN C 284 -29.02 -15.16 2.94
C ASN C 284 -29.80 -16.18 2.07
N TYR C 285 -29.04 -17.13 1.50
CA TYR C 285 -29.64 -18.11 0.62
C TYR C 285 -30.46 -19.03 1.48
N SER C 286 -29.91 -19.39 2.64
CA SER C 286 -30.65 -20.23 3.60
C SER C 286 -32.02 -19.61 3.91
N LYS C 287 -31.99 -18.33 4.22
CA LYS C 287 -33.20 -17.56 4.47
C LYS C 287 -34.18 -17.57 3.29
N ARG C 288 -33.69 -17.44 2.07
CA ARG C 288 -34.57 -17.36 0.92
C ARG C 288 -35.26 -18.69 0.72
N ALA C 289 -34.50 -19.76 0.94
CA ALA C 289 -35.02 -21.09 0.83
C ALA C 289 -36.05 -21.33 1.93
N LYS C 290 -35.83 -20.75 3.11
CA LYS C 290 -36.78 -20.91 4.22
C LYS C 290 -38.15 -20.30 3.85
N TYR C 291 -38.13 -19.09 3.31
CA TYR C 291 -39.33 -18.46 2.85
C TYR C 291 -39.98 -19.22 1.69
N LEU C 292 -39.19 -19.66 0.70
CA LEU C 292 -39.86 -20.35 -0.40
C LEU C 292 -40.55 -21.62 0.13
N ALA C 293 -39.93 -22.31 1.07
CA ALA C 293 -40.53 -23.50 1.60
C ALA C 293 -41.90 -23.08 2.13
N SER C 294 -41.92 -22.04 2.92
CA SER C 294 -43.12 -21.62 3.64
C SER C 294 -44.30 -21.23 2.76
N ILE C 295 -44.09 -21.01 1.46
CA ILE C 295 -45.22 -20.67 0.61
C ILE C 295 -45.43 -21.73 -0.43
N GLU C 296 -44.67 -22.81 -0.34
CA GLU C 296 -44.70 -23.86 -1.34
C GLU C 296 -45.79 -24.87 -1.02
N THR C 297 -46.73 -25.08 -1.94
CA THR C 297 -47.81 -26.02 -1.71
C THR C 297 -47.53 -27.41 -2.27
N ASP C 298 -46.56 -27.53 -3.17
CA ASP C 298 -46.16 -28.86 -3.65
C ASP C 298 -45.24 -29.50 -2.62
N SER C 299 -45.56 -30.72 -2.21
CA SER C 299 -44.82 -31.41 -1.18
C SER C 299 -43.36 -31.62 -1.55
N GLU C 300 -43.13 -32.20 -2.71
CA GLU C 300 -41.78 -32.50 -3.15
C GLU C 300 -40.95 -31.22 -3.24
N ILE C 301 -41.55 -30.19 -3.80
CA ILE C 301 -40.80 -28.97 -4.02
C ILE C 301 -40.44 -28.37 -2.67
N LYS C 302 -41.33 -28.49 -1.72
CA LYS C 302 -41.16 -27.85 -0.43
C LYS C 302 -40.09 -28.52 0.43
N ALA C 303 -40.04 -29.85 0.41
CA ALA C 303 -39.00 -30.61 1.12
C ALA C 303 -37.62 -30.25 0.55
N ASN C 304 -37.62 -30.00 -0.74
CA ASN C 304 -36.41 -29.58 -1.40
C ASN C 304 -35.88 -28.17 -1.00
N TYR C 305 -36.76 -27.15 -1.01
CA TYR C 305 -36.41 -25.85 -0.46
C TYR C 305 -35.91 -25.94 0.96
N GLU C 306 -36.47 -26.88 1.71
CA GLU C 306 -36.07 -27.07 3.10
C GLU C 306 -34.72 -27.72 3.17
N LYS C 307 -34.42 -28.58 2.20
CA LYS C 307 -33.13 -29.28 2.19
C LYS C 307 -32.08 -28.23 1.84
N ILE C 308 -32.43 -27.34 0.92
CA ILE C 308 -31.54 -26.27 0.51
C ILE C 308 -31.28 -25.38 1.73
N GLU C 309 -32.33 -25.13 2.50
CA GLU C 309 -32.25 -24.25 3.64
C GLU C 309 -31.21 -24.78 4.57
N GLU C 310 -31.31 -26.07 4.82
CA GLU C 310 -30.40 -26.76 5.72
C GLU C 310 -28.98 -26.73 5.17
N VAL C 311 -28.83 -27.05 3.90
CA VAL C 311 -27.51 -27.12 3.26
C VAL C 311 -26.75 -25.76 3.40
N MET C 312 -27.45 -24.69 3.03
CA MET C 312 -26.84 -23.36 2.99
C MET C 312 -26.61 -22.84 4.42
N GLY C 313 -27.54 -23.14 5.34
CA GLY C 313 -27.34 -22.81 6.74
C GLY C 313 -26.10 -23.52 7.27
N ASN C 314 -25.91 -24.75 6.80
CA ASN C 314 -24.77 -25.53 7.24
C ASN C 314 -23.47 -25.00 6.68
N ILE C 315 -23.44 -24.69 5.39
CA ILE C 315 -22.17 -24.31 4.83
C ILE C 315 -21.84 -22.87 5.14
N ALA C 316 -22.83 -22.09 5.63
CA ALA C 316 -22.51 -20.76 6.16
C ALA C 316 -21.52 -20.83 7.36
N HIS C 317 -21.40 -22.00 8.02
CA HIS C 317 -20.66 -22.11 9.30
C HIS C 317 -19.85 -23.36 9.45
N LYS C 318 -20.46 -24.51 9.22
CA LYS C 318 -19.74 -25.75 9.51
C LYS C 318 -18.88 -26.24 8.39
N LYS C 319 -17.96 -27.14 8.69
CA LYS C 319 -17.39 -27.95 7.67
C LYS C 319 -18.45 -28.83 6.93
N PRO C 320 -18.41 -28.83 5.58
CA PRO C 320 -19.24 -29.75 4.78
C PRO C 320 -19.20 -31.14 5.33
N ALA C 321 -20.35 -31.79 5.35
CA ALA C 321 -20.53 -33.04 6.05
C ALA C 321 -21.18 -34.08 5.14
N ASN C 322 -21.31 -33.73 3.85
CA ASN C 322 -21.84 -34.61 2.81
C ASN C 322 -21.52 -34.04 1.42
N PHE C 323 -21.68 -34.86 0.39
CA PHE C 323 -21.38 -34.46 -0.97
C PHE C 323 -22.13 -33.21 -1.39
N TRP C 324 -23.43 -33.14 -1.06
CA TRP C 324 -24.24 -32.01 -1.53
C TRP C 324 -23.64 -30.73 -0.92
N GLU C 325 -23.31 -30.77 0.36
CA GLU C 325 -22.70 -29.61 1.03
C GLU C 325 -21.36 -29.28 0.41
N ALA C 326 -20.52 -30.29 0.25
CA ALA C 326 -19.19 -30.07 -0.29
C ALA C 326 -19.26 -29.41 -1.67
N ILE C 327 -20.04 -29.96 -2.56
CA ILE C 327 -20.06 -29.40 -3.89
C ILE C 327 -20.73 -28.02 -3.80
N GLN C 328 -21.72 -27.86 -2.94
CA GLN C 328 -22.36 -26.53 -2.83
C GLN C 328 -21.28 -25.55 -2.29
N MET C 329 -20.40 -26.04 -1.41
CA MET C 329 -19.41 -25.13 -0.83
C MET C 329 -18.44 -24.74 -1.95
N THR C 330 -18.09 -25.68 -2.84
CA THR C 330 -17.20 -25.28 -3.94
C THR C 330 -17.93 -24.21 -4.82
N LEU C 331 -19.24 -24.29 -4.98
CA LEU C 331 -19.93 -23.23 -5.74
C LEU C 331 -19.83 -21.88 -5.04
N CYS C 332 -20.01 -21.86 -3.74
CA CYS C 332 -19.91 -20.61 -3.00
C CYS C 332 -18.49 -20.00 -3.21
N CYS C 333 -17.40 -20.81 -3.19
CA CYS C 333 -16.07 -20.26 -3.38
C CYS C 333 -15.93 -19.72 -4.79
N HIS C 334 -16.42 -20.51 -5.73
CA HIS C 334 -16.30 -20.16 -7.13
C HIS C 334 -17.10 -18.86 -7.42
N PHE C 335 -18.34 -18.76 -6.96
CA PHE C 335 -19.04 -17.49 -7.21
C PHE C 335 -18.36 -16.33 -6.50
N GLY C 336 -17.82 -16.61 -5.30
CA GLY C 336 -17.14 -15.60 -4.50
C GLY C 336 -15.99 -14.96 -5.25
N VAL C 337 -15.09 -15.79 -5.78
CA VAL C 337 -13.97 -15.27 -6.53
C VAL C 337 -14.42 -14.58 -7.82
N VAL C 338 -15.26 -15.24 -8.64
CA VAL C 338 -15.62 -14.56 -9.92
C VAL C 338 -16.49 -13.31 -9.72
N ASN C 339 -17.00 -13.14 -8.50
CA ASN C 339 -17.66 -11.89 -8.16
C ASN C 339 -16.66 -10.85 -7.65
N GLU C 340 -15.37 -11.21 -7.49
CA GLU C 340 -14.46 -10.21 -6.86
C GLU C 340 -13.61 -9.43 -7.89
N ASP C 341 -13.71 -9.84 -9.15
CA ASP C 341 -13.03 -9.15 -10.27
C ASP C 341 -13.74 -9.52 -11.55
N PRO C 342 -13.54 -8.72 -12.60
CA PRO C 342 -14.03 -9.22 -13.88
C PRO C 342 -13.06 -10.27 -14.36
N GLN C 343 -13.53 -11.38 -14.90
CA GLN C 343 -12.54 -12.43 -15.22
C GLN C 343 -13.14 -13.55 -16.02
N SER C 344 -12.26 -14.32 -16.62
CA SER C 344 -12.64 -15.55 -17.29
C SER C 344 -11.57 -16.62 -16.98
N GLY C 345 -11.98 -17.85 -17.14
CA GLY C 345 -11.04 -18.93 -17.00
C GLY C 345 -10.63 -19.15 -15.56
N LEU C 346 -11.52 -18.90 -14.59
CA LEU C 346 -11.28 -19.45 -13.25
C LEU C 346 -11.68 -20.89 -13.28
N SER C 347 -10.70 -21.78 -13.40
CA SER C 347 -10.97 -23.20 -13.54
C SER C 347 -11.44 -23.75 -12.20
N ILE C 348 -12.41 -24.66 -12.29
CA ILE C 348 -12.81 -25.50 -11.19
C ILE C 348 -11.67 -26.46 -10.87
N GLY C 349 -10.92 -26.85 -11.89
CA GLY C 349 -9.82 -27.83 -11.61
C GLY C 349 -10.33 -29.28 -11.42
N ARG C 350 -9.75 -30.06 -10.54
CA ARG C 350 -9.90 -31.49 -10.67
C ARG C 350 -10.94 -31.92 -9.65
N LEU C 351 -12.14 -31.42 -9.90
CA LEU C 351 -13.27 -31.55 -8.98
C LEU C 351 -13.57 -32.96 -8.57
N GLY C 352 -13.41 -33.91 -9.51
CA GLY C 352 -13.66 -35.32 -9.26
C GLY C 352 -12.75 -35.90 -8.20
N GLN C 353 -11.60 -35.24 -8.01
CA GLN C 353 -10.61 -35.74 -7.05
C GLN C 353 -10.76 -35.02 -5.73
N VAL C 354 -10.99 -33.70 -5.81
CA VAL C 354 -11.25 -32.85 -4.64
C VAL C 354 -12.45 -33.38 -3.82
N LEU C 355 -13.51 -33.75 -4.53
CA LEU C 355 -14.79 -34.13 -3.92
C LEU C 355 -14.89 -35.65 -3.77
N GLN C 356 -13.86 -36.39 -4.22
CA GLN C 356 -13.98 -37.86 -4.10
C GLN C 356 -14.25 -38.24 -2.64
N PRO C 357 -13.54 -37.61 -1.67
CA PRO C 357 -13.79 -38.07 -0.27
C PRO C 357 -15.22 -37.87 0.19
N PHE C 358 -15.82 -36.76 -0.21
CA PHE C 358 -17.20 -36.52 0.19
C PHE C 358 -18.13 -37.50 -0.54
N TYR C 359 -17.95 -37.64 -1.85
CA TYR C 359 -18.72 -38.59 -2.65
C TYR C 359 -18.67 -40.00 -2.05
N GLU C 360 -17.48 -40.53 -1.75
CA GLU C 360 -17.41 -41.96 -1.47
C GLU C 360 -18.01 -42.24 -0.08
N LYS C 361 -17.88 -41.29 0.87
CA LYS C 361 -18.51 -41.50 2.16
C LYS C 361 -20.02 -41.61 1.97
N ASP C 362 -20.56 -40.72 1.15
CA ASP C 362 -21.99 -40.71 0.95
C ASP C 362 -22.47 -41.99 0.27
N VAL C 363 -21.73 -42.52 -0.68
CA VAL C 363 -22.28 -43.69 -1.35
C VAL C 363 -22.06 -44.90 -0.45
N GLU C 364 -21.05 -44.87 0.42
CA GLU C 364 -20.73 -45.96 1.31
C GLU C 364 -21.65 -46.01 2.52
N ASP C 365 -22.09 -44.84 2.97
CA ASP C 365 -22.81 -44.72 4.23
C ASP C 365 -24.28 -44.50 3.97
N GLY C 366 -24.71 -44.75 2.75
CA GLY C 366 -26.12 -44.73 2.45
C GLY C 366 -26.77 -43.35 2.48
N ILE C 367 -26.00 -42.31 2.16
CA ILE C 367 -26.55 -40.96 2.09
C ILE C 367 -27.04 -40.62 0.70
N MET C 368 -26.35 -41.13 -0.31
CA MET C 368 -26.73 -40.91 -1.70
C MET C 368 -26.59 -42.13 -2.56
N THR C 369 -27.34 -42.16 -3.66
CA THR C 369 -27.05 -43.14 -4.71
C THR C 369 -26.24 -42.42 -5.78
N ASP C 370 -25.65 -43.18 -6.71
CA ASP C 370 -24.93 -42.50 -7.80
C ASP C 370 -25.89 -41.72 -8.64
N GLU C 371 -27.08 -42.25 -8.90
CA GLU C 371 -28.01 -41.51 -9.76
C GLU C 371 -28.23 -40.13 -9.14
N GLU C 372 -28.33 -40.07 -7.82
CA GLU C 372 -28.47 -38.79 -7.12
C GLU C 372 -27.24 -37.90 -7.26
N VAL C 373 -26.05 -38.49 -7.28
CA VAL C 373 -24.82 -37.71 -7.46
C VAL C 373 -24.84 -37.15 -8.91
N ILE C 374 -25.40 -37.93 -9.84
CA ILE C 374 -25.46 -37.52 -11.23
C ILE C 374 -26.42 -36.35 -11.40
N GLU C 375 -27.55 -36.43 -10.70
CA GLU C 375 -28.48 -35.34 -10.70
C GLU C 375 -27.78 -34.04 -10.23
N LEU C 376 -27.01 -34.10 -9.14
CA LEU C 376 -26.35 -32.87 -8.68
C LEU C 376 -25.32 -32.42 -9.68
N LEU C 377 -24.63 -33.40 -10.27
CA LEU C 377 -23.60 -33.04 -11.27
C LEU C 377 -24.24 -32.42 -12.54
N GLU C 378 -25.37 -32.96 -13.01
CA GLU C 378 -26.11 -32.34 -14.13
C GLU C 378 -26.48 -30.91 -13.81
N LEU C 379 -26.97 -30.71 -12.60
CA LEU C 379 -27.47 -29.41 -12.20
C LEU C 379 -26.28 -28.46 -12.03
N TYR C 380 -25.14 -29.05 -11.65
CA TYR C 380 -23.89 -28.30 -11.42
C TYR C 380 -23.54 -27.71 -12.79
N ARG C 381 -23.72 -28.52 -13.85
CA ARG C 381 -23.44 -28.05 -15.22
C ARG C 381 -24.26 -26.78 -15.57
N ILE C 382 -25.49 -26.70 -15.07
CA ILE C 382 -26.26 -25.49 -15.34
C ILE C 382 -25.67 -24.23 -14.69
N LYS C 383 -25.35 -24.32 -13.40
CA LYS C 383 -24.74 -23.22 -12.65
C LYS C 383 -23.50 -22.70 -13.35
N ILE C 384 -22.62 -23.59 -13.78
CA ILE C 384 -21.37 -23.19 -14.35
C ILE C 384 -21.64 -22.54 -15.71
N THR C 385 -22.47 -23.18 -16.52
CA THR C 385 -22.83 -22.64 -17.83
C THR C 385 -23.40 -21.21 -17.72
N CYS C 386 -23.99 -20.87 -16.57
CA CYS C 386 -24.61 -19.53 -16.46
C CYS C 386 -23.69 -18.41 -16.04
N ILE C 387 -22.43 -18.75 -15.82
CA ILE C 387 -21.47 -17.77 -15.33
C ILE C 387 -21.04 -16.85 -16.45
N GLU C 388 -21.31 -15.57 -16.29
CA GLU C 388 -20.99 -14.57 -17.29
C GLU C 388 -19.80 -13.70 -16.86
N CYS C 389 -19.11 -13.15 -17.85
CA CYS C 389 -18.03 -12.21 -17.60
C CYS C 389 -18.35 -10.88 -18.21
N PHE C 390 -18.65 -9.92 -17.35
CA PHE C 390 -18.94 -8.58 -17.77
C PHE C 390 -17.62 -7.91 -18.06
N ALA C 391 -17.45 -7.52 -19.31
CA ALA C 391 -16.21 -6.88 -19.76
C ALA C 391 -16.51 -6.35 -21.15
N SER C 392 -15.67 -5.44 -21.67
CA SER C 392 -15.79 -4.96 -23.04
C SER C 392 -16.11 -6.08 -24.06
N ALA C 393 -16.67 -5.66 -25.18
CA ALA C 393 -17.08 -6.55 -26.27
C ALA C 393 -15.85 -7.14 -26.97
N GLY C 394 -14.73 -6.40 -26.95
CA GLY C 394 -13.48 -6.96 -27.43
C GLY C 394 -13.10 -8.20 -26.64
N VAL C 395 -13.44 -8.19 -25.36
CA VAL C 395 -13.22 -9.39 -24.54
C VAL C 395 -14.34 -10.45 -24.70
N SER C 396 -15.59 -10.11 -24.35
CA SER C 396 -16.73 -11.00 -24.40
C SER C 396 -17.06 -11.53 -25.82
N GLY C 397 -16.88 -10.70 -26.85
CA GLY C 397 -17.00 -11.14 -28.25
C GLY C 397 -15.69 -11.56 -28.96
N GLY C 398 -14.65 -10.72 -28.94
CA GLY C 398 -13.45 -10.93 -29.76
C GLY C 398 -12.68 -12.15 -29.26
N VAL C 399 -12.75 -12.34 -27.95
CA VAL C 399 -11.91 -13.35 -27.30
C VAL C 399 -12.78 -14.52 -26.81
N LEU C 400 -13.69 -14.26 -25.87
CA LEU C 400 -14.42 -15.35 -25.19
C LEU C 400 -15.62 -15.94 -25.97
N SER C 401 -16.26 -15.19 -26.88
CA SER C 401 -17.54 -15.67 -27.44
C SER C 401 -18.49 -15.99 -26.30
N GLY C 402 -18.32 -15.24 -25.21
CA GLY C 402 -19.23 -15.32 -24.10
C GLY C 402 -18.87 -16.43 -23.16
N ASN C 403 -18.04 -17.38 -23.58
CA ASN C 403 -17.77 -18.54 -22.70
C ASN C 403 -16.89 -18.07 -21.52
N THR C 404 -17.07 -18.66 -20.33
CA THR C 404 -16.26 -18.17 -19.22
C THR C 404 -15.17 -19.18 -18.77
N PHE C 405 -15.04 -20.30 -19.48
CA PHE C 405 -13.88 -21.25 -19.32
C PHE C 405 -13.65 -21.70 -17.89
N ASN C 406 -14.72 -22.04 -17.19
CA ASN C 406 -14.59 -22.69 -15.90
C ASN C 406 -14.24 -24.16 -16.14
N ASN C 407 -13.02 -24.36 -16.56
CA ASN C 407 -12.56 -25.66 -17.02
C ASN C 407 -12.47 -26.65 -15.89
N LEU C 408 -13.03 -27.85 -16.08
CA LEU C 408 -12.97 -28.88 -15.05
C LEU C 408 -12.10 -30.03 -15.56
N SER C 409 -10.91 -30.25 -14.94
CA SER C 409 -9.95 -31.25 -15.44
C SER C 409 -10.13 -32.60 -14.73
N LEU C 410 -9.70 -33.66 -15.41
CA LEU C 410 -10.00 -35.03 -14.98
C LEU C 410 -8.73 -35.87 -15.09
N GLY C 411 -8.57 -36.79 -14.16
CA GLY C 411 -7.49 -37.76 -14.27
C GLY C 411 -6.12 -37.23 -13.92
N GLY C 412 -5.13 -37.67 -14.69
CA GLY C 412 -3.74 -37.43 -14.35
C GLY C 412 -3.24 -38.33 -13.23
N GLN C 413 -2.32 -37.78 -12.46
CA GLN C 413 -1.61 -38.53 -11.44
C GLN C 413 -1.92 -37.85 -10.09
N ASN C 414 -2.01 -38.67 -9.05
CA ASN C 414 -2.21 -38.15 -7.73
C ASN C 414 -0.86 -37.96 -7.00
N TYR C 415 -0.95 -37.63 -5.74
CA TYR C 415 0.17 -37.19 -5.00
C TYR C 415 1.26 -38.24 -5.02
N ASP C 416 0.86 -39.51 -4.97
CA ASP C 416 1.80 -40.59 -4.84
C ASP C 416 2.21 -41.10 -6.22
N GLY C 417 1.84 -40.41 -7.29
CA GLY C 417 2.41 -40.71 -8.59
C GLY C 417 1.74 -41.88 -9.30
N LEU C 418 0.55 -42.21 -8.84
CA LEU C 418 -0.30 -43.24 -9.45
C LEU C 418 -1.46 -42.53 -10.13
N SER C 419 -2.25 -43.30 -10.89
CA SER C 419 -3.41 -42.75 -11.56
C SER C 419 -4.33 -42.10 -10.56
N ALA C 420 -4.82 -40.92 -10.94
CA ALA C 420 -5.64 -40.09 -10.09
C ALA C 420 -7.10 -40.28 -10.41
N VAL C 421 -7.41 -41.09 -11.42
CA VAL C 421 -8.79 -41.26 -11.80
C VAL C 421 -9.58 -41.77 -10.60
N THR C 422 -10.74 -41.15 -10.33
CA THR C 422 -11.62 -41.61 -9.25
C THR C 422 -13.02 -42.01 -9.77
N PRO C 423 -13.71 -42.80 -8.97
CA PRO C 423 -15.06 -43.21 -9.37
C PRO C 423 -15.93 -41.98 -9.64
N LEU C 424 -15.79 -40.94 -8.81
CA LEU C 424 -16.56 -39.71 -9.03
C LEU C 424 -16.33 -39.17 -10.45
N GLU C 425 -15.11 -39.32 -10.97
CA GLU C 425 -14.85 -38.72 -12.28
C GLU C 425 -15.67 -39.35 -13.42
N TYR C 426 -15.97 -40.65 -13.29
CA TYR C 426 -16.83 -41.26 -14.30
C TYR C 426 -18.20 -40.55 -14.27
N LEU C 427 -18.68 -40.26 -13.07
CA LEU C 427 -19.99 -39.64 -12.98
C LEU C 427 -19.99 -38.25 -13.58
N ILE C 428 -18.90 -37.51 -13.41
CA ILE C 428 -18.78 -36.21 -13.99
C ILE C 428 -18.92 -36.28 -15.51
N VAL C 429 -18.22 -37.21 -16.14
CA VAL C 429 -18.32 -37.40 -17.57
C VAL C 429 -19.80 -37.75 -17.92
N GLU C 430 -20.39 -38.65 -17.16
CA GLU C 430 -21.76 -39.10 -17.42
C GLU C 430 -22.74 -37.90 -17.40
N ALA C 431 -22.55 -37.01 -16.43
CA ALA C 431 -23.41 -35.86 -16.29
C ALA C 431 -23.31 -34.98 -17.53
N GLY C 432 -22.10 -34.85 -18.07
CA GLY C 432 -21.87 -34.03 -19.22
C GLY C 432 -22.48 -34.70 -20.45
N MET C 433 -22.71 -36.00 -20.37
CA MET C 433 -23.33 -36.69 -21.52
C MET C 433 -24.85 -36.50 -21.46
N ARG C 434 -25.39 -36.64 -20.25
CA ARG C 434 -26.84 -36.54 -20.08
C ARG C 434 -27.36 -35.12 -20.20
N ASN C 435 -26.61 -34.13 -19.66
CA ASN C 435 -27.02 -32.74 -19.69
C ASN C 435 -25.98 -31.91 -20.43
N GLN C 436 -26.14 -31.91 -21.72
CA GLN C 436 -25.19 -31.31 -22.61
C GLN C 436 -25.31 -29.81 -22.58
N THR C 437 -24.26 -29.19 -22.06
CA THR C 437 -24.22 -27.75 -21.84
C THR C 437 -22.82 -27.31 -22.23
N PRO C 438 -22.67 -26.03 -22.54
CA PRO C 438 -21.32 -25.62 -22.86
C PRO C 438 -20.30 -25.84 -21.68
N GLN C 439 -20.73 -25.72 -20.42
CA GLN C 439 -19.78 -25.82 -19.31
C GLN C 439 -20.31 -26.66 -18.16
N PRO C 440 -19.39 -27.12 -17.29
CA PRO C 440 -17.94 -26.89 -17.40
C PRO C 440 -17.38 -27.64 -18.58
N THR C 441 -16.42 -27.10 -19.33
CA THR C 441 -15.75 -27.95 -20.29
C THR C 441 -14.95 -29.00 -19.48
N LEU C 442 -14.76 -30.16 -20.05
CA LEU C 442 -14.07 -31.22 -19.36
C LEU C 442 -12.75 -31.46 -20.06
N SER C 443 -11.71 -31.66 -19.28
CA SER C 443 -10.37 -31.73 -19.82
C SER C 443 -9.70 -32.98 -19.28
N VAL C 444 -9.41 -33.97 -20.14
CA VAL C 444 -8.69 -35.16 -19.62
C VAL C 444 -7.21 -34.89 -19.58
N LEU C 445 -6.59 -35.03 -18.41
CA LEU C 445 -5.12 -34.93 -18.33
C LEU C 445 -4.64 -36.30 -18.75
N TYR C 446 -4.55 -36.56 -20.05
CA TYR C 446 -4.18 -37.90 -20.57
C TYR C 446 -2.87 -38.37 -19.95
N ASP C 447 -2.81 -39.62 -19.47
CA ASP C 447 -1.59 -40.21 -18.90
C ASP C 447 -1.63 -41.71 -19.16
N GLU C 448 -0.49 -42.29 -19.49
CA GLU C 448 -0.45 -43.72 -19.78
C GLU C 448 -0.95 -44.57 -18.63
N LYS C 449 -0.87 -44.02 -17.43
CA LYS C 449 -1.48 -44.69 -16.26
C LYS C 449 -2.99 -44.77 -16.17
N THR C 450 -3.73 -43.95 -16.94
CA THR C 450 -5.18 -43.88 -16.87
C THR C 450 -5.82 -45.22 -17.30
N PRO C 451 -6.70 -45.81 -16.46
CA PRO C 451 -7.35 -47.05 -16.91
C PRO C 451 -8.07 -46.90 -18.25
N GLU C 452 -7.96 -47.92 -19.11
CA GLU C 452 -8.67 -47.88 -20.38
C GLU C 452 -10.16 -47.55 -20.25
N ASP C 453 -10.88 -48.14 -19.31
CA ASP C 453 -12.29 -47.89 -19.29
C ASP C 453 -12.67 -46.42 -19.06
N PHE C 454 -11.85 -45.64 -18.35
CA PHE C 454 -12.15 -44.23 -18.16
C PHE C 454 -11.78 -43.48 -19.46
N LEU C 455 -10.67 -43.85 -20.09
CA LEU C 455 -10.32 -43.32 -21.44
C LEU C 455 -11.48 -43.57 -22.40
N MET C 456 -12.02 -44.79 -22.39
CA MET C 456 -13.12 -45.10 -23.29
C MET C 456 -14.34 -44.26 -22.94
N LYS C 457 -14.61 -44.10 -21.66
CA LYS C 457 -15.80 -43.38 -21.23
C LYS C 457 -15.66 -41.92 -21.63
N ALA C 458 -14.47 -41.35 -21.44
CA ALA C 458 -14.24 -39.98 -21.93
C ALA C 458 -14.32 -39.87 -23.47
N ALA C 459 -13.67 -40.79 -24.20
CA ALA C 459 -13.77 -40.86 -25.67
C ALA C 459 -15.24 -40.94 -26.14
N SER C 460 -16.05 -41.73 -25.44
CA SER C 460 -17.44 -41.92 -25.81
C SER C 460 -18.21 -40.60 -25.64
N CYS C 461 -17.70 -39.70 -24.81
CA CYS C 461 -18.31 -38.39 -24.62
C CYS C 461 -17.88 -37.46 -25.76
N THR C 462 -16.57 -37.32 -25.90
CA THR C 462 -15.95 -36.56 -26.97
C THR C 462 -16.60 -36.90 -28.30
N LYS C 463 -16.89 -38.17 -28.56
CA LYS C 463 -17.38 -38.50 -29.90
C LYS C 463 -18.80 -37.99 -30.15
N LEU C 464 -19.48 -37.50 -29.11
CA LEU C 464 -20.83 -36.91 -29.26
C LEU C 464 -20.80 -35.59 -30.03
N GLY C 465 -19.65 -34.94 -30.05
CA GLY C 465 -19.49 -33.72 -30.82
C GLY C 465 -19.80 -32.49 -30.00
N LEU C 466 -19.79 -32.64 -28.67
CA LEU C 466 -20.04 -31.52 -27.78
C LEU C 466 -18.81 -30.67 -27.61
N GLY C 467 -17.67 -31.20 -28.04
CA GLY C 467 -16.43 -30.49 -27.88
C GLY C 467 -15.70 -30.96 -26.63
N TYR C 468 -16.42 -31.60 -25.70
CA TYR C 468 -15.78 -32.09 -24.50
C TYR C 468 -15.94 -33.60 -24.26
N PRO C 469 -14.98 -34.21 -23.54
CA PRO C 469 -13.75 -33.60 -23.07
C PRO C 469 -12.74 -33.28 -24.15
N ALA C 470 -11.81 -32.37 -23.82
CA ALA C 470 -10.70 -32.13 -24.72
C ALA C 470 -9.60 -32.98 -24.07
N TRP C 471 -8.47 -33.16 -24.75
CA TRP C 471 -7.46 -34.11 -24.33
C TRP C 471 -6.14 -33.37 -24.20
N MET C 472 -5.59 -33.32 -22.99
CA MET C 472 -4.32 -32.66 -22.79
C MET C 472 -3.28 -33.64 -22.23
N ASN C 473 -2.03 -33.41 -22.54
CA ASN C 473 -0.95 -34.35 -22.18
C ASN C 473 -0.49 -34.13 -20.75
N ASN C 474 -0.92 -34.96 -19.82
CA ASN C 474 -0.45 -34.82 -18.44
C ASN C 474 1.05 -34.66 -18.37
N GLN C 475 1.79 -35.48 -19.10
CA GLN C 475 3.25 -35.48 -18.95
C GLN C 475 3.86 -34.18 -19.49
N THR C 476 3.46 -33.76 -20.69
CA THR C 476 4.03 -32.54 -21.26
C THR C 476 3.74 -31.34 -20.34
N GLY C 477 2.53 -31.32 -19.78
CA GLY C 477 2.23 -30.31 -18.77
C GLY C 477 3.12 -30.34 -17.53
N MET C 478 3.32 -31.54 -16.96
CA MET C 478 4.15 -31.58 -15.77
C MET C 478 5.55 -31.12 -16.20
N ASN C 479 5.92 -31.43 -17.42
CA ASN C 479 7.29 -31.12 -17.85
C ASN C 479 7.44 -29.61 -17.89
N PHE C 480 6.41 -28.94 -18.41
CA PHE C 480 6.37 -27.51 -18.45
C PHE C 480 6.39 -26.93 -17.01
N MET C 481 5.64 -27.53 -16.09
CA MET C 481 5.68 -27.08 -14.70
C MET C 481 7.05 -27.13 -14.08
N MET C 482 7.76 -28.25 -14.27
CA MET C 482 9.07 -28.38 -13.69
C MET C 482 9.99 -27.36 -14.30
N ARG C 483 9.88 -27.17 -15.60
CA ARG C 483 10.84 -26.28 -16.21
C ARG C 483 10.53 -24.81 -15.87
N ASN C 484 9.27 -24.41 -15.97
CA ASN C 484 8.99 -23.00 -15.84
C ASN C 484 9.05 -22.53 -14.40
N TYR C 485 8.62 -23.43 -13.53
CA TYR C 485 8.43 -23.10 -12.14
C TYR C 485 9.50 -23.70 -11.25
N GLY C 486 10.47 -24.36 -11.87
CA GLY C 486 11.60 -24.92 -11.15
C GLY C 486 12.37 -23.91 -10.29
N PRO C 487 12.55 -22.68 -10.79
CA PRO C 487 13.25 -21.70 -9.96
C PRO C 487 12.48 -21.36 -8.69
N GLU C 488 11.17 -21.60 -8.64
CA GLU C 488 10.44 -21.45 -7.39
C GLU C 488 10.35 -22.73 -6.59
N GLY C 489 11.06 -23.77 -7.01
CA GLY C 489 11.12 -24.97 -6.20
C GLY C 489 10.02 -25.99 -6.58
N MET C 490 9.40 -25.84 -7.75
CA MET C 490 8.40 -26.83 -8.22
C MET C 490 8.98 -28.27 -8.11
N ASP C 491 8.29 -29.20 -7.47
CA ASP C 491 8.82 -30.56 -7.38
C ASP C 491 7.85 -31.51 -8.09
N LEU C 492 8.13 -32.79 -8.05
CA LEU C 492 7.30 -33.76 -8.78
C LEU C 492 5.94 -33.82 -8.19
N HIS C 493 5.83 -33.74 -6.84
CA HIS C 493 4.50 -33.72 -6.21
C HIS C 493 3.59 -32.57 -6.64
N ASP C 494 4.05 -31.32 -6.55
CA ASP C 494 3.20 -30.20 -6.98
C ASP C 494 2.98 -30.27 -8.49
N ALA C 495 4.00 -30.69 -9.22
CA ALA C 495 3.88 -30.82 -10.68
C ALA C 495 2.70 -31.73 -11.06
N ARG C 496 2.55 -32.84 -10.34
CA ARG C 496 1.40 -33.75 -10.59
C ARG C 496 0.07 -33.08 -10.29
N ALA C 497 0.07 -31.94 -9.59
CA ALA C 497 -1.21 -31.29 -9.17
C ALA C 497 -1.72 -30.26 -10.16
N TRP C 498 -0.93 -30.05 -11.19
CA TRP C 498 -1.27 -29.05 -12.20
C TRP C 498 -2.56 -29.39 -12.91
N CYS C 499 -3.17 -28.40 -13.58
CA CYS C 499 -4.19 -28.67 -14.63
C CYS C 499 -4.45 -27.36 -15.38
N LEU C 500 -5.50 -27.31 -16.19
CA LEU C 500 -5.66 -26.19 -17.11
C LEU C 500 -6.31 -25.04 -16.40
N GLY C 501 -5.64 -23.90 -16.38
CA GLY C 501 -6.29 -22.65 -16.04
C GLY C 501 -6.99 -22.21 -17.31
N GLY C 502 -8.25 -21.84 -17.20
CA GLY C 502 -9.02 -21.46 -18.38
C GLY C 502 -9.04 -22.66 -19.32
N CYS C 503 -8.98 -22.38 -20.62
N CYS C 503 -8.98 -22.40 -20.63
CA CYS C 503 -9.00 -23.41 -21.65
CA CYS C 503 -9.01 -23.48 -21.61
C CYS C 503 -7.75 -24.33 -21.57
C CYS C 503 -7.73 -24.36 -21.55
N LEU C 504 -6.60 -23.70 -21.69
CA LEU C 504 -5.34 -24.45 -21.86
C LEU C 504 -4.16 -23.80 -21.18
N GLU C 505 -4.44 -22.91 -20.24
N GLU C 505 -4.44 -22.90 -20.25
CA GLU C 505 -3.36 -22.16 -19.62
CA GLU C 505 -3.38 -22.16 -19.59
C GLU C 505 -2.85 -22.99 -18.45
C GLU C 505 -2.85 -22.99 -18.44
N SER C 506 -1.90 -23.88 -18.75
CA SER C 506 -1.35 -24.80 -17.77
C SER C 506 -0.97 -24.04 -16.53
N ALA C 507 -1.52 -24.46 -15.40
CA ALA C 507 -1.46 -23.65 -14.16
C ALA C 507 -0.93 -24.48 -13.00
N PRO C 508 -0.05 -23.90 -12.16
CA PRO C 508 0.47 -24.69 -11.02
C PRO C 508 -0.65 -25.09 -10.08
N GLY C 509 -0.45 -26.22 -9.44
CA GLY C 509 -1.34 -26.72 -8.38
C GLY C 509 -0.48 -27.31 -7.27
N CYS C 510 -1.09 -27.82 -6.17
CA CYS C 510 -0.37 -28.62 -5.22
C CYS C 510 -1.42 -29.49 -4.56
N PHE C 511 -0.97 -30.45 -3.77
CA PHE C 511 -1.95 -31.20 -2.99
C PHE C 511 -1.93 -30.74 -1.52
N LEU C 512 -3.10 -30.79 -0.88
CA LEU C 512 -3.21 -30.40 0.50
C LEU C 512 -3.98 -31.53 1.22
N PRO C 513 -3.64 -31.75 2.51
CA PRO C 513 -4.22 -32.94 3.15
C PRO C 513 -5.60 -32.68 3.72
N LEU C 514 -6.63 -33.15 3.02
CA LEU C 514 -7.98 -33.03 3.53
C LEU C 514 -8.29 -34.16 4.53
N GLU C 515 -8.56 -33.82 5.77
CA GLU C 515 -9.00 -34.81 6.76
C GLU C 515 -10.52 -35.00 6.62
N TYR C 516 -10.96 -36.19 6.29
CA TYR C 516 -12.40 -36.41 6.17
C TYR C 516 -12.70 -37.87 6.21
N ASN C 517 -13.79 -38.22 6.90
CA ASN C 517 -14.23 -39.61 6.94
C ASN C 517 -13.11 -40.49 7.53
N GLY C 518 -12.48 -39.99 8.59
CA GLY C 518 -11.48 -40.79 9.30
C GLY C 518 -10.19 -41.05 8.56
N LYS C 519 -9.90 -40.29 7.53
CA LYS C 519 -8.66 -40.49 6.78
C LYS C 519 -8.22 -39.18 6.21
N VAL C 520 -7.02 -39.16 5.67
CA VAL C 520 -6.58 -37.94 5.11
C VAL C 520 -6.42 -38.18 3.63
N THR C 521 -6.98 -37.30 2.79
CA THR C 521 -6.71 -37.41 1.36
C THR C 521 -5.96 -36.22 0.76
N MET C 522 -4.82 -36.43 0.10
CA MET C 522 -4.15 -35.31 -0.57
C MET C 522 -5.01 -34.90 -1.78
N ILE C 523 -5.66 -33.76 -1.67
CA ILE C 523 -6.48 -33.27 -2.79
C ILE C 523 -5.80 -32.09 -3.54
N PRO C 524 -5.93 -32.05 -4.89
CA PRO C 524 -5.24 -31.03 -5.68
C PRO C 524 -6.01 -29.68 -5.65
N GLY C 525 -5.37 -28.61 -6.08
CA GLY C 525 -6.04 -27.32 -6.22
C GLY C 525 -4.96 -26.34 -6.80
N GLY C 526 -5.38 -25.18 -7.25
CA GLY C 526 -4.50 -24.21 -7.86
C GLY C 526 -3.53 -23.67 -6.82
N ALA C 527 -2.41 -23.19 -7.29
CA ALA C 527 -1.41 -22.65 -6.43
C ALA C 527 -0.66 -21.45 -7.05
N SER C 528 -1.22 -20.82 -8.10
CA SER C 528 -0.66 -19.61 -8.72
C SER C 528 -1.78 -18.62 -8.94
N PRO C 529 -1.43 -17.33 -9.16
CA PRO C 529 -2.38 -16.31 -9.62
C PRO C 529 -2.61 -16.53 -11.10
N THR C 530 -3.22 -15.56 -11.74
CA THR C 530 -3.53 -15.69 -13.14
C THR C 530 -2.36 -16.29 -13.98
N CYS C 531 -2.67 -17.24 -14.88
CA CYS C 531 -1.63 -17.77 -15.80
C CYS C 531 -2.02 -17.38 -17.24
N GLY C 532 -2.71 -16.27 -17.35
CA GLY C 532 -3.22 -15.85 -18.65
C GLY C 532 -3.34 -14.34 -18.74
N THR C 533 -2.22 -13.67 -18.54
CA THR C 533 -2.12 -12.24 -18.24
C THR C 533 -0.67 -11.89 -18.52
N GLY C 534 -0.51 -10.67 -19.03
CA GLY C 534 0.80 -10.14 -19.34
C GLY C 534 0.75 -9.42 -20.68
N VAL C 535 1.54 -9.87 -21.65
CA VAL C 535 1.42 -9.30 -23.01
C VAL C 535 0.30 -10.08 -23.72
N HIS C 536 -0.90 -9.46 -23.92
CA HIS C 536 -2.00 -10.16 -24.54
C HIS C 536 -1.87 -10.28 -26.08
N PHE C 537 -2.63 -11.24 -26.63
CA PHE C 537 -2.58 -11.63 -28.03
C PHE C 537 -1.98 -10.62 -28.98
N ILE C 538 -0.82 -10.97 -29.48
CA ILE C 538 -0.11 -10.22 -30.52
C ILE C 538 -0.41 -10.91 -31.87
N GLY C 539 -1.05 -10.19 -32.77
CA GLY C 539 -1.36 -10.69 -34.10
C GLY C 539 -0.11 -10.68 -34.92
N MET C 540 0.62 -11.80 -34.91
CA MET C 540 1.90 -11.88 -35.58
C MET C 540 1.82 -11.62 -37.10
N PRO C 541 0.79 -12.15 -37.78
CA PRO C 541 0.74 -11.84 -39.22
C PRO C 541 0.56 -10.37 -39.42
N LYS C 542 -0.03 -9.66 -38.47
CA LYS C 542 -0.22 -8.23 -38.65
C LYS C 542 1.10 -7.47 -38.44
N VAL C 543 1.96 -7.96 -37.56
CA VAL C 543 3.30 -7.42 -37.42
C VAL C 543 4.13 -7.71 -38.66
N LEU C 544 3.89 -8.84 -39.30
CA LEU C 544 4.57 -9.20 -40.54
C LEU C 544 4.10 -8.22 -41.64
N GLU C 545 2.81 -7.94 -41.64
CA GLU C 545 2.24 -7.05 -42.66
C GLU C 545 2.97 -5.70 -42.57
N LEU C 546 3.01 -5.15 -41.36
CA LEU C 546 3.67 -3.88 -41.11
C LEU C 546 5.20 -3.89 -41.33
N VAL C 547 5.85 -5.05 -41.27
CA VAL C 547 7.20 -5.10 -41.78
C VAL C 547 7.16 -4.77 -43.27
N LEU C 548 6.24 -5.40 -44.00
CA LEU C 548 6.22 -5.26 -45.47
C LEU C 548 5.74 -3.86 -45.87
N THR C 549 4.95 -3.22 -45.01
CA THR C 549 4.41 -1.89 -45.30
C THR C 549 5.13 -0.80 -44.49
N ASN C 550 6.35 -1.10 -44.04
CA ASN C 550 7.23 -0.07 -43.48
C ASN C 550 6.60 0.67 -42.30
N GLY C 551 5.80 -0.05 -41.53
CA GLY C 551 5.31 0.43 -40.25
C GLY C 551 3.95 1.10 -40.42
N LEU C 552 3.56 1.31 -41.67
CA LEU C 552 2.26 1.91 -42.00
C LEU C 552 1.13 0.87 -42.01
N ASP C 553 0.11 1.07 -41.19
CA ASP C 553 -1.08 0.23 -41.24
C ASP C 553 -1.92 0.66 -42.42
N LYS C 554 -1.84 -0.10 -43.51
CA LYS C 554 -2.53 0.22 -44.75
C LYS C 554 -4.04 0.08 -44.60
N ARG C 555 -4.49 -0.63 -43.58
CA ARG C 555 -5.91 -0.79 -43.40
C ARG C 555 -6.51 0.51 -42.93
N THR C 556 -5.77 1.28 -42.13
CA THR C 556 -6.31 2.45 -41.43
C THR C 556 -5.66 3.76 -41.84
N GLY C 557 -4.49 3.66 -42.47
CA GLY C 557 -3.73 4.85 -42.85
C GLY C 557 -2.87 5.41 -41.73
N LYS C 558 -2.79 4.67 -40.63
CA LYS C 558 -2.03 5.13 -39.48
C LYS C 558 -0.68 4.44 -39.40
N GLN C 559 0.34 5.27 -39.20
CA GLN C 559 1.70 4.80 -38.98
C GLN C 559 1.81 4.23 -37.58
N VAL C 560 1.96 2.92 -37.48
CA VAL C 560 1.95 2.26 -36.19
C VAL C 560 3.35 2.12 -35.59
N TYR C 561 4.33 1.63 -36.36
CA TYR C 561 5.72 1.59 -35.92
C TYR C 561 6.55 2.64 -36.63
N PRO C 562 7.64 3.10 -35.99
CA PRO C 562 8.54 3.92 -36.82
C PRO C 562 8.90 3.15 -38.08
N PRO C 563 8.90 3.83 -39.23
CA PRO C 563 9.27 3.14 -40.46
C PRO C 563 10.68 2.59 -40.32
N HIS C 564 10.89 1.33 -40.68
CA HIS C 564 12.24 0.79 -40.57
C HIS C 564 13.15 1.19 -41.76
N ASN C 565 12.56 1.46 -42.92
CA ASN C 565 13.35 1.85 -44.09
C ASN C 565 14.61 0.98 -44.31
N LYS C 566 14.46 -0.32 -44.09
CA LYS C 566 15.47 -1.30 -44.52
C LYS C 566 14.93 -1.91 -45.80
N LYS C 567 15.76 -2.03 -46.83
CA LYS C 567 15.28 -2.69 -48.02
C LYS C 567 15.11 -4.17 -47.69
N LEU C 568 13.98 -4.77 -48.04
CA LEU C 568 13.74 -6.19 -47.74
C LEU C 568 14.43 -7.09 -48.78
N ASP C 569 15.74 -7.14 -48.65
CA ASP C 569 16.65 -7.68 -49.64
C ASP C 569 16.85 -9.19 -49.49
N SER C 570 16.50 -9.75 -48.34
CA SER C 570 16.73 -11.16 -48.13
C SER C 570 15.75 -11.67 -47.10
N TYR C 571 15.44 -12.96 -47.17
CA TYR C 571 14.56 -13.56 -46.18
C TYR C 571 14.94 -13.14 -44.76
N GLU C 572 16.24 -13.15 -44.49
CA GLU C 572 16.75 -12.95 -43.14
C GLU C 572 16.55 -11.52 -42.74
N THR C 573 16.79 -10.59 -43.64
CA THR C 573 16.52 -9.21 -43.30
C THR C 573 15.04 -9.05 -42.96
N MET C 574 14.15 -9.69 -43.71
CA MET C 574 12.73 -9.53 -43.45
C MET C 574 12.37 -10.14 -42.07
N VAL C 575 12.82 -11.35 -41.83
CA VAL C 575 12.53 -11.98 -40.54
C VAL C 575 13.14 -11.13 -39.44
N ASN C 576 14.33 -10.55 -39.65
CA ASN C 576 14.93 -9.80 -38.54
C ASN C 576 14.14 -8.54 -38.25
N GLN C 577 13.58 -7.95 -39.30
CA GLN C 577 12.74 -6.79 -39.08
C GLN C 577 11.46 -7.20 -38.36
N TRP C 578 10.90 -8.36 -38.70
CA TRP C 578 9.75 -8.87 -37.93
C TRP C 578 10.11 -8.99 -36.43
N LYS C 579 11.28 -9.50 -36.14
CA LYS C 579 11.67 -9.75 -34.76
C LYS C 579 11.82 -8.44 -34.00
N GLU C 580 12.46 -7.51 -34.67
CA GLU C 580 12.59 -6.19 -34.12
C GLU C 580 11.24 -5.63 -33.74
N TYR C 581 10.28 -5.60 -34.68
CA TYR C 581 8.95 -5.06 -34.34
C TYR C 581 8.28 -5.92 -33.25
N MET C 582 8.48 -7.26 -33.24
CA MET C 582 7.89 -8.11 -32.16
C MET C 582 8.48 -7.73 -30.78
N GLU C 583 9.78 -7.48 -30.74
CA GLU C 583 10.48 -7.17 -29.51
C GLU C 583 10.10 -5.75 -29.00
N LEU C 584 10.02 -4.78 -29.89
CA LEU C 584 9.55 -3.48 -29.48
C LEU C 584 8.11 -3.57 -28.96
N THR C 585 7.31 -4.42 -29.59
CA THR C 585 5.89 -4.46 -29.32
C THR C 585 5.75 -5.11 -27.94
N THR C 586 6.52 -6.16 -27.73
CA THR C 586 6.48 -6.90 -26.48
C THR C 586 7.03 -6.02 -25.32
N ASP C 587 8.13 -5.30 -25.56
CA ASP C 587 8.68 -4.41 -24.54
C ASP C 587 7.63 -3.36 -24.11
N VAL C 588 7.08 -2.60 -25.05
CA VAL C 588 6.23 -1.49 -24.59
C VAL C 588 4.90 -2.02 -24.05
N VAL C 589 4.44 -3.17 -24.52
CA VAL C 589 3.18 -3.70 -24.00
C VAL C 589 3.39 -4.23 -22.59
N ASN C 590 4.49 -4.96 -22.41
CA ASN C 590 4.85 -5.54 -21.15
C ASN C 590 5.02 -4.54 -20.02
N ARG C 591 5.69 -3.43 -20.29
CA ARG C 591 5.80 -2.38 -19.28
C ARG C 591 4.41 -1.83 -18.92
N CYS C 592 3.58 -1.56 -19.93
CA CYS C 592 2.27 -1.01 -19.57
C CYS C 592 1.42 -2.04 -18.83
N ASN C 593 1.46 -3.33 -19.20
CA ASN C 593 0.60 -4.31 -18.50
C ASN C 593 1.14 -4.65 -17.11
N ASN C 594 2.46 -4.59 -16.97
CA ASN C 594 3.04 -4.67 -15.63
C ASN C 594 2.44 -3.57 -14.78
N ILE C 595 2.41 -2.34 -15.27
CA ILE C 595 1.79 -1.27 -14.46
C ILE C 595 0.28 -1.54 -14.15
N GLN C 596 -0.48 -1.99 -15.14
CA GLN C 596 -1.91 -2.28 -14.93
C GLN C 596 -2.12 -3.29 -13.82
N MET C 597 -1.37 -4.40 -13.89
CA MET C 597 -1.51 -5.50 -12.95
C MET C 597 -0.92 -5.10 -11.62
N ASP C 598 0.13 -4.27 -11.65
CA ASP C 598 0.75 -3.85 -10.40
C ASP C 598 -0.20 -2.98 -9.59
N ILE C 599 -0.81 -2.03 -10.27
CA ILE C 599 -1.85 -1.17 -9.63
C ILE C 599 -2.98 -2.02 -9.11
N TRP C 600 -3.48 -2.93 -9.91
CA TRP C 600 -4.59 -3.80 -9.42
C TRP C 600 -4.17 -4.57 -8.13
N ARG C 601 -2.96 -5.13 -8.14
CA ARG C 601 -2.54 -5.94 -6.99
C ARG C 601 -2.19 -5.11 -5.75
N LYS C 602 -1.86 -3.86 -5.96
CA LYS C 602 -1.62 -2.95 -4.82
C LYS C 602 -2.89 -2.24 -4.28
N TYR C 603 -3.86 -1.93 -5.14
CA TYR C 603 -5.06 -1.18 -4.71
C TYR C 603 -6.37 -1.96 -4.82
N ASN C 604 -6.21 -3.20 -5.27
CA ASN C 604 -7.34 -4.05 -5.65
C ASN C 604 -7.07 -5.55 -5.52
N MET C 605 -6.29 -5.94 -4.49
CA MET C 605 -5.85 -7.32 -4.42
C MET C 605 -7.06 -8.24 -4.11
N PRO C 606 -6.91 -9.53 -4.39
CA PRO C 606 -8.02 -10.47 -4.18
C PRO C 606 -8.25 -10.69 -2.73
N ALA C 607 -9.51 -10.87 -2.37
CA ALA C 607 -9.93 -11.10 -0.99
C ALA C 607 -10.32 -12.58 -0.86
N VAL C 608 -11.25 -13.06 -1.67
CA VAL C 608 -11.69 -14.45 -1.57
C VAL C 608 -10.56 -15.40 -2.04
N ASN C 609 -10.01 -15.10 -3.21
CA ASN C 609 -8.94 -15.89 -3.74
C ASN C 609 -7.63 -15.86 -2.92
N SER C 610 -7.33 -14.72 -2.27
CA SER C 610 -6.26 -14.66 -1.24
C SER C 610 -6.57 -15.50 -0.02
N LEU C 611 -7.85 -15.70 0.30
CA LEU C 611 -8.12 -16.72 1.36
C LEU C 611 -7.79 -18.11 0.85
N LEU C 612 -8.15 -18.38 -0.41
CA LEU C 612 -8.20 -19.76 -0.92
C LEU C 612 -6.84 -20.23 -1.45
N LYS C 613 -6.08 -19.35 -2.07
CA LYS C 613 -4.92 -19.82 -2.77
C LYS C 613 -3.74 -20.15 -1.81
N PRO C 614 -3.23 -21.40 -1.81
CA PRO C 614 -1.95 -21.63 -1.12
C PRO C 614 -0.85 -20.88 -1.83
N ASP C 615 0.04 -20.23 -1.08
CA ASP C 615 0.20 -20.40 0.37
C ASP C 615 -0.07 -19.11 1.08
N CYS C 616 -1.10 -18.39 0.64
CA CYS C 616 -1.38 -17.10 1.25
C CYS C 616 -1.55 -17.28 2.73
N PHE C 617 -2.40 -18.19 3.09
CA PHE C 617 -2.76 -18.20 4.49
C PHE C 617 -1.62 -18.62 5.41
N LYS C 618 -0.79 -19.57 4.96
CA LYS C 618 0.34 -19.99 5.74
C LYS C 618 1.31 -18.80 5.89
N LYS C 619 1.57 -18.09 4.80
CA LYS C 619 2.54 -17.03 4.86
C LYS C 619 2.00 -15.67 5.39
N GLY C 620 0.69 -15.52 5.45
CA GLY C 620 0.08 -14.24 5.84
C GLY C 620 0.32 -13.18 4.78
N LYS C 621 0.21 -13.58 3.51
CA LYS C 621 0.49 -12.72 2.39
C LYS C 621 -0.65 -12.97 1.44
N HIS C 622 -1.12 -11.92 0.80
CA HIS C 622 -2.19 -12.13 -0.17
C HIS C 622 -1.57 -12.30 -1.58
N ILE C 623 -2.42 -12.50 -2.58
CA ILE C 623 -1.98 -12.79 -3.92
C ILE C 623 -1.15 -11.66 -4.49
N GLY C 624 -1.47 -10.41 -4.19
CA GLY C 624 -0.66 -9.27 -4.67
C GLY C 624 0.79 -9.24 -4.09
N THR C 625 0.97 -9.77 -2.89
CA THR C 625 2.29 -9.85 -2.30
C THR C 625 2.91 -11.24 -2.37
N MET C 626 2.59 -11.98 -3.41
CA MET C 626 3.25 -13.27 -3.66
C MET C 626 2.95 -14.32 -2.62
N GLY C 627 1.76 -14.21 -2.06
CA GLY C 627 1.33 -15.29 -1.20
C GLY C 627 1.16 -16.61 -1.95
N ALA C 628 0.79 -16.57 -3.26
CA ALA C 628 0.53 -17.83 -3.98
C ALA C 628 1.89 -18.55 -3.94
N ARG C 629 1.92 -19.88 -4.07
CA ARG C 629 3.19 -20.61 -4.02
C ARG C 629 4.01 -20.39 -5.29
N TYR C 630 3.32 -20.21 -6.40
CA TYR C 630 4.03 -20.11 -7.67
C TYR C 630 3.56 -18.86 -8.37
N ASN C 631 4.50 -17.99 -8.72
CA ASN C 631 4.19 -16.71 -9.25
C ASN C 631 4.92 -16.44 -10.58
N SER C 632 5.68 -17.42 -11.12
CA SER C 632 6.19 -17.23 -12.54
C SER C 632 5.07 -17.47 -13.65
N CYS C 633 3.95 -16.77 -13.52
CA CYS C 633 2.69 -17.16 -14.20
C CYS C 633 2.35 -16.22 -15.31
N ILE C 634 2.96 -15.04 -15.28
CA ILE C 634 2.70 -14.01 -16.33
C ILE C 634 3.37 -14.42 -17.61
N ASN C 635 2.76 -14.13 -18.75
CA ASN C 635 3.21 -14.68 -19.97
C ASN C 635 2.99 -13.70 -21.17
N PHE C 636 3.38 -14.15 -22.34
CA PHE C 636 3.22 -13.49 -23.59
C PHE C 636 2.37 -14.40 -24.48
N GLU C 637 1.28 -13.86 -25.04
CA GLU C 637 0.33 -14.60 -25.88
C GLU C 637 0.54 -14.25 -27.34
N SER C 638 0.82 -15.29 -28.11
CA SER C 638 0.80 -15.15 -29.56
C SER C 638 -0.63 -15.35 -30.10
N CYS C 639 -0.82 -14.96 -31.35
CA CYS C 639 -2.03 -15.27 -32.11
C CYS C 639 -1.71 -15.31 -33.61
N GLY C 640 -2.32 -16.24 -34.35
CA GLY C 640 -2.11 -16.34 -35.78
C GLY C 640 -0.79 -17.02 -36.15
N THR C 641 -0.30 -17.90 -35.29
CA THR C 641 1.00 -18.54 -35.55
C THR C 641 1.08 -19.25 -36.90
N ILE C 642 0.04 -19.98 -37.28
CA ILE C 642 0.11 -20.74 -38.52
C ILE C 642 -0.06 -19.89 -39.77
N THR C 643 -1.04 -18.99 -39.79
CA THR C 643 -1.09 -17.99 -40.84
C THR C 643 0.30 -17.32 -41.01
N PHE C 644 0.94 -16.99 -39.89
CA PHE C 644 2.23 -16.29 -39.90
C PHE C 644 3.32 -17.20 -40.49
N VAL C 645 3.44 -18.44 -39.99
CA VAL C 645 4.43 -19.40 -40.51
C VAL C 645 4.19 -19.68 -42.01
N ASN C 646 2.93 -19.85 -42.40
CA ASN C 646 2.58 -20.12 -43.80
C ASN C 646 2.95 -18.94 -44.72
N SER C 647 2.71 -17.74 -44.21
CA SER C 647 3.10 -16.51 -44.91
C SER C 647 4.62 -16.39 -45.11
N LEU C 648 5.42 -16.69 -44.09
CA LEU C 648 6.89 -16.67 -44.25
C LEU C 648 7.34 -17.70 -45.25
N SER C 649 6.68 -18.86 -45.24
CA SER C 649 7.01 -19.95 -46.16
C SER C 649 6.71 -19.48 -47.59
N SER C 650 5.57 -18.81 -47.80
CA SER C 650 5.21 -18.30 -49.12
C SER C 650 6.20 -17.27 -49.61
N ILE C 651 6.53 -16.32 -48.74
CA ILE C 651 7.45 -15.27 -49.11
C ILE C 651 8.83 -15.86 -49.38
N LYS C 652 9.29 -16.74 -48.49
CA LYS C 652 10.63 -17.31 -48.63
C LYS C 652 10.74 -18.03 -49.97
N LYS C 653 9.76 -18.88 -50.28
CA LYS C 653 9.82 -19.67 -51.50
C LYS C 653 9.57 -18.80 -52.72
N ASN C 654 8.53 -17.96 -52.68
CA ASN C 654 8.10 -17.28 -53.89
C ASN C 654 8.94 -16.06 -54.23
N VAL C 655 9.49 -15.40 -53.21
CA VAL C 655 10.30 -14.22 -53.42
C VAL C 655 11.79 -14.52 -53.39
N PHE C 656 12.27 -15.13 -52.32
CA PHE C 656 13.69 -15.17 -52.07
C PHE C 656 14.38 -16.42 -52.59
N ASP C 657 13.69 -17.55 -52.55
CA ASP C 657 14.34 -18.80 -52.92
C ASP C 657 14.20 -19.02 -54.40
N ASP C 658 12.98 -18.88 -54.90
CA ASP C 658 12.65 -19.11 -56.30
C ASP C 658 12.81 -17.83 -57.12
N SER C 659 12.82 -16.69 -56.45
CA SER C 659 12.88 -15.40 -57.12
C SER C 659 11.88 -15.27 -58.27
N LYS C 660 10.64 -15.72 -58.05
CA LYS C 660 9.58 -15.72 -59.07
C LYS C 660 8.79 -14.43 -58.98
N PHE C 661 8.76 -13.86 -57.78
CA PHE C 661 8.15 -12.56 -57.56
C PHE C 661 9.05 -11.71 -56.69
N THR C 662 8.94 -10.40 -56.85
CA THR C 662 9.65 -9.47 -56.01
C THR C 662 8.85 -9.23 -54.74
N ILE C 663 9.53 -8.84 -53.67
CA ILE C 663 8.86 -8.47 -52.44
C ILE C 663 7.86 -7.33 -52.74
N GLU C 664 8.18 -6.45 -53.67
CA GLU C 664 7.21 -5.42 -54.04
C GLU C 664 5.95 -6.08 -54.61
N GLU C 665 6.14 -7.07 -55.47
CA GLU C 665 5.03 -7.74 -56.17
C GLU C 665 4.18 -8.45 -55.12
N MET C 666 4.85 -9.15 -54.21
CA MET C 666 4.14 -9.82 -53.12
C MET C 666 3.30 -8.84 -52.26
N THR C 667 3.92 -7.76 -51.79
CA THR C 667 3.24 -6.76 -50.99
C THR C 667 2.07 -6.08 -51.71
N ASP C 668 2.32 -5.54 -52.91
CA ASP C 668 1.27 -4.99 -53.72
C ASP C 668 0.15 -6.03 -53.89
N ALA C 669 0.50 -7.32 -53.95
CA ALA C 669 -0.51 -8.36 -54.13
C ALA C 669 -1.35 -8.51 -52.85
N MET C 670 -0.70 -8.35 -51.72
CA MET C 670 -1.38 -8.45 -50.43
C MET C 670 -2.30 -7.26 -50.24
N LEU C 671 -1.78 -6.08 -50.55
CA LEU C 671 -2.53 -4.85 -50.41
C LEU C 671 -3.77 -4.83 -51.27
N ASN C 672 -3.73 -5.49 -52.42
CA ASN C 672 -4.89 -5.52 -53.31
C ASN C 672 -5.79 -6.74 -53.15
N ASN C 673 -5.55 -7.53 -52.10
CA ASN C 673 -6.38 -8.70 -51.83
C ASN C 673 -6.39 -9.68 -52.99
N PHE C 674 -5.34 -9.67 -53.80
CA PHE C 674 -5.22 -10.59 -54.92
C PHE C 674 -6.35 -10.35 -55.91
N GLY C 675 -6.81 -9.12 -55.94
CA GLY C 675 -7.92 -8.75 -56.79
C GLY C 675 -9.24 -9.37 -56.40
N PHE C 676 -9.39 -9.85 -55.17
CA PHE C 676 -10.71 -10.26 -54.69
C PHE C 676 -11.42 -9.18 -53.84
N LYS C 677 -12.75 -9.29 -53.77
CA LYS C 677 -13.54 -8.50 -52.84
C LYS C 677 -13.12 -8.86 -51.41
N THR C 678 -12.99 -7.87 -50.54
CA THR C 678 -12.63 -8.13 -49.14
C THR C 678 -13.83 -8.57 -48.28
N ALA C 679 -13.54 -9.13 -47.11
CA ALA C 679 -14.57 -9.48 -46.15
C ALA C 679 -15.23 -8.24 -45.57
N TYR C 680 -14.57 -7.07 -45.74
CA TYR C 680 -15.12 -5.79 -45.29
C TYR C 680 -16.38 -5.51 -46.12
N GLU C 681 -16.46 -6.18 -47.28
CA GLU C 681 -17.60 -6.08 -48.19
C GLU C 681 -18.43 -7.38 -48.27
N THR C 682 -17.78 -8.55 -48.29
CA THR C 682 -18.50 -9.83 -48.46
C THR C 682 -19.11 -10.37 -47.18
N GLU C 683 -18.41 -10.16 -46.06
CA GLU C 683 -18.88 -10.63 -44.76
C GLU C 683 -18.81 -12.15 -44.63
N VAL C 684 -17.94 -12.78 -45.42
CA VAL C 684 -17.53 -14.17 -45.19
C VAL C 684 -16.04 -14.15 -44.77
N PHE C 685 -15.73 -14.73 -43.60
CA PHE C 685 -14.40 -14.54 -42.99
C PHE C 685 -13.57 -15.83 -42.97
N SER C 686 -13.89 -16.67 -43.94
CA SER C 686 -13.11 -17.87 -44.20
C SER C 686 -12.80 -17.79 -45.67
N PRO C 687 -11.93 -18.69 -46.15
CA PRO C 687 -11.65 -18.84 -47.59
C PRO C 687 -12.90 -19.27 -48.36
N ASP C 688 -13.88 -19.82 -47.65
CA ASP C 688 -15.07 -20.45 -48.24
C ASP C 688 -15.63 -19.72 -49.47
N PHE C 689 -15.58 -18.39 -49.45
CA PHE C 689 -16.15 -17.61 -50.53
C PHE C 689 -15.18 -16.53 -50.97
N ARG C 690 -15.11 -16.32 -52.28
CA ARG C 690 -14.06 -15.51 -52.87
C ARG C 690 -14.58 -14.85 -54.14
N GLU C 691 -15.27 -13.73 -53.99
CA GLU C 691 -15.88 -13.03 -55.11
C GLU C 691 -14.81 -12.34 -55.96
N SER C 692 -14.45 -12.98 -57.07
CA SER C 692 -13.46 -12.44 -58.01
C SER C 692 -13.93 -11.09 -58.54
N THR C 693 -13.01 -10.15 -58.75
CA THR C 693 -13.37 -8.87 -59.34
C THR C 693 -12.57 -8.58 -60.60
N ASP C 694 -12.51 -7.29 -60.96
CA ASP C 694 -11.73 -6.83 -62.09
C ASP C 694 -10.27 -7.24 -61.94
N LYS C 695 -9.67 -6.93 -60.79
CA LYS C 695 -8.24 -7.12 -60.58
C LYS C 695 -7.83 -8.58 -60.41
N SER C 696 -8.79 -9.50 -60.50
CA SER C 696 -8.54 -10.90 -60.18
C SER C 696 -7.46 -11.57 -61.07
N THR C 697 -7.66 -11.59 -62.38
CA THR C 697 -6.70 -12.30 -63.22
C THR C 697 -5.31 -11.66 -63.16
N LYS C 698 -5.21 -10.36 -62.96
CA LYS C 698 -3.89 -9.76 -62.84
C LYS C 698 -3.09 -10.49 -61.75
N TYR C 699 -3.76 -10.88 -60.67
CA TYR C 699 -3.05 -11.47 -59.56
C TYR C 699 -3.10 -12.99 -59.52
N GLU C 700 -3.71 -13.61 -60.51
CA GLU C 700 -3.98 -15.04 -60.39
C GLU C 700 -2.68 -15.89 -60.31
N LYS C 701 -1.61 -15.50 -60.97
CA LYS C 701 -0.41 -16.32 -60.89
C LYS C 701 0.22 -16.28 -59.46
N ILE C 702 0.38 -15.10 -58.87
CA ILE C 702 1.07 -14.98 -57.60
C ILE C 702 0.18 -15.58 -56.51
N PHE C 703 -1.12 -15.34 -56.62
CA PHE C 703 -2.10 -15.94 -55.72
C PHE C 703 -1.98 -17.47 -55.75
N ALA C 704 -1.92 -18.06 -56.95
CA ALA C 704 -1.72 -19.50 -57.00
C ALA C 704 -0.40 -19.90 -56.32
N ALA C 705 0.68 -19.15 -56.55
CA ALA C 705 1.96 -19.48 -55.88
C ALA C 705 1.86 -19.39 -54.34
N CYS C 706 1.04 -18.46 -53.87
CA CYS C 706 0.91 -18.23 -52.45
C CYS C 706 0.19 -19.39 -51.80
N VAL C 707 -0.92 -19.81 -52.42
CA VAL C 707 -1.73 -20.93 -51.95
C VAL C 707 -0.90 -22.22 -51.97
N ASN C 708 -0.11 -22.34 -53.03
CA ASN C 708 0.59 -23.57 -53.34
C ASN C 708 1.96 -23.69 -52.65
N ALA C 709 2.45 -22.63 -52.01
CA ALA C 709 3.68 -22.70 -51.24
C ALA C 709 3.48 -23.66 -50.07
N PRO C 710 4.57 -24.33 -49.63
CA PRO C 710 4.50 -25.30 -48.53
C PRO C 710 3.79 -24.72 -47.32
N LYS C 711 2.88 -25.50 -46.74
CA LYS C 711 2.05 -25.08 -45.64
C LYS C 711 2.36 -25.99 -44.45
N TYR C 712 2.40 -25.39 -43.27
CA TYR C 712 2.52 -26.13 -42.05
C TYR C 712 1.42 -27.20 -41.98
N GLY C 713 1.76 -28.38 -41.49
CA GLY C 713 0.73 -29.36 -41.17
C GLY C 713 0.54 -30.44 -42.20
N ASN C 714 1.57 -30.60 -43.03
CA ASN C 714 1.64 -31.59 -44.12
C ASN C 714 2.93 -32.41 -44.02
N ALA C 715 3.61 -32.30 -42.87
CA ALA C 715 4.91 -32.91 -42.65
C ALA C 715 5.87 -32.47 -43.76
N ASP C 716 5.72 -31.22 -44.19
CA ASP C 716 6.56 -30.64 -45.23
C ASP C 716 7.69 -29.90 -44.52
N LYS C 717 8.89 -30.45 -44.63
CA LYS C 717 10.07 -29.99 -43.90
C LYS C 717 10.40 -28.53 -44.20
N TYR C 718 9.88 -28.00 -45.29
CA TYR C 718 10.14 -26.62 -45.67
C TYR C 718 9.34 -25.69 -44.79
N ALA C 719 8.03 -25.89 -44.74
CA ALA C 719 7.21 -25.07 -43.86
C ALA C 719 7.59 -25.40 -42.42
N ASP C 720 7.81 -26.69 -42.15
CA ASP C 720 7.95 -27.13 -40.77
C ASP C 720 9.25 -26.62 -40.17
N GLU C 721 10.22 -26.34 -41.03
CA GLU C 721 11.50 -25.91 -40.50
C GLU C 721 11.35 -24.49 -40.01
N ILE C 722 10.59 -23.68 -40.74
CA ILE C 722 10.31 -22.33 -40.32
C ILE C 722 9.55 -22.35 -38.99
N PHE C 723 8.54 -23.19 -38.94
CA PHE C 723 7.78 -23.42 -37.68
C PHE C 723 8.72 -23.75 -36.53
N LYS C 724 9.63 -24.70 -36.72
CA LYS C 724 10.56 -25.06 -35.65
C LYS C 724 11.41 -23.87 -35.21
N ALA C 725 12.04 -23.20 -36.17
CA ALA C 725 12.81 -22.01 -35.90
C ALA C 725 12.01 -20.95 -35.13
N TYR C 726 10.77 -20.72 -35.53
CA TYR C 726 9.96 -19.75 -34.82
C TYR C 726 9.85 -20.12 -33.35
N HIS C 727 9.59 -21.39 -33.08
CA HIS C 727 9.45 -21.80 -31.68
C HIS C 727 10.70 -21.54 -30.81
N TYR C 728 11.90 -21.85 -31.33
CA TYR C 728 13.11 -21.53 -30.58
C TYR C 728 13.31 -20.01 -30.42
N TYR C 729 13.06 -19.25 -31.46
CA TYR C 729 13.09 -17.79 -31.32
C TYR C 729 12.15 -17.25 -30.21
N ILE C 730 10.90 -17.69 -30.22
CA ILE C 730 9.88 -17.04 -29.38
C ILE C 730 10.12 -17.44 -27.93
N TYR C 731 10.76 -18.60 -27.74
CA TYR C 731 11.06 -19.05 -26.38
C TYR C 731 12.13 -18.11 -25.84
N ASP C 732 13.16 -17.92 -26.63
CA ASP C 732 14.28 -17.05 -26.24
C ASP C 732 13.73 -15.58 -26.07
N MET C 733 12.89 -15.15 -26.99
CA MET C 733 12.46 -13.73 -26.93
C MET C 733 11.68 -13.50 -25.61
N THR C 734 10.68 -14.34 -25.39
CA THR C 734 9.81 -14.14 -24.21
C THR C 734 10.59 -14.17 -22.87
N HIS C 735 11.60 -15.04 -22.72
CA HIS C 735 12.23 -15.17 -21.42
C HIS C 735 13.15 -14.00 -21.08
N LYS C 736 13.44 -13.17 -22.05
CA LYS C 736 14.20 -11.97 -21.75
C LYS C 736 13.35 -10.88 -21.02
N PHE C 737 12.02 -10.99 -20.98
CA PHE C 737 11.20 -9.94 -20.38
C PHE C 737 10.85 -10.38 -18.94
N ARG C 738 10.53 -9.43 -18.05
CA ARG C 738 10.17 -9.75 -16.65
C ARG C 738 8.81 -9.21 -16.39
N SER C 739 8.01 -9.96 -15.64
CA SER C 739 6.67 -9.48 -15.27
C SER C 739 6.78 -8.66 -13.94
N TYR C 740 5.68 -8.06 -13.54
CA TYR C 740 5.57 -7.33 -12.29
C TYR C 740 5.94 -8.21 -11.08
N TYR C 741 5.78 -9.51 -11.23
CA TYR C 741 6.26 -10.43 -10.20
C TYR C 741 7.74 -10.76 -10.25
N GLY C 742 8.46 -10.10 -11.18
CA GLY C 742 9.87 -10.26 -11.26
C GLY C 742 10.35 -11.58 -11.82
N LYS C 743 9.49 -12.24 -12.65
CA LYS C 743 9.78 -13.52 -13.26
C LYS C 743 9.82 -13.43 -14.79
N PRO C 744 10.60 -14.30 -15.42
CA PRO C 744 10.67 -14.27 -16.90
C PRO C 744 9.30 -14.57 -17.51
N LEU C 745 8.89 -13.86 -18.56
CA LEU C 745 7.73 -14.27 -19.36
C LEU C 745 7.97 -15.62 -20.10
N TYR C 746 6.90 -16.23 -20.55
CA TYR C 746 6.91 -17.48 -21.33
C TYR C 746 5.80 -17.36 -22.35
N LEU C 747 5.79 -18.25 -23.34
CA LEU C 747 4.72 -18.29 -24.34
C LEU C 747 3.51 -19.10 -23.96
N CYS C 748 2.37 -18.41 -24.03
CA CYS C 748 1.03 -19.03 -24.11
C CYS C 748 0.67 -18.95 -25.61
N GLN C 749 0.29 -20.07 -26.21
CA GLN C 749 -0.13 -20.06 -27.62
C GLN C 749 -1.47 -20.77 -27.83
N ILE C 750 -2.52 -19.97 -27.72
CA ILE C 750 -3.87 -20.37 -28.03
C ILE C 750 -4.44 -19.24 -28.90
N SER C 751 -5.67 -19.43 -29.36
CA SER C 751 -6.37 -18.40 -30.09
C SER C 751 -7.62 -17.92 -29.36
N VAL C 752 -8.26 -18.79 -28.59
CA VAL C 752 -9.65 -18.54 -28.19
C VAL C 752 -10.43 -18.11 -29.44
N SER C 753 -11.20 -17.04 -29.29
CA SER C 753 -11.92 -16.45 -30.44
C SER C 753 -11.09 -15.37 -31.15
N THR C 754 -9.86 -15.15 -30.70
CA THR C 754 -9.10 -13.94 -31.05
C THR C 754 -8.68 -13.88 -32.50
N HIS C 755 -8.53 -15.05 -33.10
CA HIS C 755 -8.25 -15.12 -34.53
C HIS C 755 -9.34 -14.40 -35.35
N GLY C 756 -10.51 -14.21 -34.74
CA GLY C 756 -11.59 -13.44 -35.34
C GLY C 756 -11.25 -11.96 -35.55
N PRO C 757 -11.37 -11.14 -34.50
CA PRO C 757 -11.01 -9.72 -34.54
C PRO C 757 -9.65 -9.44 -35.16
N GLN C 758 -8.62 -10.20 -34.80
CA GLN C 758 -7.30 -9.84 -35.28
C GLN C 758 -7.09 -10.21 -36.75
N GLY C 759 -7.81 -11.24 -37.16
CA GLY C 759 -7.84 -11.60 -38.56
C GLY C 759 -8.52 -10.49 -39.33
N PHE C 760 -9.57 -9.92 -38.74
CA PHE C 760 -10.29 -8.85 -39.38
C PHE C 760 -9.38 -7.67 -39.66
N VAL C 761 -8.44 -7.34 -38.77
CA VAL C 761 -7.74 -6.06 -38.91
C VAL C 761 -6.57 -6.23 -39.82
N THR C 762 -6.35 -7.46 -40.28
CA THR C 762 -5.20 -7.82 -41.11
C THR C 762 -5.59 -7.98 -42.56
N LEU C 763 -4.88 -7.28 -43.43
CA LEU C 763 -5.04 -7.40 -44.86
C LEU C 763 -4.73 -8.82 -45.29
N ALA C 764 -4.86 -9.08 -46.59
CA ALA C 764 -4.59 -10.37 -47.13
C ALA C 764 -3.18 -10.69 -46.77
N THR C 765 -2.91 -11.96 -46.48
CA THR C 765 -1.56 -12.39 -46.14
C THR C 765 -0.92 -13.28 -47.23
N ALA C 766 0.40 -13.40 -47.18
CA ALA C 766 1.13 -14.06 -48.26
C ALA C 766 0.84 -15.55 -48.41
N ASP C 767 0.17 -16.17 -47.46
CA ASP C 767 -0.21 -17.56 -47.64
C ASP C 767 -1.48 -17.71 -48.45
N GLY C 768 -2.07 -16.59 -48.88
CA GLY C 768 -3.27 -16.63 -49.70
C GLY C 768 -4.55 -16.29 -48.99
N ARG C 769 -4.50 -16.30 -47.66
CA ARG C 769 -5.63 -15.87 -46.84
C ARG C 769 -6.02 -14.45 -47.22
N LEU C 770 -7.30 -14.19 -47.48
CA LEU C 770 -7.71 -12.89 -47.95
C LEU C 770 -7.90 -11.90 -46.80
N ALA C 771 -7.98 -10.63 -47.15
CA ALA C 771 -8.10 -9.53 -46.20
C ALA C 771 -9.32 -9.72 -45.31
N GLY C 772 -9.15 -9.43 -44.03
CA GLY C 772 -10.27 -9.37 -43.12
C GLY C 772 -10.77 -10.71 -42.62
N THR C 773 -10.25 -11.80 -43.16
CA THR C 773 -10.71 -13.13 -42.76
C THR C 773 -9.91 -13.59 -41.56
N THR C 774 -10.43 -14.63 -40.90
CA THR C 774 -9.81 -15.11 -39.68
C THR C 774 -8.38 -15.67 -39.90
N TYR C 775 -7.57 -15.52 -38.86
CA TYR C 775 -6.32 -16.23 -38.77
C TYR C 775 -6.62 -17.71 -38.66
N SER C 776 -5.62 -18.56 -38.85
CA SER C 776 -5.78 -19.97 -38.51
C SER C 776 -6.26 -20.00 -37.05
N ASP C 777 -6.96 -21.06 -36.64
CA ASP C 777 -7.35 -21.25 -35.23
C ASP C 777 -6.24 -21.95 -34.46
N GLY C 778 -6.27 -21.86 -33.13
CA GLY C 778 -5.32 -22.54 -32.28
C GLY C 778 -3.88 -22.12 -32.55
N SER C 779 -2.92 -23.00 -32.29
CA SER C 779 -1.56 -22.61 -32.60
C SER C 779 -0.82 -23.72 -33.32
N VAL C 780 -1.32 -24.95 -33.25
CA VAL C 780 -0.71 -26.04 -34.05
C VAL C 780 -1.76 -26.72 -34.96
N SER C 781 -2.91 -26.10 -35.12
CA SER C 781 -3.88 -26.54 -36.12
C SER C 781 -3.36 -26.15 -37.48
N ALA C 782 -3.64 -26.95 -38.49
CA ALA C 782 -3.41 -26.50 -39.86
C ALA C 782 -4.34 -25.35 -40.14
N ALA C 783 -3.86 -24.41 -40.93
CA ALA C 783 -4.72 -23.40 -41.54
C ALA C 783 -5.79 -24.14 -42.35
N ALA C 784 -7.00 -23.59 -42.39
CA ALA C 784 -8.12 -24.25 -43.04
C ALA C 784 -7.89 -24.46 -44.53
N GLY C 785 -8.21 -25.66 -44.99
CA GLY C 785 -8.03 -26.01 -46.39
C GLY C 785 -6.63 -26.44 -46.74
N THR C 786 -5.65 -26.26 -45.85
CA THR C 786 -4.26 -26.43 -46.27
C THR C 786 -3.65 -27.75 -45.85
N ASP C 787 -4.38 -28.51 -45.02
CA ASP C 787 -3.92 -29.83 -44.59
C ASP C 787 -4.38 -30.90 -45.58
N LYS C 788 -3.45 -31.33 -46.42
CA LYS C 788 -3.83 -32.18 -47.54
C LYS C 788 -3.11 -33.51 -47.46
N ASN C 789 -2.46 -33.77 -46.35
CA ASN C 789 -1.80 -35.07 -46.17
C ASN C 789 -2.35 -35.86 -45.00
N GLY C 790 -3.53 -35.51 -44.54
CA GLY C 790 -4.16 -36.29 -43.51
C GLY C 790 -3.77 -35.84 -42.13
N ILE C 791 -4.56 -36.29 -41.15
CA ILE C 791 -4.42 -35.87 -39.77
C ILE C 791 -3.03 -36.18 -39.23
N TYR C 792 -2.49 -37.34 -39.60
CA TYR C 792 -1.19 -37.73 -39.04
C TYR C 792 -0.08 -36.79 -39.47
N ALA C 793 -0.17 -36.24 -40.69
CA ALA C 793 0.85 -35.28 -41.09
C ALA C 793 0.76 -34.03 -40.21
N ILE C 794 -0.45 -33.64 -39.79
CA ILE C 794 -0.57 -32.49 -38.89
C ILE C 794 0.13 -32.79 -37.54
N PHE C 795 -0.11 -33.98 -37.00
CA PHE C 795 0.56 -34.42 -35.77
C PHE C 795 2.07 -34.33 -35.93
N GLU C 796 2.56 -34.74 -37.09
CA GLU C 796 4.00 -34.76 -37.35
C GLU C 796 4.57 -33.34 -37.40
N SER C 797 3.91 -32.45 -38.13
CA SER C 797 4.35 -31.05 -38.22
C SER C 797 4.38 -30.40 -36.84
N ALA C 798 3.30 -30.57 -36.09
CA ALA C 798 3.16 -29.91 -34.80
C ALA C 798 4.25 -30.38 -33.79
N THR C 799 4.77 -31.58 -33.95
CA THR C 799 5.68 -32.11 -32.95
C THR C 799 7.17 -32.13 -33.34
N VAL C 800 7.55 -31.26 -34.25
CA VAL C 800 8.96 -31.12 -34.54
C VAL C 800 9.69 -30.32 -33.47
N TYR C 801 9.00 -29.88 -32.41
CA TYR C 801 9.69 -29.31 -31.22
C TYR C 801 8.93 -29.79 -30.00
N ASP C 802 9.55 -29.62 -28.84
CA ASP C 802 9.06 -30.14 -27.58
C ASP C 802 8.00 -29.19 -27.06
N HIS C 803 6.77 -29.65 -26.97
CA HIS C 803 5.68 -28.74 -26.57
C HIS C 803 5.90 -28.27 -25.16
N SER C 804 6.75 -28.95 -24.39
CA SER C 804 6.91 -28.45 -23.00
C SER C 804 7.85 -27.25 -22.91
N MET C 805 8.53 -26.86 -23.99
CA MET C 805 9.20 -25.56 -24.02
C MET C 805 8.20 -24.43 -23.67
N HIS C 806 6.93 -24.62 -23.98
CA HIS C 806 5.96 -23.56 -23.75
C HIS C 806 4.82 -24.07 -22.86
N GLN C 807 3.93 -23.13 -22.49
CA GLN C 807 2.83 -23.43 -21.60
C GLN C 807 1.89 -24.43 -22.25
N ASN C 808 1.77 -24.38 -23.56
CA ASN C 808 0.78 -25.20 -24.21
C ASN C 808 0.97 -25.15 -25.70
N ALA C 809 0.11 -25.89 -26.40
CA ALA C 809 -0.06 -25.81 -27.83
C ALA C 809 -1.45 -26.41 -28.14
N GLN C 810 -2.21 -25.71 -29.00
CA GLN C 810 -3.63 -25.89 -29.15
C GLN C 810 -3.98 -26.44 -30.55
N MET C 811 -4.56 -27.64 -30.60
CA MET C 811 -5.03 -28.22 -31.88
C MET C 811 -6.52 -28.46 -31.91
N ASN C 812 -7.15 -28.05 -33.02
CA ASN C 812 -8.53 -28.40 -33.32
C ASN C 812 -8.56 -29.32 -34.52
N LEU C 813 -9.39 -30.34 -34.41
CA LEU C 813 -9.59 -31.33 -35.48
C LEU C 813 -11.06 -31.58 -35.59
N LYS C 814 -11.52 -31.81 -36.80
CA LYS C 814 -12.96 -31.95 -37.01
C LYS C 814 -13.22 -33.28 -37.72
N LEU C 815 -14.06 -34.14 -37.13
CA LEU C 815 -14.52 -35.37 -37.78
C LEU C 815 -16.03 -35.38 -38.10
N HIS C 816 -16.38 -35.87 -39.29
CA HIS C 816 -17.77 -36.13 -39.65
C HIS C 816 -18.27 -37.23 -38.72
N PRO C 817 -19.54 -37.16 -38.30
CA PRO C 817 -19.99 -38.19 -37.36
C PRO C 817 -19.80 -39.62 -37.86
N THR C 818 -19.74 -39.82 -39.16
CA THR C 818 -19.66 -41.17 -39.70
C THR C 818 -18.29 -41.77 -39.44
N ALA C 819 -17.32 -40.92 -39.23
CA ALA C 819 -15.95 -41.34 -39.04
C ALA C 819 -15.73 -42.00 -37.69
N VAL C 820 -16.67 -41.87 -36.75
CA VAL C 820 -16.50 -42.49 -35.43
C VAL C 820 -17.68 -43.35 -34.98
N LYS C 821 -18.56 -43.71 -35.89
CA LYS C 821 -19.74 -44.49 -35.52
C LYS C 821 -19.39 -45.77 -34.76
N GLY C 822 -20.12 -46.02 -33.68
CA GLY C 822 -20.01 -47.27 -32.95
C GLY C 822 -18.93 -47.28 -31.90
N ILE C 823 -19.00 -48.25 -31.00
CA ILE C 823 -18.01 -48.32 -29.97
C ILE C 823 -16.65 -48.41 -30.64
N ASN C 824 -16.60 -48.99 -31.85
CA ASN C 824 -15.33 -49.04 -32.56
C ASN C 824 -14.92 -47.65 -33.03
N GLY C 825 -15.88 -46.82 -33.34
CA GLY C 825 -15.60 -45.43 -33.63
C GLY C 825 -15.01 -44.79 -32.39
N THR C 826 -15.64 -45.01 -31.23
CA THR C 826 -15.14 -44.43 -29.99
C THR C 826 -13.70 -44.84 -29.83
N ARG C 827 -13.39 -46.09 -30.11
CA ARG C 827 -12.06 -46.54 -29.82
C ARG C 827 -11.10 -45.98 -30.86
N LYS C 828 -11.60 -45.77 -32.07
CA LYS C 828 -10.73 -45.18 -33.11
C LYS C 828 -10.36 -43.76 -32.71
N LEU C 829 -11.32 -43.07 -32.12
CA LEU C 829 -11.11 -41.71 -31.69
C LEU C 829 -10.05 -41.69 -30.58
N LEU C 830 -10.21 -42.58 -29.60
CA LEU C 830 -9.25 -42.70 -28.51
C LEU C 830 -7.85 -42.96 -29.05
N ASP C 831 -7.76 -43.92 -29.97
CA ASP C 831 -6.49 -44.27 -30.55
C ASP C 831 -5.87 -43.09 -31.30
N LEU C 832 -6.71 -42.22 -31.85
CA LEU C 832 -6.23 -41.01 -32.53
C LEU C 832 -5.58 -40.08 -31.50
N VAL C 833 -6.26 -39.93 -30.36
CA VAL C 833 -5.77 -39.06 -29.30
C VAL C 833 -4.46 -39.63 -28.76
N ARG C 834 -4.41 -40.93 -28.54
CA ARG C 834 -3.20 -41.52 -28.01
C ARG C 834 -2.05 -41.38 -28.97
N ALA C 835 -2.29 -41.52 -30.27
CA ALA C 835 -1.18 -41.43 -31.23
C ALA C 835 -0.53 -40.07 -31.04
N TYR C 836 -1.34 -39.04 -30.97
CA TYR C 836 -0.84 -37.67 -30.82
C TYR C 836 -0.12 -37.40 -29.47
N MET C 837 -0.79 -37.80 -28.38
CA MET C 837 -0.26 -37.65 -27.03
C MET C 837 1.13 -38.29 -26.93
N ARG C 838 1.27 -39.47 -27.49
CA ARG C 838 2.52 -40.23 -27.31
C ARG C 838 3.67 -39.60 -28.08
N LYS C 839 3.37 -38.81 -29.11
CA LYS C 839 4.38 -38.06 -29.81
C LYS C 839 4.79 -36.81 -29.06
N GLY C 840 4.17 -36.57 -27.92
CA GLY C 840 4.45 -35.36 -27.17
C GLY C 840 3.43 -34.23 -27.44
N GLY C 841 2.43 -34.46 -28.29
CA GLY C 841 1.42 -33.45 -28.58
C GLY C 841 0.72 -32.98 -27.29
N PHE C 842 0.59 -31.66 -27.11
CA PHE C 842 0.07 -31.16 -25.86
C PHE C 842 -1.44 -31.32 -25.72
N HIS C 843 -2.15 -31.08 -26.80
CA HIS C 843 -3.59 -30.92 -26.75
C HIS C 843 -4.25 -31.25 -28.10
N VAL C 844 -5.35 -31.96 -28.04
CA VAL C 844 -6.24 -31.98 -29.20
C VAL C 844 -7.72 -31.88 -28.71
N GLN C 845 -8.54 -31.02 -29.34
CA GLN C 845 -9.99 -31.10 -29.20
C GLN C 845 -10.72 -31.34 -30.54
N PHE C 846 -11.81 -32.09 -30.45
CA PHE C 846 -12.60 -32.49 -31.63
C PHE C 846 -13.96 -31.86 -31.74
N ASN C 847 -14.24 -31.36 -32.93
CA ASN C 847 -15.61 -31.22 -33.35
C ASN C 847 -16.02 -32.53 -34.01
N VAL C 848 -17.12 -33.12 -33.58
CA VAL C 848 -17.67 -34.24 -34.34
C VAL C 848 -18.96 -33.72 -34.90
N VAL C 849 -18.89 -33.17 -36.09
CA VAL C 849 -20.03 -32.44 -36.60
C VAL C 849 -20.11 -32.51 -38.11
N ASP C 850 -21.32 -32.72 -38.59
CA ASP C 850 -21.61 -32.53 -39.98
C ASP C 850 -21.53 -31.02 -40.22
N SER C 851 -20.53 -30.56 -40.97
CA SER C 851 -20.36 -29.12 -41.20
C SER C 851 -21.51 -28.64 -42.03
N LYS C 852 -22.18 -29.59 -42.64
CA LYS C 852 -23.38 -29.29 -43.37
C LYS C 852 -24.41 -28.73 -42.40
N THR C 853 -24.54 -29.34 -41.21
CA THR C 853 -25.48 -28.87 -40.16
C THR C 853 -25.15 -27.46 -39.67
N LEU C 854 -23.86 -27.16 -39.58
CA LEU C 854 -23.37 -25.84 -39.16
C LEU C 854 -23.84 -24.76 -40.12
N ARG C 855 -23.56 -24.94 -41.42
CA ARG C 855 -24.05 -24.02 -42.47
C ARG C 855 -25.58 -23.80 -42.33
N ASP C 856 -26.33 -24.88 -42.17
CA ASP C 856 -27.78 -24.82 -41.96
C ASP C 856 -28.20 -23.96 -40.78
N ALA C 857 -27.54 -24.15 -39.65
CA ALA C 857 -27.96 -23.50 -38.41
C ALA C 857 -27.62 -22.02 -38.49
N GLN C 858 -26.66 -21.66 -39.32
CA GLN C 858 -26.32 -20.27 -39.56
C GLN C 858 -27.48 -19.57 -40.31
N LEU C 859 -28.18 -20.33 -41.18
CA LEU C 859 -29.30 -19.82 -41.96
C LEU C 859 -30.64 -19.70 -41.20
N THR C 860 -30.86 -20.57 -40.22
CA THR C 860 -32.08 -20.53 -39.43
C THR C 860 -31.80 -20.90 -37.97
N PRO C 861 -31.06 -20.04 -37.25
CA PRO C 861 -30.66 -20.37 -35.88
C PRO C 861 -31.78 -20.69 -34.88
N GLU C 862 -33.00 -20.17 -35.05
CA GLU C 862 -34.10 -20.49 -34.11
C GLU C 862 -34.31 -22.00 -34.07
N LYS C 863 -34.21 -22.65 -35.22
CA LYS C 863 -34.33 -24.10 -35.32
C LYS C 863 -33.26 -24.87 -34.55
N TYR C 864 -32.12 -24.23 -34.26
CA TYR C 864 -31.05 -24.94 -33.58
C TYR C 864 -30.62 -24.32 -32.24
N ARG C 865 -31.58 -23.80 -31.47
CA ARG C 865 -31.28 -23.16 -30.19
C ARG C 865 -30.27 -23.92 -29.31
N GLU C 866 -30.36 -25.24 -29.28
CA GLU C 866 -29.49 -26.06 -28.42
C GLU C 866 -28.21 -26.52 -29.09
N LEU C 867 -28.06 -26.26 -30.37
CA LEU C 867 -26.89 -26.71 -31.10
C LEU C 867 -25.63 -26.13 -30.44
N MET C 868 -24.65 -26.99 -30.15
CA MET C 868 -23.34 -26.58 -29.61
C MET C 868 -22.20 -26.99 -30.54
N VAL C 869 -21.16 -26.16 -30.64
CA VAL C 869 -19.95 -26.58 -31.32
C VAL C 869 -18.77 -26.11 -30.51
N ARG C 870 -17.64 -26.82 -30.68
CA ARG C 870 -16.38 -26.44 -30.12
C ARG C 870 -15.70 -25.36 -30.98
N VAL C 871 -15.21 -24.30 -30.34
CA VAL C 871 -14.42 -23.32 -31.06
C VAL C 871 -12.95 -23.55 -30.76
N ALA C 872 -12.46 -23.00 -29.66
CA ALA C 872 -11.07 -23.19 -29.28
C ALA C 872 -10.96 -22.98 -27.77
N GLY C 873 -10.97 -24.08 -27.02
CA GLY C 873 -10.86 -24.05 -25.56
C GLY C 873 -12.25 -23.93 -24.93
N PHE C 874 -13.28 -23.81 -25.77
CA PHE C 874 -14.67 -23.77 -25.26
C PHE C 874 -15.69 -24.35 -26.24
N THR C 875 -16.86 -24.72 -25.69
CA THR C 875 -17.99 -25.11 -26.43
C THR C 875 -18.96 -23.93 -26.25
N GLN C 876 -19.69 -23.57 -27.29
CA GLN C 876 -20.65 -22.48 -27.15
C GLN C 876 -21.88 -22.80 -27.99
N TYR C 877 -23.01 -22.23 -27.63
CA TYR C 877 -24.18 -22.43 -28.46
C TYR C 877 -23.96 -21.66 -29.76
N TRP C 878 -24.17 -22.36 -30.87
CA TRP C 878 -23.97 -21.83 -32.20
C TRP C 878 -24.59 -20.45 -32.29
N CYS C 879 -25.82 -20.29 -31.80
CA CYS C 879 -26.56 -19.02 -31.96
C CYS C 879 -25.94 -17.86 -31.18
N GLU C 880 -25.00 -18.16 -30.28
CA GLU C 880 -24.34 -17.10 -29.51
C GLU C 880 -22.93 -16.80 -30.04
N ILE C 881 -22.59 -17.41 -31.16
CA ILE C 881 -21.26 -17.24 -31.71
C ILE C 881 -21.35 -16.26 -32.88
N GLY C 882 -20.45 -15.29 -32.96
CA GLY C 882 -20.46 -14.34 -34.06
C GLY C 882 -20.25 -14.96 -35.45
N LYS C 883 -20.76 -14.32 -36.49
CA LYS C 883 -20.62 -14.89 -37.83
C LYS C 883 -19.15 -15.20 -38.18
N PRO C 884 -18.20 -14.35 -37.70
CA PRO C 884 -16.85 -14.64 -38.18
C PRO C 884 -16.28 -15.95 -37.62
N ILE C 885 -16.54 -16.24 -36.36
CA ILE C 885 -16.04 -17.49 -35.81
C ILE C 885 -16.86 -18.66 -36.37
N GLN C 886 -18.15 -18.47 -36.56
CA GLN C 886 -18.95 -19.50 -37.21
C GLN C 886 -18.34 -19.92 -38.57
N ASP C 887 -18.07 -18.93 -39.43
CA ASP C 887 -17.58 -19.16 -40.78
C ASP C 887 -16.28 -19.94 -40.69
N GLU C 888 -15.41 -19.47 -39.81
CA GLU C 888 -14.14 -20.12 -39.54
C GLU C 888 -14.33 -21.58 -39.15
N VAL C 889 -15.23 -21.84 -38.21
CA VAL C 889 -15.39 -23.20 -37.77
C VAL C 889 -15.98 -24.08 -38.90
N ILE C 890 -17.02 -23.57 -39.56
CA ILE C 890 -17.62 -24.24 -40.73
C ILE C 890 -16.53 -24.68 -41.69
N TYR C 891 -15.57 -23.80 -41.95
CA TYR C 891 -14.56 -24.05 -42.96
C TYR C 891 -13.41 -24.97 -42.51
N ARG C 892 -13.29 -25.29 -41.23
CA ARG C 892 -12.20 -26.18 -40.84
C ARG C 892 -12.26 -27.51 -41.60
N THR C 893 -11.10 -28.08 -41.91
CA THR C 893 -11.08 -29.30 -42.70
C THR C 893 -11.88 -30.38 -42.03
N GLU C 894 -12.68 -31.08 -42.80
CA GLU C 894 -13.49 -32.14 -42.25
C GLU C 894 -12.89 -33.47 -42.60
N TYR C 895 -12.70 -34.29 -41.60
CA TYR C 895 -12.14 -35.59 -41.84
C TYR C 895 -13.24 -36.62 -41.84
N ASP C 896 -13.48 -37.21 -43.01
CA ASP C 896 -14.49 -38.26 -43.21
C ASP C 896 -14.06 -39.61 -42.65
N LYS C 897 -12.76 -39.76 -42.39
CA LYS C 897 -12.24 -40.91 -41.67
C LYS C 897 -10.82 -40.61 -41.17
N MET D 1 -47.49 -3.89 -6.70
CA MET D 1 -48.34 -3.74 -7.92
C MET D 1 -47.81 -4.47 -9.20
N ARG D 2 -46.51 -4.64 -9.36
CA ARG D 2 -46.08 -5.55 -10.42
C ARG D 2 -45.59 -6.79 -9.72
N HIS D 3 -45.51 -7.89 -10.45
CA HIS D 3 -44.80 -9.09 -9.97
C HIS D 3 -43.41 -8.72 -9.47
N TYR D 4 -42.70 -7.95 -10.29
CA TYR D 4 -41.32 -7.62 -10.05
C TYR D 4 -41.16 -6.98 -8.68
N ASP D 5 -42.26 -6.39 -8.18
CA ASP D 5 -42.29 -5.76 -6.88
C ASP D 5 -42.66 -6.73 -5.76
N CYS D 6 -43.01 -7.96 -6.14
CA CYS D 6 -43.56 -8.92 -5.19
C CYS D 6 -42.48 -9.78 -4.58
N LYS D 7 -42.70 -10.16 -3.33
CA LYS D 7 -41.75 -10.94 -2.59
C LYS D 7 -41.65 -12.34 -3.19
N ASN D 8 -42.70 -12.81 -3.86
CA ASN D 8 -42.71 -14.18 -4.38
C ASN D 8 -42.09 -14.31 -5.77
N TYR D 9 -41.60 -13.20 -6.28
CA TYR D 9 -40.96 -13.14 -7.57
C TYR D 9 -39.60 -13.76 -7.46
N ILE D 10 -39.31 -14.64 -8.39
CA ILE D 10 -37.98 -15.21 -8.61
C ILE D 10 -37.39 -14.44 -9.77
N ASN D 11 -36.34 -13.70 -9.51
CA ASN D 11 -35.63 -13.08 -10.61
C ASN D 11 -35.12 -14.08 -11.65
N LEU D 12 -35.28 -13.69 -12.90
CA LEU D 12 -34.69 -14.46 -13.96
C LEU D 12 -33.67 -13.68 -14.79
N ASP D 13 -34.12 -12.55 -15.36
CA ASP D 13 -33.28 -11.76 -16.25
C ASP D 13 -33.83 -10.34 -16.42
N CYS D 14 -33.25 -9.61 -17.37
CA CYS D 14 -33.54 -8.18 -17.52
C CYS D 14 -35.01 -7.90 -17.94
N GLU D 15 -35.73 -8.90 -18.43
CA GLU D 15 -37.08 -8.67 -18.90
C GLU D 15 -38.16 -9.53 -18.21
N LYS D 16 -37.78 -10.55 -17.44
CA LYS D 16 -38.78 -11.54 -16.98
C LYS D 16 -38.35 -12.37 -15.78
N GLY D 17 -39.32 -13.01 -15.14
CA GLY D 17 -39.10 -13.70 -13.88
C GLY D 17 -40.07 -14.87 -13.75
N LEU D 18 -40.06 -15.55 -12.59
CA LEU D 18 -40.98 -16.65 -12.27
C LEU D 18 -41.88 -16.18 -11.14
N CYS D 19 -43.09 -16.71 -11.04
CA CYS D 19 -43.84 -16.47 -9.81
C CYS D 19 -43.61 -17.67 -8.95
N ALA D 20 -43.14 -17.50 -7.73
CA ALA D 20 -42.90 -18.66 -6.88
C ALA D 20 -44.18 -19.48 -6.71
N LEU D 21 -45.33 -18.82 -6.62
CA LEU D 21 -46.59 -19.52 -6.40
C LEU D 21 -47.09 -20.36 -7.57
N THR D 22 -46.91 -19.89 -8.82
CA THR D 22 -47.38 -20.64 -10.00
C THR D 22 -46.25 -21.40 -10.69
N LYS D 23 -45.02 -20.98 -10.42
CA LYS D 23 -43.83 -21.40 -11.18
C LYS D 23 -43.93 -21.05 -12.66
N GLY D 24 -44.91 -20.23 -13.03
CA GLY D 24 -45.02 -19.79 -14.41
C GLY D 24 -44.10 -18.59 -14.65
N MET D 25 -43.73 -18.35 -15.90
CA MET D 25 -42.97 -17.19 -16.26
C MET D 25 -43.87 -15.95 -16.29
N VAL D 26 -43.33 -14.79 -15.89
CA VAL D 26 -44.06 -13.55 -15.85
C VAL D 26 -43.16 -12.37 -16.20
N PRO D 27 -43.73 -11.37 -16.88
CA PRO D 27 -42.88 -10.27 -17.38
C PRO D 27 -42.70 -9.19 -16.33
N ILE D 28 -41.67 -8.37 -16.50
CA ILE D 28 -41.45 -7.20 -15.64
C ILE D 28 -42.33 -6.03 -16.11
N ASP D 29 -42.38 -5.85 -17.43
CA ASP D 29 -43.08 -4.71 -18.05
C ASP D 29 -44.26 -5.19 -18.86
N GLY D 30 -45.14 -4.26 -19.23
CA GLY D 30 -46.14 -4.51 -20.25
C GLY D 30 -47.29 -5.36 -19.77
N GLU D 31 -48.02 -5.92 -20.73
CA GLU D 31 -49.18 -6.73 -20.44
C GLU D 31 -48.82 -7.97 -19.63
N GLY D 32 -49.52 -8.12 -18.51
CA GLY D 32 -49.34 -9.27 -17.65
C GLY D 32 -48.38 -9.06 -16.50
N SER D 33 -47.88 -7.84 -16.34
CA SER D 33 -46.91 -7.56 -15.29
C SER D 33 -47.55 -7.26 -13.93
N GLU D 34 -48.80 -6.82 -13.96
CA GLU D 34 -49.55 -6.41 -12.76
C GLU D 34 -49.61 -7.53 -11.73
N ALA D 35 -49.61 -7.13 -10.45
CA ALA D 35 -49.55 -8.06 -9.35
C ALA D 35 -50.89 -8.72 -9.17
N CYS D 36 -50.94 -9.74 -8.33
CA CYS D 36 -52.18 -10.44 -8.13
C CYS D 36 -52.65 -10.14 -6.72
N PRO D 37 -53.76 -10.77 -6.31
CA PRO D 37 -54.17 -10.62 -4.91
C PRO D 37 -53.12 -11.13 -3.94
N ASN D 38 -52.49 -12.27 -4.24
CA ASN D 38 -51.49 -12.85 -3.34
C ASN D 38 -50.28 -11.94 -3.12
N PHE D 39 -50.16 -10.90 -3.95
CA PHE D 39 -49.04 -9.96 -3.84
C PHE D 39 -48.60 -9.63 -2.41
N LYS D 40 -47.31 -9.78 -2.18
CA LYS D 40 -46.66 -9.38 -0.95
C LYS D 40 -45.37 -8.66 -1.36
N PRO D 41 -45.16 -7.44 -0.82
CA PRO D 41 -44.09 -6.53 -1.25
C PRO D 41 -42.69 -7.09 -1.00
N ALA D 42 -41.84 -7.06 -2.01
CA ALA D 42 -40.43 -7.37 -1.85
C ALA D 42 -39.71 -6.21 -1.13
N GLU D 43 -38.88 -6.54 -0.16
CA GLU D 43 -38.12 -5.54 0.55
C GLU D 43 -37.10 -4.88 -0.39
N LYS D 44 -37.30 -3.61 -0.70
CA LYS D 44 -36.31 -2.89 -1.51
C LYS D 44 -36.04 -1.57 -0.81
N CYS D 45 -34.99 -0.84 -1.17
CA CYS D 45 -34.73 0.42 -0.49
C CYS D 45 -35.90 1.36 -0.68
N GLY D 46 -36.60 1.20 -1.80
CA GLY D 46 -37.72 2.03 -2.17
C GLY D 46 -38.80 2.08 -1.09
N ASN D 47 -39.00 0.98 -0.38
CA ASN D 47 -40.02 0.95 0.68
C ASN D 47 -39.43 0.71 2.06
N CYS D 48 -38.28 1.32 2.29
CA CYS D 48 -37.64 1.23 3.58
C CYS D 48 -37.73 2.52 4.35
N LYS D 49 -37.87 2.41 5.68
CA LYS D 49 -37.99 3.58 6.53
C LYS D 49 -36.77 4.47 6.38
N ASN D 50 -35.63 3.91 6.04
CA ASN D 50 -34.41 4.70 6.01
C ASN D 50 -34.17 5.42 4.68
N PHE D 51 -34.96 5.07 3.67
CA PHE D 51 -34.87 5.68 2.36
C PHE D 51 -35.79 6.92 2.28
N CYS D 52 -35.25 8.02 1.77
CA CYS D 52 -36.03 9.24 1.62
C CYS D 52 -35.47 10.18 0.55
N ASN D 53 -36.34 11.08 0.10
CA ASN D 53 -35.95 12.14 -0.83
C ASN D 53 -35.30 11.62 -2.10
N PRO D 54 -35.91 10.59 -2.72
CA PRO D 54 -35.38 10.10 -4.00
C PRO D 54 -35.66 11.11 -5.09
N ASP D 55 -34.72 11.34 -5.99
CA ASP D 55 -34.91 12.15 -7.18
C ASP D 55 -35.74 11.42 -8.21
N LYS D 56 -35.83 12.00 -9.41
CA LYS D 56 -36.74 11.50 -10.42
C LYS D 56 -36.40 10.09 -10.84
N TYR D 57 -35.13 9.70 -10.72
CA TYR D 57 -34.69 8.37 -11.10
C TYR D 57 -34.61 7.37 -9.97
N GLY D 58 -35.16 7.69 -8.80
CA GLY D 58 -35.10 6.74 -7.69
C GLY D 58 -33.82 6.73 -6.84
N LEU D 59 -32.87 7.60 -7.18
CA LEU D 59 -31.69 7.80 -6.36
C LEU D 59 -32.03 8.72 -5.19
N GLY D 60 -32.08 8.13 -4.00
CA GLY D 60 -32.32 8.83 -2.78
C GLY D 60 -31.21 8.66 -1.75
N THR D 61 -31.55 8.99 -0.52
CA THR D 61 -30.64 8.90 0.58
C THR D 61 -30.97 7.75 1.56
N CYS D 62 -29.97 6.92 1.87
CA CYS D 62 -30.07 5.97 2.98
C CYS D 62 -29.56 6.56 4.30
N THR D 63 -30.45 6.62 5.30
CA THR D 63 -30.13 7.14 6.62
C THR D 63 -30.05 5.99 7.63
N GLY D 64 -30.06 4.76 7.12
CA GLY D 64 -29.82 3.57 7.92
C GLY D 64 -28.37 3.38 8.33
N LEU D 65 -27.65 4.48 8.52
CA LEU D 65 -26.31 4.49 9.13
C LEU D 65 -25.96 5.92 9.62
N GLU D 66 -24.89 6.08 10.40
CA GLU D 66 -24.60 7.40 10.99
C GLU D 66 -24.28 8.43 9.92
N LYS D 67 -23.46 8.03 8.95
CA LYS D 67 -23.29 8.86 7.78
C LYS D 67 -24.30 8.46 6.71
N GLU D 68 -25.07 9.45 6.29
CA GLU D 68 -25.97 9.31 5.18
C GLU D 68 -25.18 8.85 3.99
N ASN D 69 -25.77 7.99 3.19
CA ASN D 69 -25.20 7.67 1.90
C ASN D 69 -26.31 7.65 0.87
N TRP D 70 -25.97 7.42 -0.38
CA TRP D 70 -27.01 7.38 -1.38
C TRP D 70 -27.45 5.93 -1.59
N ALA D 71 -28.66 5.76 -2.08
CA ALA D 71 -29.28 4.49 -2.28
C ALA D 71 -30.19 4.60 -3.49
N TYR D 72 -30.62 3.47 -4.05
CA TYR D 72 -31.42 3.45 -5.23
C TYR D 72 -32.65 2.60 -4.97
N ALA D 73 -33.80 3.18 -5.29
CA ALA D 73 -35.13 2.67 -4.92
C ALA D 73 -35.41 1.19 -5.25
N THR D 74 -34.99 0.73 -6.43
CA THR D 74 -35.16 -0.68 -6.77
C THR D 74 -34.11 -1.63 -6.21
N CYS D 75 -33.18 -1.13 -5.41
CA CYS D 75 -32.17 -1.97 -4.80
C CYS D 75 -32.84 -2.98 -3.88
N GLY D 76 -32.41 -4.25 -3.97
CA GLY D 76 -32.99 -5.32 -3.16
C GLY D 76 -32.57 -5.12 -1.72
N ALA D 77 -33.43 -5.42 -0.75
CA ALA D 77 -33.16 -5.04 0.62
C ALA D 77 -33.35 -6.22 1.55
N SER D 78 -33.73 -7.38 1.01
CA SER D 78 -33.92 -8.56 1.84
C SER D 78 -32.65 -8.93 2.61
N ALA D 79 -31.51 -8.42 2.18
CA ALA D 79 -30.27 -8.76 2.88
C ALA D 79 -29.62 -7.52 3.46
N CYS D 80 -30.40 -6.45 3.65
CA CYS D 80 -29.85 -5.29 4.33
C CYS D 80 -30.17 -5.35 5.81
N PRO D 81 -29.15 -5.17 6.67
CA PRO D 81 -29.43 -5.33 8.10
C PRO D 81 -30.28 -4.22 8.64
N SER D 82 -30.20 -3.03 8.05
CA SER D 82 -30.97 -1.88 8.56
C SER D 82 -32.34 -1.70 7.89
N TYR D 83 -32.67 -2.54 6.92
CA TYR D 83 -34.01 -2.49 6.34
C TYR D 83 -35.15 -2.48 7.39
N LYS D 84 -36.10 -1.57 7.23
CA LYS D 84 -37.34 -1.61 8.01
C LYS D 84 -38.47 -1.14 7.09
N ALA D 85 -39.54 -1.92 6.95
CA ALA D 85 -40.56 -1.58 5.95
C ALA D 85 -41.34 -0.33 6.35
N GLU D 86 -41.57 0.57 5.39
CA GLU D 86 -42.20 1.87 5.65
C GLU D 86 -43.63 1.68 6.09
#